data_2RHS
#
_entry.id   2RHS
#
_cell.length_a   60.714
_cell.length_b   87.861
_cell.length_c   234.036
_cell.angle_alpha   90.000
_cell.angle_beta   90.590
_cell.angle_gamma   90.000
#
_symmetry.space_group_name_H-M   'P 1 21 1'
#
loop_
_entity.id
_entity.type
_entity.pdbx_description
1 polymer 'Phenylalanyl-tRNA synthetase alpha chain'
2 polymer 'Phenylalanyl-tRNA synthetase beta chain'
3 non-polymer 1-{3-[(4-pyridin-2-ylpiperazin-1-yl)sulfonyl]phenyl}-3-(1,3-thiazol-2-yl)urea
4 non-polymer 'SULFATE ION'
5 non-polymer 'ZINC ION'
6 water water
#
loop_
_entity_poly.entity_id
_entity_poly.type
_entity_poly.pdbx_seq_one_letter_code
_entity_poly.pdbx_strand_id
1 'polypeptide(L)'
;MGSSHHHHHHSSGLVPRGSHMGTELMEKLNQQLAEETIDVTLPSRQISIGSKHPLTRTVEEIEDLFLGLGYEIVDGYEVE
QDYYNFEALNLPKSHPARDMQDSFYITDEILMRTHTSPVQARTMEKRNGQGPVKIICPGKVYRRDSDDATHSHQFTQIEG
LVVDKNIKMSDLKGTLELVAKKLFGADREIRLRPSYFPFTEPSVEVDVSCFKCKGKGCNVCKHTGWIEILGAGMVHPNVL
EMAGFDSNEYSGFAFGMGPDRIAMLKYGIEDIRYFYTNDVRFLEQFKAVEDRGE
;
A,C
2 'polypeptide(L)'
;MLISNEWLKDYVDAGVKVEDLAERITRTGIEVDNMIDYSKDIKNLVVGYIQSKEKHPDADKLNICQVDIGEEEPVQIVCG
APNVDAGQHVIVAKVGGRLPGGIKIKRAKLRGERSEGMICSLQEIGISSNVVPKAYENGIFVFPTEVEPGTDALTALYLN
DQVMEFDLTPNRADALSMVGTAYEVAALYQTEMTKPETQSNETSESATNELSVTIDNPEKVPYYSARVVKNVSIEPSPIW
VQARLIKAGIRPINNVVDISNYVLLEYGQPLHMFDQDHIGSKEIVVRQAKDEETMTTLDNNERKLVDTDIVISNGQEPIA
LAGVMGGDFSEVTEQTTNVVIEGAIFDPVSIRHTSRRLNLRSEASSRFEKGIATEFVDEAVDRACYLLQELASGEVLQDR
VSSGDLGSFVTPIDITAEKVNKTIGFNLSNDEIQSIFRQLGFETTLKGETLTVNVPSRRKDITIKEDLIEEVARIYGYDE
IPSSLPVFGEVTSGELTDRQHKTRTLKETLEGAGLNQAITYSLVSKDHAKDFALQERPTISLLMPMSEAHATLRQSLLPH
LIEATAYNVARKNKDVRLYEIGRVFFGNGEGELPDEVEYLSGILTGEYVVNAWQGKKEEIDFFIAKGVVDRVAEKLNLEF
SYKAGKIEGLHPGRTAIVSLGGAGIGFIGELHPQVAADNDLKRTYVFELNYDAMMQVAVGYINYEQIPKFPGVTRDIALE
VNHDVPSSELKQIIHNNGEDILQSTLVFDVYEGEHLEKGKKSVAIRLNYLDTEDTLTDERVSKIHDKILEALQAQGATIR
;
B,D
#
loop_
_chem_comp.id
_chem_comp.type
_chem_comp.name
_chem_comp.formula
GAX non-polymer 1-{3-[(4-pyridin-2-ylpiperazin-1-yl)sulfonyl]phenyl}-3-(1,3-thiazol-2-yl)urea 'C19 H20 N6 O3 S2'
SO4 non-polymer 'SULFATE ION' 'O4 S -2'
ZN non-polymer 'ZINC ION' 'Zn 2'
#
# COMPACT_ATOMS: atom_id res chain seq x y z
N ASN A 30 -31.92 -43.02 3.43
CA ASN A 30 -32.41 -43.95 2.37
C ASN A 30 -33.43 -43.24 1.49
N GLN A 31 -34.56 -42.93 2.11
CA GLN A 31 -35.51 -41.95 1.58
C GLN A 31 -35.19 -40.59 2.16
N GLN A 32 -34.54 -40.58 3.33
CA GLN A 32 -34.08 -39.34 3.94
C GLN A 32 -33.33 -38.47 2.92
N LEU A 33 -32.27 -39.01 2.33
CA LEU A 33 -31.47 -38.26 1.36
C LEU A 33 -32.23 -37.83 0.10
N ALA A 34 -33.25 -38.61 -0.25
CA ALA A 34 -34.02 -38.43 -1.49
C ALA A 34 -35.11 -37.37 -1.28
N GLU A 35 -35.67 -37.39 -0.06
CA GLU A 35 -36.65 -36.39 0.35
C GLU A 35 -36.00 -35.04 0.66
N GLU A 36 -34.70 -35.02 0.91
CA GLU A 36 -34.01 -33.77 1.23
C GLU A 36 -33.15 -33.26 0.08
N THR A 37 -33.35 -33.85 -1.10
CA THR A 37 -32.89 -33.31 -2.36
C THR A 37 -33.35 -31.87 -2.60
N ILE A 38 -32.39 -30.97 -2.82
CA ILE A 38 -32.68 -29.62 -3.27
C ILE A 38 -32.44 -29.35 -4.76
N ASP A 39 -33.04 -28.31 -5.34
CA ASP A 39 -32.61 -27.80 -6.65
C ASP A 39 -31.50 -26.80 -6.39
N VAL A 40 -30.25 -27.24 -6.49
CA VAL A 40 -29.15 -26.34 -6.18
C VAL A 40 -28.94 -25.13 -7.12
N THR A 41 -29.68 -25.12 -8.21
CA THR A 41 -29.72 -24.01 -9.17
C THR A 41 -30.68 -22.88 -8.83
N LEU A 42 -31.45 -23.00 -7.75
CA LEU A 42 -32.46 -22.01 -7.38
C LEU A 42 -31.78 -20.79 -6.75
N PRO A 43 -32.39 -19.59 -6.85
CA PRO A 43 -31.73 -18.39 -6.37
C PRO A 43 -31.08 -18.53 -4.96
N SER A 44 -29.89 -17.96 -4.79
CA SER A 44 -29.17 -18.15 -3.54
C SER A 44 -29.70 -16.98 -2.74
N ARG A 45 -29.47 -17.04 -1.44
CA ARG A 45 -29.92 -15.97 -0.57
C ARG A 45 -28.85 -14.88 -0.57
N GLN A 46 -29.08 -13.82 -1.33
CA GLN A 46 -28.07 -12.81 -1.59
C GLN A 46 -27.73 -12.07 -0.31
N ILE A 47 -26.42 -11.84 -0.14
CA ILE A 47 -25.93 -11.04 0.96
C ILE A 47 -25.31 -9.82 0.29
N SER A 48 -26.06 -8.72 0.24
CA SER A 48 -25.71 -7.75 -0.77
C SER A 48 -24.44 -6.96 -0.39
N ILE A 49 -23.75 -6.42 -1.38
CA ILE A 49 -22.50 -5.66 -1.24
C ILE A 49 -22.84 -4.22 -1.60
N GLY A 50 -22.40 -3.23 -0.83
CA GLY A 50 -22.54 -1.87 -1.29
C GLY A 50 -21.39 -1.58 -2.22
N SER A 51 -21.46 -0.46 -2.93
CA SER A 51 -20.36 0.00 -3.78
C SER A 51 -19.63 1.16 -3.14
N LYS A 52 -18.35 1.29 -3.50
CA LYS A 52 -17.51 2.45 -3.25
C LYS A 52 -17.79 3.41 -4.38
N HIS A 53 -17.99 4.69 -4.09
CA HIS A 53 -18.25 5.65 -5.16
C HIS A 53 -17.09 5.65 -6.18
N PRO A 54 -17.41 5.66 -7.49
CA PRO A 54 -16.31 5.73 -8.45
C PRO A 54 -15.35 6.90 -8.30
N LEU A 55 -15.79 8.01 -7.72
CA LEU A 55 -14.84 9.08 -7.47
C LEU A 55 -13.84 8.66 -6.39
N THR A 56 -14.35 8.02 -5.36
CA THR A 56 -13.55 7.47 -4.27
C THR A 56 -12.59 6.36 -4.71
N ARG A 57 -13.08 5.43 -5.52
CA ARG A 57 -12.16 4.49 -6.14
C ARG A 57 -10.94 5.12 -6.80
N THR A 58 -11.12 6.15 -7.64
CA THR A 58 -10.01 6.75 -8.39
C THR A 58 -9.06 7.44 -7.42
N VAL A 59 -9.64 8.12 -6.45
CA VAL A 59 -8.87 8.70 -5.36
C VAL A 59 -7.96 7.70 -4.65
N GLU A 60 -8.56 6.67 -4.05
CA GLU A 60 -7.81 5.62 -3.34
C GLU A 60 -6.69 5.05 -4.19
N GLU A 61 -6.87 5.01 -5.50
CA GLU A 61 -5.96 4.21 -6.29
C GLU A 61 -4.67 5.03 -6.34
N ILE A 62 -4.88 6.33 -6.33
CA ILE A 62 -3.86 7.33 -6.64
C ILE A 62 -3.09 7.51 -5.35
N GLU A 63 -3.81 7.60 -4.24
CA GLU A 63 -3.23 7.51 -2.90
C GLU A 63 -2.33 6.28 -2.70
N ASP A 64 -2.83 5.11 -3.09
CA ASP A 64 -2.04 3.88 -2.89
C ASP A 64 -0.74 3.94 -3.72
N LEU A 65 -0.82 4.57 -4.89
CA LEU A 65 0.36 4.74 -5.74
C LEU A 65 1.35 5.60 -4.98
N PHE A 66 0.87 6.66 -4.34
CA PHE A 66 1.77 7.64 -3.76
C PHE A 66 2.27 7.26 -2.38
N LEU A 67 1.40 6.63 -1.59
CA LEU A 67 1.87 5.87 -0.43
C LEU A 67 3.13 5.04 -0.65
N GLY A 68 3.20 4.28 -1.74
CA GLY A 68 4.31 3.35 -1.97
C GLY A 68 5.60 4.01 -2.46
N LEU A 69 5.49 5.30 -2.75
CA LEU A 69 6.63 6.18 -3.05
C LEU A 69 6.97 7.02 -1.80
N GLY A 70 6.28 6.84 -0.67
CA GLY A 70 6.66 7.60 0.51
C GLY A 70 5.93 8.90 0.80
N TYR A 71 4.92 9.20 0.00
CA TYR A 71 4.15 10.44 0.18
C TYR A 71 3.23 10.29 1.36
N GLU A 72 2.72 11.44 1.81
CA GLU A 72 1.64 11.54 2.80
C GLU A 72 0.43 12.10 2.11
N ILE A 73 -0.74 11.57 2.47
CA ILE A 73 -1.99 12.12 2.01
C ILE A 73 -2.39 13.11 3.09
N VAL A 74 -2.71 14.33 2.66
CA VAL A 74 -3.01 15.42 3.58
C VAL A 74 -4.43 15.91 3.28
N ASP A 75 -5.14 16.35 4.30
CA ASP A 75 -6.54 16.74 4.15
C ASP A 75 -6.65 18.11 4.84
N GLY A 76 -7.35 19.05 4.22
CA GLY A 76 -7.44 20.39 4.79
C GLY A 76 -8.82 21.00 4.58
N TYR A 77 -8.93 22.30 4.81
CA TYR A 77 -10.22 22.99 4.83
C TYR A 77 -10.80 23.17 3.45
N GLU A 78 -12.13 23.04 3.38
CA GLU A 78 -12.86 23.20 2.13
C GLU A 78 -13.24 24.67 1.94
N VAL A 79 -13.42 25.38 3.05
CA VAL A 79 -13.62 26.81 2.98
C VAL A 79 -12.32 27.48 3.40
N GLU A 80 -11.80 28.40 2.59
CA GLU A 80 -10.41 28.83 2.67
C GLU A 80 -10.35 30.35 2.70
N GLN A 81 -9.22 30.89 3.15
CA GLN A 81 -8.80 32.27 2.94
C GLN A 81 -8.22 32.51 1.55
N ASP A 82 -8.51 33.69 1.01
CA ASP A 82 -7.99 34.06 -0.30
C ASP A 82 -6.47 34.13 -0.34
N TYR A 83 -5.85 34.49 0.78
CA TYR A 83 -4.41 34.24 0.95
C TYR A 83 -3.98 32.83 0.51
N TYR A 84 -4.55 31.81 1.13
CA TYR A 84 -4.12 30.47 0.79
C TYR A 84 -4.59 29.93 -0.56
N ASN A 85 -5.79 30.33 -0.95
CA ASN A 85 -6.39 29.81 -2.17
C ASN A 85 -5.83 30.53 -3.37
N PHE A 86 -5.55 31.83 -3.20
CA PHE A 86 -5.02 32.62 -4.29
C PHE A 86 -3.66 33.20 -4.02
N GLU A 87 -3.57 34.03 -2.98
CA GLU A 87 -2.33 34.79 -2.83
C GLU A 87 -1.11 33.88 -2.78
N ALA A 88 -1.12 32.92 -1.84
CA ALA A 88 0.02 32.00 -1.68
C ALA A 88 0.32 31.16 -2.91
N LEU A 89 -0.55 31.27 -3.91
CA LEU A 89 -0.43 30.47 -5.12
C LEU A 89 0.03 31.30 -6.33
N ASN A 90 0.39 32.55 -6.05
CA ASN A 90 0.91 33.43 -7.07
C ASN A 90 -0.23 33.95 -7.93
N LEU A 91 -1.32 34.38 -7.28
CA LEU A 91 -2.40 35.03 -7.99
C LEU A 91 -2.68 36.23 -7.12
N PRO A 92 -2.07 37.36 -7.50
CA PRO A 92 -2.19 38.59 -6.71
C PRO A 92 -3.60 39.14 -6.81
N LYS A 93 -3.91 40.14 -6.00
CA LYS A 93 -5.19 40.83 -6.05
C LYS A 93 -5.75 41.04 -7.46
N SER A 94 -4.86 41.30 -8.40
CA SER A 94 -5.22 41.78 -9.72
C SER A 94 -5.76 40.68 -10.62
N HIS A 95 -5.62 39.43 -10.20
CA HIS A 95 -5.75 38.33 -11.15
C HIS A 95 -7.17 37.98 -11.57
N PRO A 96 -7.41 37.87 -12.88
CA PRO A 96 -8.62 37.21 -13.37
C PRO A 96 -9.10 35.95 -12.61
N ALA A 97 -8.20 35.13 -12.06
CA ALA A 97 -8.62 33.95 -11.28
C ALA A 97 -9.46 34.26 -10.05
N ARG A 98 -9.19 35.39 -9.40
CA ARG A 98 -9.89 35.76 -8.18
C ARG A 98 -11.21 36.46 -8.42
N ASP A 99 -11.76 36.28 -9.61
CA ASP A 99 -12.95 37.02 -10.01
C ASP A 99 -14.16 36.45 -9.29
N MET A 100 -14.92 37.30 -8.61
CA MET A 100 -16.05 36.88 -7.81
C MET A 100 -17.15 36.13 -8.59
N GLN A 101 -17.18 36.34 -9.90
CA GLN A 101 -18.06 35.68 -10.83
C GLN A 101 -17.74 34.22 -11.10
N ASP A 102 -16.50 33.82 -10.82
CA ASP A 102 -16.01 32.48 -11.14
C ASP A 102 -15.77 31.58 -9.91
N SER A 103 -15.77 32.21 -8.73
CA SER A 103 -15.56 31.47 -7.49
C SER A 103 -16.66 31.80 -6.51
N PHE A 104 -16.85 30.91 -5.55
CA PHE A 104 -17.92 31.02 -4.58
C PHE A 104 -17.45 31.66 -3.29
N TYR A 105 -17.47 32.99 -3.29
CA TYR A 105 -17.14 33.76 -2.12
C TYR A 105 -18.28 33.83 -1.14
N ILE A 106 -17.89 34.15 0.09
CA ILE A 106 -18.73 34.13 1.27
C ILE A 106 -18.48 35.46 1.97
N THR A 107 -17.25 35.93 1.93
CA THR A 107 -16.96 37.34 2.19
C THR A 107 -15.91 37.67 1.14
N ASP A 108 -15.35 38.86 1.21
CA ASP A 108 -14.38 39.25 0.20
C ASP A 108 -13.08 38.48 0.44
N GLU A 109 -12.94 37.96 1.64
CA GLU A 109 -11.72 37.27 2.05
C GLU A 109 -11.83 35.75 2.17
N ILE A 110 -13.07 35.25 2.20
CA ILE A 110 -13.31 33.84 2.42
C ILE A 110 -14.17 33.27 1.30
N LEU A 111 -13.82 32.06 0.84
CA LEU A 111 -14.46 31.45 -0.31
C LEU A 111 -14.40 29.93 -0.20
N MET A 112 -15.30 29.25 -0.93
CA MET A 112 -15.19 27.83 -1.18
C MET A 112 -13.92 27.71 -2.01
N ARG A 113 -12.98 26.87 -1.56
CA ARG A 113 -11.70 26.72 -2.24
C ARG A 113 -11.93 26.20 -3.65
N THR A 114 -11.03 26.53 -4.57
CA THR A 114 -11.26 26.31 -5.99
C THR A 114 -10.37 25.19 -6.49
N HIS A 115 -9.66 24.59 -5.54
CA HIS A 115 -8.62 23.60 -5.80
C HIS A 115 -8.02 23.20 -4.46
N THR A 116 -7.31 22.07 -4.40
CA THR A 116 -6.73 21.69 -3.12
C THR A 116 -5.31 22.26 -2.88
N SER A 117 -4.81 23.08 -3.79
CA SER A 117 -3.59 23.85 -3.51
C SER A 117 -3.48 24.59 -2.18
N PRO A 118 -4.50 25.33 -1.74
CA PRO A 118 -4.30 25.83 -0.37
C PRO A 118 -3.87 24.87 0.74
N VAL A 119 -4.27 23.60 0.71
CA VAL A 119 -3.81 22.64 1.73
C VAL A 119 -2.32 22.38 1.53
N GLN A 120 -1.92 22.30 0.26
CA GLN A 120 -0.51 22.17 -0.07
C GLN A 120 0.35 23.38 0.29
N ALA A 121 -0.22 24.58 0.19
CA ALA A 121 0.44 25.82 0.56
C ALA A 121 0.56 25.96 2.06
N ARG A 122 -0.46 25.48 2.77
CA ARG A 122 -0.47 25.57 4.23
C ARG A 122 0.47 24.51 4.79
N THR A 123 0.58 23.38 4.10
CA THR A 123 1.39 22.30 4.61
C THR A 123 2.83 22.73 4.48
N MET A 124 3.15 23.28 3.31
CA MET A 124 4.46 23.87 3.07
C MET A 124 4.88 24.84 4.16
N GLU A 125 4.14 25.92 4.38
CA GLU A 125 4.50 26.84 5.46
C GLU A 125 4.80 26.22 6.83
N LYS A 126 4.09 25.15 7.19
CA LYS A 126 4.29 24.54 8.50
C LYS A 126 5.62 23.80 8.52
N ARG A 127 6.16 23.44 7.36
CA ARG A 127 7.46 22.79 7.25
C ARG A 127 8.66 23.70 7.52
N ASN A 128 8.45 25.01 7.38
CA ASN A 128 9.37 26.01 7.88
C ASN A 128 10.70 26.01 7.16
N GLY A 129 10.64 25.82 5.85
CA GLY A 129 11.81 25.84 4.99
C GLY A 129 12.53 24.51 4.94
N GLN A 130 11.96 23.47 5.53
CA GLN A 130 12.64 22.19 5.62
C GLN A 130 11.92 21.10 4.82
N GLY A 131 12.58 20.63 3.78
CA GLY A 131 12.01 19.53 3.03
C GLY A 131 12.66 18.22 3.41
N PRO A 132 12.15 17.10 2.86
CA PRO A 132 11.25 17.12 1.72
C PRO A 132 9.78 17.28 2.07
N VAL A 133 9.05 17.97 1.19
CA VAL A 133 7.60 17.82 1.14
C VAL A 133 7.35 16.82 0.02
N LYS A 134 6.46 15.87 0.27
CA LYS A 134 5.93 14.99 -0.76
C LYS A 134 4.54 14.58 -0.26
N ILE A 135 3.58 15.35 -0.74
CA ILE A 135 2.20 15.26 -0.29
C ILE A 135 1.22 15.15 -1.46
N ILE A 136 0.11 14.46 -1.17
CA ILE A 136 -1.03 14.33 -2.06
C ILE A 136 -2.32 14.80 -1.35
N CYS A 137 -3.05 15.68 -2.02
CA CYS A 137 -4.15 16.39 -1.39
CA CYS A 137 -4.15 16.40 -1.39
C CYS A 137 -5.43 16.23 -2.19
N PRO A 138 -6.21 15.18 -1.87
CA PRO A 138 -7.54 14.97 -2.45
C PRO A 138 -8.69 15.73 -1.78
N GLY A 139 -9.76 15.98 -2.52
CA GLY A 139 -10.93 16.63 -1.96
C GLY A 139 -11.80 17.44 -2.91
N LYS A 140 -12.85 18.01 -2.33
CA LYS A 140 -13.94 18.62 -3.10
C LYS A 140 -13.48 20.03 -3.32
N VAL A 141 -13.77 20.54 -4.51
CA VAL A 141 -13.40 21.90 -4.89
C VAL A 141 -14.59 22.48 -5.62
N TYR A 142 -14.66 23.80 -5.64
CA TYR A 142 -15.88 24.50 -6.04
C TYR A 142 -15.55 25.61 -7.02
N ARG A 143 -16.46 25.78 -7.98
CA ARG A 143 -16.32 26.65 -9.14
C ARG A 143 -17.72 27.24 -9.38
N ARG A 144 -17.81 28.57 -9.37
CA ARG A 144 -19.06 29.24 -9.58
C ARG A 144 -19.38 29.22 -11.06
N ASP A 145 -20.24 28.29 -11.42
CA ASP A 145 -20.58 28.02 -12.80
C ASP A 145 -21.92 27.31 -12.73
N SER A 146 -22.65 27.37 -13.84
CA SER A 146 -23.80 26.50 -14.07
C SER A 146 -23.36 25.06 -14.31
N ASP A 147 -24.15 24.14 -13.80
CA ASP A 147 -23.90 22.72 -13.99
C ASP A 147 -24.53 22.27 -15.28
N ASP A 148 -23.83 21.40 -15.99
CA ASP A 148 -24.35 20.68 -17.14
C ASP A 148 -23.61 19.35 -17.15
N ALA A 149 -23.59 18.70 -18.29
CA ALA A 149 -23.15 17.33 -18.40
C ALA A 149 -21.66 17.23 -18.15
N THR A 150 -20.93 18.30 -18.43
CA THR A 150 -19.49 18.32 -18.11
C THR A 150 -19.10 19.32 -17.03
N HIS A 151 -20.03 19.90 -16.28
CA HIS A 151 -19.57 20.87 -15.30
C HIS A 151 -20.47 20.71 -14.11
N SER A 152 -19.83 20.56 -12.96
CA SER A 152 -20.47 20.54 -11.65
C SER A 152 -19.79 21.66 -10.85
N HIS A 153 -20.59 22.46 -10.13
CA HIS A 153 -20.10 23.54 -9.28
C HIS A 153 -19.26 23.03 -8.09
N GLN A 154 -19.44 21.77 -7.71
CA GLN A 154 -18.65 21.03 -6.74
C GLN A 154 -18.08 19.78 -7.41
N PHE A 155 -16.77 19.64 -7.42
CA PHE A 155 -16.25 18.47 -8.07
C PHE A 155 -15.10 18.00 -7.21
N THR A 156 -14.38 16.98 -7.65
CA THR A 156 -13.27 16.50 -6.82
C THR A 156 -11.95 16.86 -7.51
N GLN A 157 -10.89 16.94 -6.73
CA GLN A 157 -9.54 17.12 -7.26
C GLN A 157 -8.53 16.37 -6.39
N ILE A 158 -7.50 15.84 -7.04
CA ILE A 158 -6.27 15.43 -6.39
C ILE A 158 -5.13 16.30 -6.88
N GLU A 159 -4.49 17.03 -5.97
CA GLU A 159 -3.22 17.73 -6.19
C GLU A 159 -2.08 16.98 -5.51
N GLY A 160 -0.87 17.18 -6.00
CA GLY A 160 0.31 16.71 -5.31
C GLY A 160 1.37 17.80 -5.29
N LEU A 161 2.30 17.67 -4.36
CA LEU A 161 3.39 18.60 -4.27
C LEU A 161 4.60 17.80 -3.86
N VAL A 162 5.65 17.89 -4.67
CA VAL A 162 6.98 17.55 -4.21
C VAL A 162 7.90 18.77 -4.12
N VAL A 163 8.42 19.04 -2.93
CA VAL A 163 9.53 19.96 -2.71
C VAL A 163 10.76 19.34 -2.05
N ASP A 164 11.90 19.40 -2.75
CA ASP A 164 13.16 18.85 -2.26
C ASP A 164 14.31 19.56 -2.99
N LYS A 165 15.54 19.29 -2.57
CA LYS A 165 16.67 20.12 -2.94
C LYS A 165 16.96 20.14 -4.43
N ASN A 166 17.17 19.00 -5.08
CA ASN A 166 17.36 19.08 -6.53
C ASN A 166 16.21 18.57 -7.41
N ILE A 167 14.97 18.98 -7.13
CA ILE A 167 13.87 18.52 -7.96
C ILE A 167 14.01 19.18 -9.33
N LYS A 168 13.92 18.35 -10.38
CA LYS A 168 14.01 18.69 -11.78
C LYS A 168 12.79 18.13 -12.51
N MET A 169 12.49 18.70 -13.67
CA MET A 169 11.28 18.48 -14.41
C MET A 169 11.19 17.06 -14.92
N SER A 170 12.34 16.47 -15.17
CA SER A 170 12.40 15.03 -15.50
C SER A 170 11.80 14.19 -14.35
N ASP A 171 11.95 14.67 -13.12
CA ASP A 171 11.42 14.01 -11.92
C ASP A 171 9.90 14.10 -11.96
N LEU A 172 9.42 15.27 -12.38
CA LEU A 172 8.00 15.50 -12.67
C LEU A 172 7.53 14.54 -13.75
N LYS A 173 8.27 14.49 -14.85
CA LYS A 173 7.83 13.68 -15.95
C LYS A 173 7.65 12.24 -15.49
N GLY A 174 8.69 11.65 -14.91
CA GLY A 174 8.62 10.34 -14.28
C GLY A 174 7.41 10.03 -13.42
N THR A 175 7.09 10.92 -12.48
CA THR A 175 5.92 10.77 -11.61
C THR A 175 4.60 10.82 -12.38
N LEU A 176 4.46 11.80 -13.27
CA LEU A 176 3.34 11.85 -14.17
C LEU A 176 3.14 10.59 -15.01
N GLU A 177 4.20 9.93 -15.47
CA GLU A 177 3.98 8.70 -16.22
C GLU A 177 3.49 7.58 -15.34
N LEU A 178 3.93 7.57 -14.09
CA LEU A 178 3.42 6.60 -13.15
C LEU A 178 1.93 6.79 -12.87
N VAL A 179 1.55 8.03 -12.65
CA VAL A 179 0.14 8.36 -12.50
C VAL A 179 -0.70 7.85 -13.67
N ALA A 180 -0.25 8.17 -14.88
CA ALA A 180 -0.99 7.74 -16.05
C ALA A 180 -1.05 6.22 -16.12
N LYS A 181 0.09 5.61 -15.86
CA LYS A 181 0.17 4.16 -15.86
C LYS A 181 -0.80 3.53 -14.85
N LYS A 182 -0.94 4.16 -13.68
CA LYS A 182 -1.83 3.62 -12.68
C LYS A 182 -3.29 3.77 -13.07
N LEU A 183 -3.62 4.89 -13.71
CA LEU A 183 -4.99 5.25 -14.04
C LEU A 183 -5.45 4.45 -15.25
N PHE A 184 -4.64 4.41 -16.29
CA PHE A 184 -5.16 3.96 -17.59
C PHE A 184 -4.33 2.78 -18.10
N GLY A 185 -3.50 2.21 -17.26
CA GLY A 185 -2.63 1.10 -17.70
C GLY A 185 -1.40 1.58 -18.46
N ALA A 186 -0.46 0.68 -18.74
CA ALA A 186 0.92 1.10 -19.01
C ALA A 186 1.19 1.33 -20.49
N ASP A 187 0.31 0.77 -21.32
CA ASP A 187 0.44 0.81 -22.77
C ASP A 187 -0.37 1.99 -23.30
N ARG A 188 -1.11 2.63 -22.39
CA ARG A 188 -1.97 3.72 -22.78
C ARG A 188 -1.05 4.85 -23.24
N GLU A 189 -1.42 5.50 -24.33
CA GLU A 189 -0.49 6.44 -24.93
C GLU A 189 -0.81 7.82 -24.36
N ILE A 190 0.22 8.55 -23.98
CA ILE A 190 0.01 9.85 -23.38
C ILE A 190 0.81 10.91 -24.16
N ARG A 191 0.47 12.17 -23.94
CA ARG A 191 1.02 13.32 -24.63
C ARG A 191 1.29 14.49 -23.69
N LEU A 192 2.52 14.97 -23.70
CA LEU A 192 3.01 16.00 -22.81
C LEU A 192 3.08 17.24 -23.68
N ARG A 193 2.47 18.34 -23.24
CA ARG A 193 2.41 19.60 -23.99
C ARG A 193 2.81 20.76 -23.11
N PRO A 194 3.78 21.57 -23.58
CA PRO A 194 4.11 22.75 -22.80
C PRO A 194 2.86 23.58 -22.57
N SER A 195 2.80 24.28 -21.44
CA SER A 195 1.66 25.12 -21.17
C SER A 195 2.12 26.04 -20.07
N TYR A 196 1.18 26.52 -19.27
CA TYR A 196 1.44 27.69 -18.46
C TYR A 196 0.38 27.76 -17.36
N PHE A 197 0.82 27.90 -16.12
CA PHE A 197 -0.06 28.18 -14.98
C PHE A 197 0.73 29.19 -14.19
N PRO A 198 0.04 30.08 -13.47
CA PRO A 198 0.67 31.07 -12.60
C PRO A 198 1.65 30.55 -11.54
N PHE A 199 1.29 29.42 -10.94
CA PHE A 199 1.95 28.90 -9.76
C PHE A 199 3.09 27.92 -10.13
N THR A 200 3.18 27.55 -11.40
CA THR A 200 4.33 26.78 -11.86
C THR A 200 5.04 27.37 -13.09
N GLU A 201 6.31 26.99 -13.25
CA GLU A 201 7.04 27.31 -14.48
C GLU A 201 8.34 26.58 -14.40
N PRO A 202 8.70 25.86 -15.47
CA PRO A 202 7.86 25.52 -16.61
C PRO A 202 6.63 24.66 -16.29
N SER A 203 5.72 24.49 -17.25
CA SER A 203 4.46 23.83 -16.91
C SER A 203 4.14 22.85 -18.01
N VAL A 204 3.13 22.03 -17.81
CA VAL A 204 2.90 20.89 -18.68
C VAL A 204 1.43 20.52 -18.57
N GLU A 205 0.92 19.94 -19.65
CA GLU A 205 -0.35 19.26 -19.65
C GLU A 205 -0.11 17.88 -20.24
N VAL A 206 -0.87 16.93 -19.70
CA VAL A 206 -0.75 15.58 -20.18
C VAL A 206 -2.10 15.21 -20.76
N ASP A 207 -2.10 14.71 -21.98
CA ASP A 207 -3.29 14.13 -22.57
C ASP A 207 -3.12 12.64 -22.51
N VAL A 208 -4.24 11.94 -22.50
CA VAL A 208 -4.23 10.52 -22.79
C VAL A 208 -4.93 10.29 -24.13
N SER A 209 -4.54 9.24 -24.84
CA SER A 209 -4.94 9.04 -26.23
C SER A 209 -6.44 8.97 -26.41
N TRP A 226 -6.62 12.47 -28.42
CA TRP A 226 -5.97 13.01 -27.22
C TRP A 226 -6.91 13.76 -26.33
N ILE A 227 -6.88 13.44 -25.03
CA ILE A 227 -7.72 14.04 -23.99
C ILE A 227 -6.89 14.45 -22.77
N GLU A 228 -7.03 15.71 -22.34
CA GLU A 228 -6.26 16.23 -21.22
C GLU A 228 -6.68 15.66 -19.87
N ILE A 229 -5.72 15.28 -19.03
CA ILE A 229 -6.07 14.75 -17.71
C ILE A 229 -5.29 15.35 -16.54
N LEU A 230 -4.02 15.70 -16.76
CA LEU A 230 -3.17 16.16 -15.67
C LEU A 230 -2.63 17.50 -16.10
N GLY A 231 -2.58 18.43 -15.15
CA GLY A 231 -1.85 19.67 -15.30
C GLY A 231 -0.76 19.60 -14.27
N ALA A 232 0.38 20.18 -14.57
CA ALA A 232 1.50 20.10 -13.64
C ALA A 232 2.57 21.12 -14.00
N GLY A 233 3.50 21.38 -13.09
CA GLY A 233 4.68 22.17 -13.46
C GLY A 233 5.74 22.12 -12.38
N MET A 234 6.86 22.80 -12.59
CA MET A 234 7.81 23.03 -11.53
C MET A 234 7.28 24.18 -10.71
N VAL A 235 7.26 24.05 -9.40
CA VAL A 235 6.62 25.10 -8.59
C VAL A 235 7.36 26.42 -8.80
N HIS A 236 6.60 27.49 -9.03
CA HIS A 236 7.19 28.80 -9.21
C HIS A 236 7.86 29.25 -7.90
N PRO A 237 9.08 29.79 -8.00
CA PRO A 237 9.81 30.25 -6.83
C PRO A 237 9.09 31.24 -5.93
N ASN A 238 8.23 32.08 -6.50
CA ASN A 238 7.50 33.02 -5.66
C ASN A 238 6.70 32.18 -4.68
N VAL A 239 6.21 31.05 -5.19
CA VAL A 239 5.38 30.12 -4.39
C VAL A 239 6.22 29.45 -3.30
N LEU A 240 7.41 28.93 -3.64
CA LEU A 240 8.38 28.46 -2.63
C LEU A 240 8.70 29.61 -1.68
N GLU A 241 9.08 30.75 -2.25
CA GLU A 241 9.53 31.87 -1.42
C GLU A 241 8.47 32.37 -0.44
N MET A 242 7.22 32.44 -0.90
CA MET A 242 6.11 32.82 -0.02
C MET A 242 5.76 31.87 1.12
N ALA A 243 6.04 30.59 0.95
CA ALA A 243 5.68 29.64 1.99
C ALA A 243 6.92 29.23 2.74
N GLY A 244 8.01 29.96 2.47
CA GLY A 244 9.16 30.07 3.37
C GLY A 244 10.26 29.11 2.98
N PHE A 245 10.21 28.60 1.76
CA PHE A 245 11.35 27.85 1.26
C PHE A 245 12.30 28.78 0.50
N ASP A 246 13.55 28.32 0.41
CA ASP A 246 14.59 29.04 -0.30
C ASP A 246 14.69 28.37 -1.65
N SER A 247 14.33 29.11 -2.69
CA SER A 247 14.14 28.59 -4.04
C SER A 247 15.49 28.45 -4.72
N ASN A 248 16.53 28.99 -4.06
CA ASN A 248 17.91 28.70 -4.42
C ASN A 248 18.40 27.33 -4.00
N GLU A 249 17.81 26.84 -2.91
CA GLU A 249 18.06 25.49 -2.41
C GLU A 249 17.01 24.47 -2.86
N TYR A 250 15.74 24.83 -2.69
CA TYR A 250 14.68 23.87 -2.98
C TYR A 250 14.03 24.15 -4.31
N SER A 251 13.84 23.10 -5.09
CA SER A 251 12.88 23.18 -6.19
C SER A 251 11.64 22.32 -5.88
N GLY A 252 10.62 22.36 -6.72
CA GLY A 252 9.41 21.58 -6.46
C GLY A 252 8.74 21.16 -7.74
N PHE A 253 7.85 20.17 -7.68
CA PHE A 253 6.84 20.02 -8.73
C PHE A 253 5.45 19.73 -8.15
N ALA A 254 4.43 20.13 -8.90
CA ALA A 254 3.06 19.99 -8.45
C ALA A 254 2.24 19.56 -9.65
N PHE A 255 1.02 19.10 -9.39
CA PHE A 255 0.14 18.53 -10.40
C PHE A 255 -1.26 18.56 -9.80
N GLY A 256 -2.26 18.50 -10.68
CA GLY A 256 -3.64 18.34 -10.29
C GLY A 256 -4.22 17.43 -11.37
N MET A 257 -5.25 16.70 -10.98
CA MET A 257 -6.09 16.02 -11.96
C MET A 257 -7.47 15.99 -11.32
N GLY A 258 -8.47 15.60 -12.10
CA GLY A 258 -9.86 15.60 -11.65
C GLY A 258 -10.50 14.25 -11.77
N PRO A 259 -10.70 13.56 -10.65
CA PRO A 259 -11.31 12.24 -10.69
C PRO A 259 -12.69 12.19 -11.40
N ASP A 260 -13.46 13.26 -11.37
CA ASP A 260 -14.78 13.27 -12.03
C ASP A 260 -14.50 13.06 -13.51
N ARG A 261 -13.55 13.81 -14.03
CA ARG A 261 -13.12 13.71 -15.42
C ARG A 261 -12.39 12.43 -15.83
N ILE A 262 -11.36 12.06 -15.09
CA ILE A 262 -10.79 10.72 -15.20
C ILE A 262 -11.84 9.60 -15.24
N ALA A 263 -12.77 9.61 -14.29
CA ALA A 263 -13.77 8.53 -14.28
C ALA A 263 -14.71 8.54 -15.48
N MET A 264 -15.17 9.73 -15.85
CA MET A 264 -16.04 9.87 -17.02
C MET A 264 -15.37 9.29 -18.26
N LEU A 265 -14.16 9.75 -18.53
CA LEU A 265 -13.27 9.20 -19.55
C LEU A 265 -13.03 7.70 -19.46
N LYS A 266 -12.66 7.21 -18.28
CA LYS A 266 -12.38 5.79 -18.14
C LYS A 266 -13.63 4.94 -18.38
N TYR A 267 -14.78 5.35 -17.85
CA TYR A 267 -15.96 4.47 -17.99
C TYR A 267 -16.95 4.85 -19.09
N GLY A 268 -16.78 6.04 -19.67
CA GLY A 268 -17.73 6.63 -20.61
C GLY A 268 -19.00 7.09 -19.91
N ILE A 269 -18.85 7.53 -18.65
CA ILE A 269 -19.92 8.20 -17.93
C ILE A 269 -20.25 9.52 -18.63
N GLU A 270 -21.50 9.64 -19.06
CA GLU A 270 -21.89 10.70 -19.99
C GLU A 270 -22.21 12.05 -19.34
N ASP A 271 -22.41 12.09 -18.03
CA ASP A 271 -22.87 13.30 -17.36
C ASP A 271 -22.27 13.24 -15.96
N ILE A 272 -21.47 14.27 -15.67
CA ILE A 272 -20.76 14.39 -14.41
C ILE A 272 -21.74 14.43 -13.24
N ARG A 273 -23.00 14.75 -13.52
CA ARG A 273 -23.92 14.98 -12.39
C ARG A 273 -24.38 13.66 -11.87
N TYR A 274 -24.27 12.61 -12.68
CA TYR A 274 -24.52 11.25 -12.21
C TYR A 274 -23.75 10.88 -10.95
N PHE A 275 -22.59 11.52 -10.74
CA PHE A 275 -21.75 11.26 -9.61
C PHE A 275 -22.42 11.78 -8.35
N TYR A 276 -23.29 12.79 -8.50
CA TYR A 276 -23.79 13.53 -7.33
C TYR A 276 -25.29 13.38 -7.16
N THR A 277 -25.86 12.54 -8.02
CA THR A 277 -27.27 12.17 -8.01
C THR A 277 -27.58 10.92 -7.20
N ASN A 278 -26.67 9.96 -7.18
CA ASN A 278 -26.76 8.80 -6.26
C ASN A 278 -27.94 7.88 -6.57
N ASP A 279 -28.23 7.74 -7.86
CA ASP A 279 -29.16 6.74 -8.30
C ASP A 279 -28.48 5.41 -8.08
N VAL A 280 -29.18 4.42 -7.55
CA VAL A 280 -28.49 3.21 -7.12
C VAL A 280 -28.16 2.39 -8.36
N ARG A 281 -28.82 2.72 -9.46
CA ARG A 281 -28.57 2.00 -10.68
C ARG A 281 -27.25 2.48 -11.24
N PHE A 282 -26.84 3.68 -10.85
CA PHE A 282 -25.49 4.15 -11.13
C PHE A 282 -24.46 3.44 -10.21
N LEU A 283 -24.57 3.65 -8.91
CA LEU A 283 -23.58 3.22 -7.91
C LEU A 283 -23.29 1.74 -7.87
N GLU A 284 -24.32 0.92 -8.06
CA GLU A 284 -24.18 -0.53 -8.06
C GLU A 284 -23.36 -1.12 -9.21
N GLN A 285 -23.04 -0.32 -10.21
CA GLN A 285 -22.17 -0.77 -11.29
C GLN A 285 -20.70 -0.80 -10.85
N PHE A 286 -20.43 -0.26 -9.68
CA PHE A 286 -19.06 -0.18 -9.15
C PHE A 286 -18.70 -1.06 -7.94
N LYS A 287 -19.45 -2.15 -7.75
CA LYS A 287 -19.15 -3.11 -6.68
C LYS A 287 -17.83 -3.86 -6.78
N ALA A 288 -17.42 -4.27 -7.97
CA ALA A 288 -16.49 -5.39 -8.17
C ALA A 288 -15.05 -4.90 -8.19
N VAL A 289 -14.10 -5.80 -7.95
CA VAL A 289 -12.70 -5.48 -8.24
C VAL A 289 -12.40 -5.25 -9.71
N GLU A 290 -11.26 -4.62 -9.93
CA GLU A 290 -10.71 -4.44 -11.25
C GLU A 290 -9.30 -5.01 -11.33
N ASP A 291 -8.93 -5.58 -12.47
CA ASP A 291 -7.49 -5.73 -12.75
C ASP A 291 -6.96 -4.87 -13.88
N ARG A 292 -5.70 -5.10 -14.22
CA ARG A 292 -5.10 -4.45 -15.37
C ARG A 292 -5.92 -4.94 -16.57
N GLY A 293 -5.82 -6.24 -16.83
CA GLY A 293 -6.65 -6.88 -17.83
C GLY A 293 -5.82 -7.85 -18.64
N GLU A 294 -6.36 -8.22 -19.81
CA GLU A 294 -5.92 -9.44 -20.52
C GLU A 294 -5.02 -9.10 -21.72
N MET B 1 -8.00 32.38 -30.78
CA MET B 1 -7.56 33.19 -31.96
C MET B 1 -7.73 32.35 -33.22
N LEU B 2 -8.26 32.93 -34.30
CA LEU B 2 -8.33 32.22 -35.59
C LEU B 2 -7.21 32.53 -36.59
N ILE B 3 -6.45 31.49 -36.91
CA ILE B 3 -5.30 31.58 -37.79
C ILE B 3 -5.60 30.91 -39.14
N SER B 4 -5.87 31.74 -40.15
CA SER B 4 -5.90 31.27 -41.53
C SER B 4 -4.52 30.83 -41.97
N ASN B 5 -4.49 29.67 -42.60
CA ASN B 5 -3.28 29.00 -43.05
C ASN B 5 -2.73 29.63 -44.34
N GLU B 6 -3.62 29.78 -45.32
CA GLU B 6 -3.47 30.66 -46.46
C GLU B 6 -2.97 32.02 -45.97
N TRP B 7 -3.76 32.71 -45.18
CA TRP B 7 -3.29 34.03 -44.82
C TRP B 7 -1.92 34.00 -44.19
N LEU B 8 -1.67 33.02 -43.34
CA LEU B 8 -0.41 32.94 -42.62
C LEU B 8 0.74 32.75 -43.60
N LYS B 9 0.50 32.06 -44.71
CA LYS B 9 1.58 31.87 -45.69
C LYS B 9 2.18 33.17 -46.22
N ASP B 10 1.50 34.30 -45.99
CA ASP B 10 1.99 35.61 -46.40
C ASP B 10 3.24 35.98 -45.62
N TYR B 11 3.45 35.41 -44.45
CA TYR B 11 4.49 35.88 -43.51
C TYR B 11 5.53 34.79 -43.31
N VAL B 12 5.17 33.54 -43.62
CA VAL B 12 5.98 32.36 -43.28
C VAL B 12 5.39 31.14 -44.00
N ASP B 13 6.23 30.32 -44.63
CA ASP B 13 5.69 29.11 -45.24
C ASP B 13 6.22 27.87 -44.51
N ALA B 14 5.35 27.14 -43.83
CA ALA B 14 5.77 25.91 -43.17
C ALA B 14 6.19 24.83 -44.18
N GLY B 15 5.46 24.73 -45.28
CA GLY B 15 5.80 23.74 -46.30
C GLY B 15 5.33 22.41 -45.74
N VAL B 16 4.04 22.37 -45.44
CA VAL B 16 3.47 21.37 -44.53
C VAL B 16 1.95 21.42 -44.69
N LYS B 17 1.27 20.32 -44.40
CA LYS B 17 -0.19 20.31 -44.49
C LYS B 17 -0.77 20.95 -43.23
N VAL B 18 -1.86 21.71 -43.36
CA VAL B 18 -2.39 22.39 -42.17
C VAL B 18 -2.47 21.45 -40.96
N GLU B 19 -2.86 20.20 -41.19
CA GLU B 19 -3.07 19.25 -40.11
C GLU B 19 -1.79 18.89 -39.35
N ASP B 20 -0.67 18.73 -40.07
CA ASP B 20 0.66 18.66 -39.45
C ASP B 20 1.06 19.94 -38.71
N LEU B 21 0.82 21.10 -39.30
CA LEU B 21 1.24 22.37 -38.71
C LEU B 21 0.68 22.49 -37.32
N ALA B 22 -0.58 22.08 -37.20
CA ALA B 22 -1.38 22.27 -36.01
C ALA B 22 -0.90 21.28 -34.94
N GLU B 23 -0.52 20.07 -35.31
CA GLU B 23 0.03 19.15 -34.31
C GLU B 23 1.26 19.78 -33.72
N ARG B 24 2.14 20.24 -34.61
CA ARG B 24 3.43 20.75 -34.17
C ARG B 24 3.26 21.99 -33.32
N ILE B 25 2.33 22.87 -33.69
CA ILE B 25 2.01 23.96 -32.75
C ILE B 25 1.50 23.47 -31.42
N THR B 26 0.53 22.56 -31.45
CA THR B 26 -0.13 22.05 -30.25
C THR B 26 0.91 21.33 -29.39
N ARG B 27 1.76 20.52 -30.02
CA ARG B 27 2.85 19.87 -29.26
C ARG B 27 3.98 20.76 -28.75
N THR B 28 4.01 22.04 -29.15
CA THR B 28 5.09 22.90 -28.69
C THR B 28 4.61 24.08 -27.86
N GLY B 29 3.30 24.09 -27.59
CA GLY B 29 2.81 24.93 -26.51
C GLY B 29 1.65 25.87 -26.81
N ILE B 30 1.08 25.81 -28.01
CA ILE B 30 -0.11 26.61 -28.25
C ILE B 30 -1.21 25.65 -28.64
N GLU B 31 -2.19 25.47 -27.77
CA GLU B 31 -3.13 24.41 -28.07
C GLU B 31 -4.03 24.78 -29.23
N VAL B 32 -3.87 24.08 -30.34
CA VAL B 32 -4.79 24.18 -31.45
C VAL B 32 -5.97 23.25 -31.18
N ASP B 33 -7.14 23.83 -30.91
CA ASP B 33 -8.21 23.03 -30.36
C ASP B 33 -9.22 22.65 -31.45
N ASN B 34 -9.19 23.37 -32.57
CA ASN B 34 -10.04 23.06 -33.72
C ASN B 34 -9.43 23.40 -35.08
N MET B 35 -9.91 22.76 -36.14
CA MET B 35 -9.54 23.13 -37.49
C MET B 35 -10.79 23.36 -38.32
N ILE B 36 -11.01 24.60 -38.75
CA ILE B 36 -12.16 24.96 -39.60
C ILE B 36 -11.86 24.84 -41.11
N ASP B 37 -12.69 24.07 -41.81
CA ASP B 37 -12.52 23.86 -43.23
C ASP B 37 -13.64 24.48 -44.04
N TYR B 38 -13.32 25.64 -44.61
CA TYR B 38 -14.29 26.42 -45.34
C TYR B 38 -14.56 25.80 -46.71
N SER B 39 -13.83 24.74 -47.04
CA SER B 39 -14.14 23.89 -48.21
C SER B 39 -14.91 22.60 -47.91
N LYS B 40 -15.10 22.30 -46.62
CA LYS B 40 -15.80 21.11 -46.18
C LYS B 40 -17.21 21.01 -46.75
N ASP B 41 -17.49 19.93 -47.48
CA ASP B 41 -18.87 19.77 -47.95
C ASP B 41 -19.17 20.67 -49.13
N ILE B 42 -18.12 21.06 -49.86
CA ILE B 42 -18.33 21.76 -51.13
C ILE B 42 -17.54 21.12 -52.27
N LYS B 43 -18.22 20.82 -53.37
CA LYS B 43 -17.46 20.44 -54.55
C LYS B 43 -18.17 20.94 -55.80
N ASN B 44 -17.47 21.00 -56.93
CA ASN B 44 -18.05 21.56 -58.16
C ASN B 44 -18.72 22.92 -57.97
N LEU B 45 -18.03 23.73 -57.18
CA LEU B 45 -18.34 25.13 -56.98
C LEU B 45 -17.30 25.85 -57.85
N VAL B 46 -17.77 26.60 -58.85
CA VAL B 46 -16.88 27.28 -59.80
C VAL B 46 -17.53 28.62 -60.14
N VAL B 47 -16.69 29.51 -60.68
CA VAL B 47 -17.14 30.78 -61.26
C VAL B 47 -17.96 30.63 -62.52
N GLY B 48 -19.05 31.38 -62.60
CA GLY B 48 -19.77 31.45 -63.85
C GLY B 48 -19.89 32.89 -64.28
N TYR B 49 -19.88 33.13 -65.59
CA TYR B 49 -20.41 34.37 -66.15
C TYR B 49 -21.85 34.16 -66.57
N ILE B 50 -22.73 35.10 -66.22
CA ILE B 50 -24.08 35.07 -66.76
C ILE B 50 -24.19 35.82 -68.09
N GLN B 51 -24.28 35.08 -69.18
CA GLN B 51 -24.53 35.61 -70.52
C GLN B 51 -25.86 36.31 -70.70
N SER B 52 -26.93 35.64 -70.29
CA SER B 52 -28.28 36.07 -70.60
C SER B 52 -29.36 35.48 -69.69
N LYS B 53 -30.54 36.06 -69.78
CA LYS B 53 -31.53 35.94 -68.73
C LYS B 53 -32.88 36.31 -69.33
N GLU B 54 -33.80 35.35 -69.36
CA GLU B 54 -35.21 35.61 -69.72
C GLU B 54 -36.14 34.87 -68.76
N LYS B 55 -37.28 35.48 -68.41
CA LYS B 55 -38.22 34.87 -67.47
C LYS B 55 -38.94 33.64 -68.03
N ASN B 63 -35.53 33.46 -62.91
CA ASN B 63 -35.20 33.73 -64.31
C ASN B 63 -34.55 32.52 -64.96
N ILE B 64 -34.44 32.57 -66.28
CA ILE B 64 -33.68 31.58 -67.03
C ILE B 64 -32.32 32.17 -67.42
N CYS B 65 -31.25 31.56 -66.94
CA CYS B 65 -29.92 32.17 -67.03
C CYS B 65 -28.98 31.27 -67.83
N GLN B 66 -28.37 31.80 -68.89
CA GLN B 66 -27.35 31.02 -69.58
C GLN B 66 -25.98 31.34 -69.01
N VAL B 67 -25.31 30.34 -68.49
CA VAL B 67 -24.11 30.55 -67.69
C VAL B 67 -22.92 29.77 -68.24
N ASP B 68 -21.93 30.52 -68.70
CA ASP B 68 -20.62 29.98 -69.01
C ASP B 68 -19.98 29.53 -67.69
N ILE B 69 -19.93 28.21 -67.47
CA ILE B 69 -19.17 27.67 -66.35
C ILE B 69 -17.81 27.13 -66.75
N GLY B 70 -17.28 27.61 -67.87
CA GLY B 70 -15.93 27.24 -68.29
C GLY B 70 -15.85 25.85 -68.92
N GLU B 71 -17.01 25.24 -69.11
CA GLU B 71 -17.11 24.03 -69.91
C GLU B 71 -17.53 24.40 -71.34
N GLU B 72 -17.47 23.41 -72.22
CA GLU B 72 -17.58 23.63 -73.65
C GLU B 72 -18.90 24.29 -74.05
N GLU B 73 -19.85 24.35 -73.11
CA GLU B 73 -21.07 25.12 -73.35
C GLU B 73 -21.67 25.73 -72.09
N PRO B 74 -22.63 26.64 -72.27
CA PRO B 74 -23.32 27.12 -71.08
C PRO B 74 -24.36 26.13 -70.55
N VAL B 75 -24.56 26.18 -69.24
CA VAL B 75 -25.68 25.50 -68.61
C VAL B 75 -26.82 26.48 -68.43
N GLN B 76 -28.06 25.98 -68.44
CA GLN B 76 -29.22 26.77 -68.07
C GLN B 76 -29.34 26.60 -66.58
N ILE B 77 -29.73 27.67 -65.87
CA ILE B 77 -30.01 27.59 -64.45
C ILE B 77 -31.24 28.43 -64.16
N VAL B 78 -32.13 27.89 -63.33
CA VAL B 78 -33.29 28.66 -62.89
C VAL B 78 -33.03 29.21 -61.48
N CYS B 79 -33.31 30.50 -61.29
CA CYS B 79 -32.85 31.24 -60.12
C CYS B 79 -33.94 32.18 -59.61
N GLY B 80 -34.19 32.14 -58.30
CA GLY B 80 -35.17 33.02 -57.67
C GLY B 80 -34.67 34.30 -57.03
N ALA B 81 -33.38 34.61 -57.22
CA ALA B 81 -32.74 35.75 -56.57
C ALA B 81 -33.05 37.10 -57.23
N PRO B 82 -33.18 38.15 -56.41
CA PRO B 82 -33.64 39.46 -56.87
C PRO B 82 -32.66 40.16 -57.81
N ASN B 83 -31.40 39.73 -57.79
CA ASN B 83 -30.34 40.67 -58.16
C ASN B 83 -29.55 40.09 -59.30
N VAL B 84 -29.99 38.93 -59.77
CA VAL B 84 -29.24 38.15 -60.74
C VAL B 84 -29.53 38.76 -62.09
N ASP B 85 -28.49 38.86 -62.93
CA ASP B 85 -28.62 39.54 -64.21
C ASP B 85 -27.41 39.17 -65.06
N ALA B 86 -27.55 39.29 -66.38
CA ALA B 86 -26.44 38.98 -67.25
C ALA B 86 -25.36 40.04 -67.01
N GLY B 87 -24.10 39.67 -67.21
CA GLY B 87 -23.00 40.58 -66.96
C GLY B 87 -22.28 40.24 -65.67
N GLN B 88 -22.86 39.29 -64.93
CA GLN B 88 -22.42 38.98 -63.58
C GLN B 88 -21.50 37.77 -63.54
N HIS B 89 -20.43 37.89 -62.75
CA HIS B 89 -19.64 36.72 -62.42
C HIS B 89 -20.14 36.19 -61.10
N VAL B 90 -20.69 34.99 -61.15
CA VAL B 90 -21.50 34.46 -60.04
C VAL B 90 -20.78 33.24 -59.47
N ILE B 91 -21.28 32.70 -58.35
CA ILE B 91 -20.89 31.37 -57.89
C ILE B 91 -21.90 30.30 -58.28
N VAL B 92 -21.42 29.27 -58.98
CA VAL B 92 -22.27 28.19 -59.43
C VAL B 92 -21.85 26.89 -58.75
N ALA B 93 -22.78 26.29 -58.00
CA ALA B 93 -22.65 24.87 -57.67
C ALA B 93 -23.17 24.01 -58.83
N LYS B 94 -22.27 23.24 -59.44
CA LYS B 94 -22.54 22.66 -60.75
C LYS B 94 -23.53 21.51 -60.57
N VAL B 95 -23.63 20.64 -61.57
CA VAL B 95 -24.44 19.43 -61.37
C VAL B 95 -23.51 18.32 -60.88
N GLY B 96 -23.96 17.59 -59.88
CA GLY B 96 -23.12 16.62 -59.18
C GLY B 96 -22.25 17.26 -58.11
N GLY B 97 -22.45 18.55 -57.90
CA GLY B 97 -21.75 19.31 -56.88
C GLY B 97 -22.42 19.18 -55.53
N ARG B 98 -21.76 19.72 -54.51
CA ARG B 98 -22.15 19.57 -53.11
C ARG B 98 -22.04 20.92 -52.39
N LEU B 99 -23.10 21.34 -51.70
CA LEU B 99 -22.99 22.39 -50.69
C LEU B 99 -23.07 21.87 -49.25
N PRO B 100 -22.69 22.73 -48.29
CA PRO B 100 -23.02 22.44 -46.89
C PRO B 100 -24.53 22.29 -46.73
N GLY B 101 -24.96 21.44 -45.80
CA GLY B 101 -26.39 21.31 -45.53
C GLY B 101 -27.01 20.12 -46.24
N GLY B 102 -26.22 19.05 -46.37
CA GLY B 102 -26.48 17.92 -47.28
C GLY B 102 -27.02 18.23 -48.66
N ILE B 103 -26.47 19.23 -49.33
CA ILE B 103 -27.08 19.67 -50.58
C ILE B 103 -26.29 19.23 -51.80
N LYS B 104 -26.77 18.18 -52.46
CA LYS B 104 -26.18 17.72 -53.72
C LYS B 104 -27.05 18.04 -54.95
N ILE B 105 -26.42 18.51 -56.03
CA ILE B 105 -27.14 19.16 -57.12
C ILE B 105 -27.33 18.25 -58.33
N LYS B 106 -28.51 18.34 -58.92
CA LYS B 106 -28.98 17.45 -59.98
C LYS B 106 -29.48 18.20 -61.22
N ARG B 107 -29.66 17.48 -62.32
CA ARG B 107 -30.52 17.93 -63.41
C ARG B 107 -31.96 17.95 -62.89
N ALA B 108 -32.73 18.95 -63.29
CA ALA B 108 -33.96 19.30 -62.57
C ALA B 108 -34.88 20.23 -63.36
N LYS B 109 -36.17 19.91 -63.40
CA LYS B 109 -37.17 20.86 -63.89
C LYS B 109 -37.62 21.79 -62.78
N GLU B 113 -38.33 25.47 -67.04
CA GLU B 113 -37.81 24.30 -67.73
C GLU B 113 -36.61 23.75 -66.98
N ARG B 114 -35.55 23.47 -67.74
CA ARG B 114 -34.40 22.73 -67.25
C ARG B 114 -33.47 23.59 -66.39
N SER B 115 -32.63 22.94 -65.60
CA SER B 115 -31.75 23.63 -64.68
C SER B 115 -30.60 22.72 -64.29
N GLU B 116 -29.40 23.11 -64.74
CA GLU B 116 -28.18 22.36 -64.48
C GLU B 116 -27.26 23.17 -63.58
N GLY B 117 -27.71 23.36 -62.35
CA GLY B 117 -26.86 23.86 -61.29
C GLY B 117 -27.57 24.98 -60.56
N MET B 118 -26.84 25.61 -59.64
CA MET B 118 -27.40 26.61 -58.74
C MET B 118 -26.44 27.77 -58.55
N ILE B 119 -26.99 28.97 -58.70
CA ILE B 119 -26.28 30.19 -58.37
C ILE B 119 -26.45 30.47 -56.89
N CYS B 120 -25.32 30.55 -56.19
CA CYS B 120 -25.33 30.70 -54.73
C CYS B 120 -25.23 32.09 -54.13
N SER B 121 -25.96 32.24 -53.02
CA SER B 121 -25.69 33.20 -51.97
C SER B 121 -24.42 32.77 -51.26
N LEU B 122 -23.83 33.68 -50.48
CA LEU B 122 -22.68 33.34 -49.66
C LEU B 122 -23.02 32.44 -48.48
N GLN B 123 -24.22 32.64 -47.97
CA GLN B 123 -24.69 31.83 -46.86
C GLN B 123 -24.95 30.40 -47.32
N GLU B 124 -25.18 30.21 -48.62
CA GLU B 124 -25.39 28.88 -49.16
C GLU B 124 -24.10 28.11 -49.37
N ILE B 125 -22.98 28.82 -49.43
CA ILE B 125 -21.69 28.17 -49.58
C ILE B 125 -21.05 28.13 -48.19
N GLY B 126 -21.87 28.36 -47.18
CA GLY B 126 -21.55 27.97 -45.81
C GLY B 126 -21.00 29.11 -44.99
N ILE B 127 -21.32 30.35 -45.37
CA ILE B 127 -20.86 31.46 -44.55
C ILE B 127 -21.92 31.83 -43.50
N SER B 128 -21.50 31.91 -42.25
CA SER B 128 -22.43 32.21 -41.15
C SER B 128 -22.89 33.65 -41.30
N SER B 129 -24.14 33.90 -40.94
CA SER B 129 -24.74 35.19 -41.26
C SER B 129 -24.24 36.34 -40.39
N ASN B 130 -23.59 36.03 -39.27
CA ASN B 130 -22.92 37.08 -38.51
C ASN B 130 -21.53 37.51 -39.02
N VAL B 131 -21.14 36.97 -40.17
CA VAL B 131 -20.01 37.52 -40.92
C VAL B 131 -20.27 37.83 -42.40
N VAL B 132 -21.47 37.56 -42.92
CA VAL B 132 -21.78 37.93 -44.30
C VAL B 132 -21.79 39.46 -44.40
N PRO B 133 -20.98 40.03 -45.29
CA PRO B 133 -21.05 41.47 -45.51
C PRO B 133 -22.44 41.90 -45.94
N LYS B 134 -22.91 43.03 -45.43
CA LYS B 134 -24.16 43.64 -45.87
C LYS B 134 -24.43 43.67 -47.38
N ALA B 135 -23.39 43.87 -48.19
CA ALA B 135 -23.55 43.90 -49.64
C ALA B 135 -24.06 42.56 -50.17
N TYR B 136 -23.80 41.48 -49.44
CA TYR B 136 -24.17 40.15 -49.92
C TYR B 136 -25.24 39.42 -49.11
N GLU B 137 -25.98 40.12 -48.25
CA GLU B 137 -26.92 39.38 -47.40
C GLU B 137 -28.13 38.91 -48.17
N ASN B 138 -28.65 39.80 -49.01
CA ASN B 138 -29.83 39.50 -49.80
C ASN B 138 -29.42 39.14 -51.22
N GLY B 139 -29.87 37.97 -51.69
CA GLY B 139 -29.57 37.51 -53.04
C GLY B 139 -28.25 36.77 -53.25
N ILE B 140 -28.02 36.38 -54.50
CA ILE B 140 -26.85 35.60 -54.86
C ILE B 140 -25.56 36.44 -54.81
N PHE B 141 -24.42 35.79 -54.67
CA PHE B 141 -23.17 36.54 -54.69
C PHE B 141 -22.73 36.97 -56.09
N VAL B 142 -22.34 38.24 -56.21
CA VAL B 142 -21.77 38.72 -57.45
C VAL B 142 -20.31 39.13 -57.20
N PHE B 143 -19.39 38.54 -57.96
CA PHE B 143 -17.99 38.95 -57.85
C PHE B 143 -17.85 40.41 -58.19
N PRO B 144 -16.99 41.13 -57.47
CA PRO B 144 -16.85 42.56 -57.75
C PRO B 144 -15.98 42.83 -58.98
N THR B 145 -15.17 41.85 -59.37
CA THR B 145 -14.35 41.91 -60.57
C THR B 145 -14.52 40.70 -61.50
N GLU B 146 -14.06 40.85 -62.74
CA GLU B 146 -13.84 39.75 -63.66
C GLU B 146 -13.06 38.57 -63.05
N VAL B 147 -13.72 37.43 -62.93
CA VAL B 147 -13.01 36.18 -62.65
C VAL B 147 -13.31 35.23 -63.78
N GLU B 148 -12.37 34.33 -64.08
CA GLU B 148 -12.54 33.44 -65.22
C GLU B 148 -13.56 32.34 -64.91
N PRO B 149 -14.64 32.28 -65.70
CA PRO B 149 -15.60 31.18 -65.64
C PRO B 149 -14.96 29.78 -65.54
N GLY B 150 -15.42 28.97 -64.60
CA GLY B 150 -14.75 27.70 -64.38
C GLY B 150 -13.69 27.67 -63.31
N THR B 151 -13.09 28.81 -62.95
CA THR B 151 -12.13 28.83 -61.84
C THR B 151 -12.79 28.22 -60.60
N ASP B 152 -11.99 27.60 -59.73
CA ASP B 152 -12.54 27.21 -58.44
C ASP B 152 -13.07 28.44 -57.72
N ALA B 153 -14.34 28.40 -57.33
CA ALA B 153 -15.01 29.53 -56.72
C ALA B 153 -14.48 29.85 -55.32
N LEU B 154 -14.07 28.82 -54.58
CA LEU B 154 -13.57 29.06 -53.23
C LEU B 154 -12.22 29.75 -53.27
N THR B 155 -11.38 29.37 -54.24
CA THR B 155 -10.04 29.94 -54.36
C THR B 155 -10.19 31.42 -54.72
N ALA B 156 -11.16 31.71 -55.59
CA ALA B 156 -11.43 33.09 -56.00
C ALA B 156 -12.02 33.87 -54.83
N LEU B 157 -12.55 33.14 -53.86
CA LEU B 157 -13.14 33.75 -52.68
C LEU B 157 -12.14 33.93 -51.54
N TYR B 158 -10.92 33.46 -51.77
CA TYR B 158 -9.92 33.23 -50.74
C TYR B 158 -10.40 32.31 -49.60
N LEU B 159 -11.42 31.51 -49.88
CA LEU B 159 -12.05 30.65 -48.86
C LEU B 159 -11.76 29.17 -49.07
N ASN B 160 -10.82 28.85 -49.96
CA ASN B 160 -10.37 27.48 -50.12
C ASN B 160 -9.23 27.18 -49.14
N ASP B 161 -9.59 27.10 -47.87
CA ASP B 161 -8.68 27.35 -46.77
C ASP B 161 -9.21 26.62 -45.56
N GLN B 162 -8.29 26.14 -44.72
CA GLN B 162 -8.59 25.94 -43.31
C GLN B 162 -7.90 26.87 -42.31
N VAL B 163 -8.57 26.97 -41.17
CA VAL B 163 -8.33 27.97 -40.14
C VAL B 163 -8.07 27.18 -38.84
N MET B 164 -7.01 27.53 -38.13
CA MET B 164 -6.71 26.90 -36.87
C MET B 164 -7.32 27.80 -35.84
N GLU B 165 -8.02 27.23 -34.87
CA GLU B 165 -8.34 27.98 -33.68
C GLU B 165 -7.32 27.64 -32.60
N PHE B 166 -6.69 28.66 -32.04
CA PHE B 166 -5.83 28.50 -30.89
C PHE B 166 -6.75 28.73 -29.71
N ASP B 167 -6.56 27.92 -28.68
CA ASP B 167 -6.97 28.25 -27.31
C ASP B 167 -5.76 28.66 -26.48
N LEU B 168 -5.53 29.95 -26.27
CA LEU B 168 -4.23 30.38 -25.76
C LEU B 168 -4.17 30.45 -24.25
N THR B 169 -2.94 30.42 -23.74
CA THR B 169 -2.68 30.75 -22.35
C THR B 169 -2.38 32.24 -22.34
N PRO B 170 -2.71 32.91 -21.23
CA PRO B 170 -2.46 34.34 -21.07
C PRO B 170 -1.07 34.82 -21.48
N ASN B 171 -0.05 34.01 -21.33
CA ASN B 171 1.30 34.48 -21.61
C ASN B 171 1.76 34.06 -23.01
N ARG B 172 0.83 33.52 -23.79
CA ARG B 172 1.06 33.42 -25.22
C ARG B 172 0.21 34.40 -26.04
N ALA B 173 0.01 35.60 -25.51
CA ALA B 173 -0.76 36.62 -26.22
C ALA B 173 -0.10 37.03 -27.53
N ASP B 174 1.21 36.82 -27.65
CA ASP B 174 1.89 36.94 -28.93
C ASP B 174 1.16 36.20 -30.05
N ALA B 175 0.38 35.18 -29.69
CA ALA B 175 -0.27 34.39 -30.73
C ALA B 175 -1.66 34.91 -31.09
N LEU B 176 -2.14 35.95 -30.42
CA LEU B 176 -3.31 36.67 -30.91
C LEU B 176 -3.01 37.60 -32.08
N SER B 177 -2.05 37.23 -32.93
CA SER B 177 -1.74 37.94 -34.15
C SER B 177 -1.15 37.02 -35.20
N MET B 178 -1.32 37.37 -36.47
CA MET B 178 -0.63 36.69 -37.56
C MET B 178 0.88 36.86 -37.55
N VAL B 179 1.32 38.06 -37.21
CA VAL B 179 2.75 38.32 -37.04
C VAL B 179 3.45 37.47 -35.94
N GLY B 180 3.04 37.60 -34.67
CA GLY B 180 3.45 36.72 -33.56
C GLY B 180 3.31 35.21 -33.79
N THR B 181 2.14 34.75 -34.23
CA THR B 181 2.03 33.41 -34.79
C THR B 181 3.03 32.99 -35.88
N ALA B 182 3.27 33.85 -36.84
CA ALA B 182 4.28 33.56 -37.86
C ALA B 182 5.70 33.60 -37.29
N TYR B 183 5.96 34.38 -36.25
CA TYR B 183 7.24 34.27 -35.57
C TYR B 183 7.46 32.91 -34.88
N GLU B 184 6.41 32.38 -34.26
CA GLU B 184 6.47 31.06 -33.68
C GLU B 184 6.62 30.03 -34.78
N VAL B 185 5.87 30.16 -35.86
CA VAL B 185 5.90 29.09 -36.86
C VAL B 185 7.22 29.10 -37.64
N ALA B 186 7.77 30.30 -37.83
CA ALA B 186 9.18 30.52 -38.09
C ALA B 186 10.13 29.69 -37.24
N ALA B 187 10.09 29.85 -35.91
CA ALA B 187 10.88 28.92 -35.05
C ALA B 187 10.54 27.45 -35.29
N LEU B 188 9.28 27.08 -35.11
CA LEU B 188 8.94 25.69 -35.30
C LEU B 188 9.57 24.99 -36.50
N TYR B 189 9.56 25.62 -37.68
CA TYR B 189 10.09 24.97 -38.88
C TYR B 189 11.40 25.58 -39.33
N GLN B 190 12.07 26.23 -38.39
CA GLN B 190 13.42 26.74 -38.62
C GLN B 190 13.47 27.53 -39.93
N THR B 191 12.73 28.63 -39.97
CA THR B 191 12.54 29.42 -41.19
C THR B 191 12.39 30.93 -40.98
N GLU B 192 12.02 31.60 -42.06
CA GLU B 192 12.20 33.04 -42.10
C GLU B 192 10.77 33.53 -42.13
N MET B 193 10.40 34.40 -41.18
CA MET B 193 9.21 35.18 -41.45
C MET B 193 9.49 36.55 -42.09
N THR B 194 8.52 37.00 -42.88
CA THR B 194 8.52 38.32 -43.50
C THR B 194 7.33 39.09 -42.92
N LYS B 195 7.59 40.14 -42.15
CA LYS B 195 6.61 41.16 -41.84
C LYS B 195 6.13 41.92 -43.08
N PRO B 196 4.85 42.33 -43.13
CA PRO B 196 4.29 42.99 -44.30
C PRO B 196 4.63 44.47 -44.48
N GLU B 197 4.39 44.97 -45.69
CA GLU B 197 4.78 46.32 -46.07
C GLU B 197 4.08 47.33 -45.18
N THR B 198 4.84 48.29 -44.68
CA THR B 198 4.29 49.37 -43.86
C THR B 198 4.73 50.78 -44.32
N GLN B 199 5.39 50.85 -45.47
CA GLN B 199 6.04 52.10 -45.85
C GLN B 199 5.09 52.83 -46.82
N SER B 200 4.70 54.03 -46.42
CA SER B 200 3.78 54.86 -47.23
C SER B 200 4.52 55.90 -48.05
N ASN B 201 3.88 56.43 -49.09
CA ASN B 201 4.46 57.54 -49.83
C ASN B 201 3.85 58.77 -49.21
N GLU B 202 4.53 59.34 -48.23
CA GLU B 202 3.83 60.24 -47.32
C GLU B 202 3.76 61.60 -48.01
N THR B 203 2.76 62.38 -47.64
CA THR B 203 2.67 63.70 -48.25
C THR B 203 3.67 64.66 -47.61
N SER B 204 3.42 65.95 -47.82
CA SER B 204 4.39 66.99 -47.52
C SER B 204 4.00 67.56 -46.17
N GLU B 205 2.81 67.17 -45.68
CA GLU B 205 2.33 67.64 -44.40
C GLU B 205 2.72 66.63 -43.29
N SER B 206 2.58 67.06 -42.04
CA SER B 206 2.99 66.25 -40.90
C SER B 206 1.75 66.17 -40.04
N ALA B 207 1.55 64.99 -39.46
CA ALA B 207 0.44 64.90 -38.51
C ALA B 207 0.70 65.80 -37.31
N THR B 208 1.95 66.20 -37.07
CA THR B 208 2.21 67.07 -35.90
C THR B 208 1.45 68.37 -36.04
N ASN B 209 1.08 68.75 -37.26
CA ASN B 209 0.34 70.00 -37.44
C ASN B 209 -1.16 69.88 -37.41
N GLU B 210 -1.69 68.67 -37.26
CA GLU B 210 -3.12 68.41 -37.45
C GLU B 210 -3.81 68.24 -36.10
N LEU B 211 -3.05 67.73 -35.13
CA LEU B 211 -3.58 67.02 -33.99
C LEU B 211 -2.56 67.22 -32.88
N SER B 212 -3.05 67.52 -31.67
CA SER B 212 -2.26 67.30 -30.47
C SER B 212 -2.90 66.18 -29.66
N VAL B 213 -2.04 65.50 -28.91
CA VAL B 213 -2.39 64.38 -28.05
C VAL B 213 -1.79 64.67 -26.68
N THR B 214 -2.62 64.73 -25.64
CA THR B 214 -2.09 64.71 -24.28
C THR B 214 -2.75 63.63 -23.40
N ILE B 215 -1.95 63.08 -22.49
CA ILE B 215 -2.44 62.11 -21.54
C ILE B 215 -2.49 62.79 -20.17
N ASP B 216 -3.65 62.73 -19.52
CA ASP B 216 -3.79 63.14 -18.12
C ASP B 216 -3.61 62.01 -17.11
N ASN B 217 -3.77 60.77 -17.57
CA ASN B 217 -3.62 59.61 -16.70
C ASN B 217 -2.54 58.63 -17.16
N PRO B 218 -1.27 59.08 -17.19
CA PRO B 218 -0.18 58.20 -17.60
C PRO B 218 -0.09 56.86 -16.87
N GLU B 219 -0.66 56.78 -15.68
CA GLU B 219 -0.52 55.56 -14.87
C GLU B 219 -1.38 54.48 -15.47
N LYS B 220 -2.42 54.92 -16.17
CA LYS B 220 -3.39 54.02 -16.75
C LYS B 220 -3.20 53.90 -18.25
N VAL B 221 -2.44 54.85 -18.82
CA VAL B 221 -2.22 54.95 -20.26
C VAL B 221 -0.76 55.21 -20.60
N PRO B 222 0.06 54.14 -20.67
CA PRO B 222 1.49 54.29 -20.96
C PRO B 222 1.86 54.82 -22.36
N TYR B 223 0.95 54.72 -23.32
CA TYR B 223 1.19 55.27 -24.66
C TYR B 223 -0.08 55.62 -25.42
N TYR B 224 -0.03 56.74 -26.13
CA TYR B 224 -1.06 57.08 -27.09
C TYR B 224 -0.44 57.78 -28.31
N SER B 225 -0.69 57.21 -29.49
CA SER B 225 -0.35 57.86 -30.74
C SER B 225 -1.48 57.88 -31.78
N ALA B 226 -1.25 58.73 -32.77
CA ALA B 226 -2.21 59.15 -33.81
C ALA B 226 -1.39 59.44 -35.06
N ARG B 227 -1.80 58.86 -36.17
CA ARG B 227 -1.35 59.35 -37.46
C ARG B 227 -2.56 59.83 -38.27
N VAL B 228 -2.29 60.53 -39.38
CA VAL B 228 -3.33 61.21 -40.16
C VAL B 228 -3.29 60.73 -41.60
N VAL B 229 -4.42 60.24 -42.12
CA VAL B 229 -4.54 59.95 -43.55
C VAL B 229 -5.68 60.74 -44.17
N LYS B 230 -5.37 61.56 -45.17
CA LYS B 230 -6.32 62.48 -45.84
C LYS B 230 -6.84 61.96 -47.19
N ASN B 231 -7.94 62.53 -47.65
CA ASN B 231 -8.54 62.14 -48.91
C ASN B 231 -8.67 60.63 -49.09
N VAL B 232 -9.02 59.92 -48.01
CA VAL B 232 -9.60 58.59 -48.22
C VAL B 232 -10.97 58.55 -48.91
N SER B 233 -11.20 57.41 -49.54
CA SER B 233 -12.49 57.14 -50.15
C SER B 233 -13.02 55.79 -49.70
N ILE B 234 -14.14 55.84 -48.98
CA ILE B 234 -14.82 54.65 -48.51
C ILE B 234 -15.59 53.90 -49.57
N GLU B 235 -15.59 52.59 -49.42
CA GLU B 235 -15.73 51.70 -50.54
C GLU B 235 -15.34 50.33 -49.98
N PRO B 236 -15.86 49.26 -50.59
CA PRO B 236 -15.60 47.89 -50.17
C PRO B 236 -14.13 47.49 -50.24
N SER B 237 -13.72 46.63 -49.31
CA SER B 237 -12.38 46.04 -49.32
C SER B 237 -12.20 45.07 -50.47
N PRO B 238 -10.96 44.79 -50.85
CA PRO B 238 -10.94 43.71 -51.81
C PRO B 238 -11.32 42.39 -51.12
N ILE B 239 -11.48 41.35 -51.94
CA ILE B 239 -12.12 40.13 -51.50
C ILE B 239 -11.19 39.36 -50.55
N TRP B 240 -9.87 39.55 -50.72
CA TRP B 240 -8.92 38.83 -49.87
C TRP B 240 -8.92 39.42 -48.47
N VAL B 241 -9.22 40.72 -48.40
CA VAL B 241 -9.43 41.33 -47.11
C VAL B 241 -10.69 40.82 -46.41
N GLN B 242 -11.81 40.93 -47.10
CA GLN B 242 -13.08 40.47 -46.55
C GLN B 242 -13.04 39.00 -46.14
N ALA B 243 -12.40 38.15 -46.93
CA ALA B 243 -12.38 36.72 -46.69
C ALA B 243 -11.63 36.45 -45.40
N ARG B 244 -10.41 36.97 -45.31
CA ARG B 244 -9.60 36.83 -44.09
C ARG B 244 -10.32 37.36 -42.85
N LEU B 245 -10.99 38.51 -42.94
CA LEU B 245 -11.85 38.95 -41.83
C LEU B 245 -12.94 37.94 -41.55
N ILE B 246 -13.62 37.46 -42.60
CA ILE B 246 -14.67 36.48 -42.47
C ILE B 246 -14.12 35.23 -41.77
N LYS B 247 -12.98 34.74 -42.22
CA LYS B 247 -12.42 33.52 -41.67
C LYS B 247 -11.93 33.75 -40.24
N ALA B 248 -12.05 34.97 -39.75
CA ALA B 248 -11.59 35.29 -38.40
C ALA B 248 -12.77 35.68 -37.51
N GLY B 249 -13.99 35.40 -37.97
CA GLY B 249 -15.16 35.75 -37.19
C GLY B 249 -15.49 37.24 -37.21
N ILE B 250 -15.09 37.96 -38.26
CA ILE B 250 -15.33 39.40 -38.30
C ILE B 250 -16.11 39.76 -39.56
N ARG B 251 -17.22 40.49 -39.43
CA ARG B 251 -17.93 40.90 -40.62
C ARG B 251 -17.20 42.07 -41.29
N PRO B 252 -16.80 41.90 -42.56
CA PRO B 252 -16.40 42.99 -43.47
C PRO B 252 -17.42 44.09 -43.54
N ILE B 253 -16.97 45.34 -43.52
CA ILE B 253 -17.91 46.45 -43.47
C ILE B 253 -17.60 47.43 -44.59
N ASN B 254 -16.37 47.94 -44.57
CA ASN B 254 -15.90 48.82 -45.65
C ASN B 254 -14.40 48.95 -45.49
N ASN B 255 -13.72 49.48 -46.50
CA ASN B 255 -12.25 49.48 -46.50
C ASN B 255 -11.62 50.02 -45.23
N VAL B 256 -11.98 51.23 -44.83
CA VAL B 256 -11.35 51.84 -43.67
C VAL B 256 -11.56 51.08 -42.39
N VAL B 257 -12.79 50.70 -42.11
CA VAL B 257 -13.11 49.84 -40.96
C VAL B 257 -12.46 48.46 -41.03
N ASP B 258 -12.49 47.84 -42.21
CA ASP B 258 -11.85 46.54 -42.43
C ASP B 258 -10.36 46.54 -42.18
N ILE B 259 -9.74 47.65 -42.58
CA ILE B 259 -8.32 47.81 -42.29
C ILE B 259 -8.03 47.83 -40.81
N SER B 260 -8.89 48.44 -39.98
CA SER B 260 -8.55 48.45 -38.57
C SER B 260 -8.68 47.09 -37.86
N ASN B 261 -9.65 46.29 -38.30
CA ASN B 261 -9.85 44.92 -37.85
C ASN B 261 -8.82 43.98 -38.44
N TYR B 262 -8.52 44.19 -39.72
CA TYR B 262 -7.48 43.40 -40.36
C TYR B 262 -6.14 43.65 -39.68
N VAL B 263 -5.81 44.90 -39.43
CA VAL B 263 -4.49 45.12 -38.88
C VAL B 263 -4.48 44.59 -37.45
N LEU B 264 -5.62 44.70 -36.76
CA LEU B 264 -5.65 44.23 -35.37
C LEU B 264 -5.23 42.76 -35.36
N LEU B 265 -5.75 42.00 -36.30
CA LEU B 265 -5.50 40.57 -36.40
C LEU B 265 -4.09 40.27 -36.85
N GLU B 266 -3.60 41.09 -37.78
CA GLU B 266 -2.24 40.98 -38.29
C GLU B 266 -1.15 41.24 -37.27
N TYR B 267 -1.26 42.32 -36.52
CA TYR B 267 -0.20 42.68 -35.59
C TYR B 267 -0.56 42.54 -34.12
N GLY B 268 -1.85 42.39 -33.83
CA GLY B 268 -2.30 42.24 -32.46
C GLY B 268 -2.45 43.58 -31.75
N GLN B 269 -2.47 44.66 -32.51
CA GLN B 269 -2.50 46.00 -31.94
C GLN B 269 -3.84 46.60 -32.32
N PRO B 270 -4.69 46.88 -31.33
CA PRO B 270 -5.93 47.57 -31.67
C PRO B 270 -5.73 48.99 -32.22
N LEU B 271 -6.40 49.28 -33.33
CA LEU B 271 -6.44 50.65 -33.80
C LEU B 271 -7.86 51.20 -33.70
N HIS B 272 -7.97 52.51 -33.58
CA HIS B 272 -9.28 53.13 -33.71
C HIS B 272 -9.21 54.21 -34.79
N MET B 273 -10.13 54.17 -35.74
CA MET B 273 -10.25 55.20 -36.77
C MET B 273 -11.29 56.21 -36.32
N PHE B 274 -10.84 57.44 -36.11
CA PHE B 274 -11.74 58.58 -36.01
C PHE B 274 -11.90 59.30 -37.36
N ASP B 275 -13.12 59.69 -37.70
CA ASP B 275 -13.33 60.77 -38.70
C ASP B 275 -12.75 62.09 -38.25
N GLN B 276 -11.67 62.52 -38.91
CA GLN B 276 -10.88 63.61 -38.38
C GLN B 276 -11.71 64.89 -38.38
N ASP B 277 -12.62 64.96 -39.34
CA ASP B 277 -13.61 66.03 -39.45
C ASP B 277 -14.75 65.92 -38.45
N HIS B 278 -14.89 64.81 -37.73
CA HIS B 278 -15.93 64.83 -36.70
C HIS B 278 -15.45 64.51 -35.30
N ILE B 279 -14.15 64.68 -35.10
CA ILE B 279 -13.58 64.70 -33.77
C ILE B 279 -14.19 65.87 -32.97
N GLY B 280 -14.20 67.06 -33.55
CA GLY B 280 -14.80 68.19 -32.87
C GLY B 280 -13.73 69.13 -32.33
N SER B 281 -12.48 68.90 -32.71
CA SER B 281 -11.39 69.79 -32.35
C SER B 281 -10.12 69.24 -32.95
N LYS B 282 -9.00 69.90 -32.67
CA LYS B 282 -7.68 69.49 -33.11
C LYS B 282 -6.90 68.82 -31.98
N GLU B 283 -7.57 68.39 -30.92
CA GLU B 283 -6.83 68.03 -29.72
C GLU B 283 -7.46 66.78 -29.17
N ILE B 284 -6.67 65.75 -28.99
CA ILE B 284 -7.12 64.55 -28.29
C ILE B 284 -6.56 64.58 -26.86
N VAL B 285 -7.44 64.54 -25.86
CA VAL B 285 -7.02 64.31 -24.47
C VAL B 285 -7.39 62.91 -23.99
N VAL B 286 -6.44 62.18 -23.43
CA VAL B 286 -6.81 60.94 -22.75
C VAL B 286 -6.86 61.16 -21.25
N ARG B 287 -7.90 60.63 -20.60
CA ARG B 287 -8.14 60.98 -19.22
C ARG B 287 -9.10 59.98 -18.58
N GLN B 288 -9.23 60.03 -17.25
CA GLN B 288 -10.23 59.17 -16.59
C GLN B 288 -11.55 59.88 -16.82
N ALA B 289 -12.66 59.15 -16.85
CA ALA B 289 -13.97 59.76 -16.67
C ALA B 289 -14.11 60.36 -15.26
N LYS B 290 -14.50 61.63 -15.20
CA LYS B 290 -15.26 62.17 -14.07
C LYS B 290 -16.35 61.17 -13.66
N ASP B 291 -16.67 61.13 -12.37
CA ASP B 291 -17.72 60.25 -11.89
C ASP B 291 -19.05 60.75 -12.43
N GLU B 292 -19.97 59.83 -12.73
CA GLU B 292 -21.28 60.18 -13.25
C GLU B 292 -21.18 60.90 -14.60
N GLU B 293 -20.00 60.84 -15.24
CA GLU B 293 -19.88 61.31 -16.61
C GLU B 293 -20.71 60.47 -17.57
N THR B 294 -21.34 61.15 -18.53
CA THR B 294 -22.08 60.49 -19.59
C THR B 294 -21.40 60.66 -20.94
N MET B 295 -21.54 59.65 -21.78
CA MET B 295 -21.17 59.76 -23.18
C MET B 295 -22.14 58.77 -23.82
N THR B 296 -22.25 58.79 -25.15
CA THR B 296 -23.13 57.84 -25.83
C THR B 296 -22.25 57.16 -26.87
N THR B 297 -22.04 55.86 -26.70
CA THR B 297 -21.22 55.11 -27.62
C THR B 297 -21.93 54.98 -28.95
N LEU B 298 -21.30 54.27 -29.89
CA LEU B 298 -21.73 54.29 -31.29
C LEU B 298 -22.84 53.26 -31.47
N ASP B 299 -22.82 52.24 -30.61
CA ASP B 299 -24.02 51.53 -30.13
C ASP B 299 -25.28 52.42 -30.23
N ASN B 300 -25.15 53.64 -29.73
CA ASN B 300 -26.31 54.49 -29.51
C ASN B 300 -26.81 54.36 -28.08
N ASN B 301 -26.11 53.53 -27.29
CA ASN B 301 -26.39 53.43 -25.86
C ASN B 301 -25.60 54.51 -25.13
N GLU B 302 -26.29 55.31 -24.34
CA GLU B 302 -25.64 56.19 -23.39
C GLU B 302 -25.03 55.33 -22.29
N ARG B 303 -23.96 55.85 -21.70
CA ARG B 303 -23.12 55.12 -20.77
C ARG B 303 -22.85 56.05 -19.61
N LYS B 304 -23.16 55.57 -18.41
CA LYS B 304 -22.77 56.28 -17.20
C LYS B 304 -21.42 55.70 -16.82
N LEU B 305 -20.49 56.62 -16.58
CA LEU B 305 -19.09 56.29 -16.65
C LEU B 305 -18.61 56.48 -15.23
N VAL B 306 -17.86 55.50 -14.73
CA VAL B 306 -17.31 55.63 -13.40
C VAL B 306 -15.91 56.17 -13.54
N ASP B 307 -15.36 56.68 -12.44
CA ASP B 307 -14.13 57.48 -12.51
C ASP B 307 -12.92 56.62 -12.85
N THR B 308 -13.16 55.33 -13.01
CA THR B 308 -12.08 54.41 -13.33
C THR B 308 -12.13 54.04 -14.82
N ASP B 309 -13.07 54.60 -15.57
CA ASP B 309 -13.08 54.45 -17.04
C ASP B 309 -12.06 55.36 -17.70
N ILE B 310 -11.36 54.81 -18.68
CA ILE B 310 -10.56 55.66 -19.54
C ILE B 310 -11.40 56.09 -20.73
N VAL B 311 -11.34 57.39 -21.04
CA VAL B 311 -12.02 57.94 -22.20
C VAL B 311 -10.99 58.65 -23.07
N ILE B 312 -11.18 58.56 -24.38
CA ILE B 312 -10.69 59.58 -25.30
C ILE B 312 -11.63 60.77 -25.39
N SER B 313 -11.05 61.95 -25.31
CA SER B 313 -11.85 63.16 -25.27
C SER B 313 -11.22 64.03 -26.34
N ASN B 314 -12.00 64.99 -26.82
CA ASN B 314 -11.43 65.98 -27.72
C ASN B 314 -11.10 67.29 -27.02
N GLY B 315 -10.88 67.27 -25.70
CA GLY B 315 -10.72 68.53 -24.98
C GLY B 315 -12.03 69.01 -24.36
N GLN B 316 -13.14 68.55 -24.91
CA GLN B 316 -14.45 69.11 -24.63
C GLN B 316 -15.38 68.03 -24.08
N GLU B 317 -15.41 66.87 -24.73
CA GLU B 317 -16.33 65.80 -24.34
C GLU B 317 -15.70 64.50 -24.83
N PRO B 318 -16.01 63.37 -24.19
CA PRO B 318 -15.69 62.03 -24.71
C PRO B 318 -16.19 61.74 -26.12
N ILE B 319 -15.27 61.21 -26.93
CA ILE B 319 -15.49 60.77 -28.30
C ILE B 319 -15.19 59.27 -28.40
N ALA B 320 -14.70 58.65 -27.34
CA ALA B 320 -14.58 57.19 -27.30
C ALA B 320 -14.33 56.74 -25.89
N LEU B 321 -14.88 55.56 -25.61
CA LEU B 321 -14.49 54.71 -24.49
C LEU B 321 -13.26 53.88 -24.89
N ALA B 322 -12.13 54.37 -24.42
CA ALA B 322 -10.81 53.99 -24.91
C ALA B 322 -10.63 52.49 -24.74
N GLY B 323 -10.12 51.82 -25.77
CA GLY B 323 -9.97 50.37 -25.77
C GLY B 323 -11.25 49.57 -25.91
N VAL B 324 -12.42 50.23 -25.97
CA VAL B 324 -13.67 49.50 -25.80
C VAL B 324 -14.66 49.70 -26.96
N MET B 325 -14.98 50.95 -27.25
CA MET B 325 -15.97 51.25 -28.27
C MET B 325 -15.98 52.74 -28.51
N GLY B 326 -16.16 53.13 -29.77
CA GLY B 326 -16.29 54.53 -30.12
C GLY B 326 -17.55 55.23 -29.64
N GLY B 327 -17.57 56.56 -29.68
CA GLY B 327 -18.81 57.31 -29.52
C GLY B 327 -19.51 57.61 -30.83
N ASP B 328 -20.67 58.25 -30.73
CA ASP B 328 -21.68 58.22 -31.78
C ASP B 328 -21.59 59.35 -32.82
N PHE B 329 -20.54 60.17 -32.74
CA PHE B 329 -20.36 61.23 -33.73
C PHE B 329 -18.96 61.31 -34.35
N SER B 330 -17.98 60.65 -33.73
CA SER B 330 -16.62 60.71 -34.24
C SER B 330 -16.22 59.51 -35.08
N GLU B 331 -17.14 58.61 -35.36
CA GLU B 331 -16.80 57.38 -36.08
CA GLU B 331 -16.85 57.37 -36.08
C GLU B 331 -16.71 57.57 -37.58
N VAL B 332 -15.95 56.68 -38.21
CA VAL B 332 -15.89 56.64 -39.66
C VAL B 332 -17.22 56.17 -40.28
N THR B 333 -17.71 56.92 -41.27
CA THR B 333 -18.96 56.61 -41.96
C THR B 333 -18.68 56.58 -43.46
N GLU B 334 -19.65 56.37 -44.33
CA GLU B 334 -19.29 56.37 -45.74
C GLU B 334 -18.90 57.77 -46.20
N GLN B 335 -19.24 58.75 -45.39
CA GLN B 335 -18.99 60.13 -45.82
C GLN B 335 -17.59 60.60 -45.41
N THR B 336 -16.89 59.81 -44.61
CA THR B 336 -15.63 60.30 -44.08
C THR B 336 -14.56 60.34 -45.15
N THR B 337 -13.71 61.37 -45.04
CA THR B 337 -12.72 61.58 -46.08
C THR B 337 -11.32 61.81 -45.52
N ASN B 338 -11.28 62.05 -44.21
CA ASN B 338 -10.03 62.21 -43.50
C ASN B 338 -10.06 61.42 -42.18
N VAL B 339 -8.99 60.70 -41.91
CA VAL B 339 -8.96 59.80 -40.76
C VAL B 339 -7.76 60.06 -39.87
N VAL B 340 -8.07 59.94 -38.58
CA VAL B 340 -7.08 59.91 -37.52
C VAL B 340 -7.00 58.46 -37.08
N ILE B 341 -5.81 57.89 -37.09
CA ILE B 341 -5.60 56.50 -36.72
C ILE B 341 -4.93 56.42 -35.35
N GLU B 342 -5.66 55.92 -34.36
CA GLU B 342 -5.09 55.77 -33.04
C GLU B 342 -4.51 54.38 -32.87
N GLY B 343 -3.24 54.31 -32.43
CA GLY B 343 -2.70 53.12 -31.79
C GLY B 343 -2.30 53.41 -30.36
N ALA B 344 -2.88 52.73 -29.40
CA ALA B 344 -2.50 53.02 -28.05
C ALA B 344 -2.23 51.76 -27.21
N ILE B 345 -1.71 51.99 -26.01
CA ILE B 345 -1.73 51.06 -24.89
C ILE B 345 -2.44 51.66 -23.69
N PHE B 346 -3.52 50.98 -23.31
CA PHE B 346 -4.38 51.31 -22.18
C PHE B 346 -4.28 50.22 -21.11
N ASP B 347 -4.46 50.59 -19.84
CA ASP B 347 -4.28 49.65 -18.74
C ASP B 347 -5.15 48.42 -18.80
N PRO B 348 -4.51 47.24 -18.86
CA PRO B 348 -5.33 46.05 -19.07
C PRO B 348 -6.48 45.88 -18.06
N VAL B 349 -6.37 46.51 -16.89
CA VAL B 349 -7.28 46.17 -15.79
C VAL B 349 -8.43 47.15 -15.80
N SER B 350 -8.09 48.43 -15.85
CA SER B 350 -9.00 49.42 -16.42
C SER B 350 -9.83 48.85 -17.57
N ILE B 351 -9.18 48.50 -18.67
CA ILE B 351 -9.92 48.02 -19.84
C ILE B 351 -10.79 46.81 -19.53
N ARG B 352 -10.27 45.87 -18.76
CA ARG B 352 -11.00 44.64 -18.40
C ARG B 352 -12.25 44.99 -17.62
N HIS B 353 -12.14 45.86 -16.61
CA HIS B 353 -13.32 46.12 -15.79
C HIS B 353 -14.33 46.96 -16.56
N THR B 354 -13.87 47.96 -17.30
CA THR B 354 -14.81 48.75 -18.08
C THR B 354 -15.67 47.84 -18.96
N SER B 355 -15.02 46.91 -19.67
CA SER B 355 -15.70 46.22 -20.74
C SER B 355 -16.63 45.14 -20.16
N ARG B 356 -16.15 44.47 -19.12
CA ARG B 356 -16.96 43.44 -18.48
C ARG B 356 -18.19 44.09 -17.85
N ARG B 357 -17.99 45.18 -17.12
CA ARG B 357 -19.13 45.83 -16.52
C ARG B 357 -20.19 46.32 -17.53
N LEU B 358 -19.76 46.79 -18.71
CA LEU B 358 -20.70 47.37 -19.67
C LEU B 358 -21.25 46.38 -20.69
N ASN B 359 -21.02 45.08 -20.46
CA ASN B 359 -21.08 44.07 -21.50
C ASN B 359 -20.60 44.53 -22.87
N LEU B 360 -19.49 45.26 -22.89
CA LEU B 360 -18.98 45.86 -24.13
C LEU B 360 -17.66 45.24 -24.54
N ARG B 361 -17.70 43.96 -24.92
CA ARG B 361 -16.49 43.18 -25.05
C ARG B 361 -16.20 42.99 -26.54
N SER B 362 -14.96 43.26 -26.94
CA SER B 362 -14.57 43.25 -28.33
C SER B 362 -13.25 42.52 -28.49
N GLU B 363 -12.84 42.39 -29.75
CA GLU B 363 -11.52 41.86 -30.11
C GLU B 363 -10.39 42.79 -29.66
N ALA B 364 -10.62 44.08 -29.70
CA ALA B 364 -9.74 45.08 -29.12
C ALA B 364 -9.58 45.02 -27.60
N SER B 365 -10.70 44.95 -26.87
CA SER B 365 -10.69 44.98 -25.40
C SER B 365 -10.02 43.72 -24.87
N SER B 366 -10.29 42.61 -25.54
CA SER B 366 -9.57 41.38 -25.29
C SER B 366 -8.07 41.55 -25.51
N ARG B 367 -7.67 42.28 -26.54
CA ARG B 367 -6.24 42.45 -26.74
C ARG B 367 -5.65 43.36 -25.69
N PHE B 368 -6.32 44.45 -25.33
CA PHE B 368 -5.75 45.34 -24.33
C PHE B 368 -5.63 44.61 -22.97
N GLU B 369 -6.59 43.72 -22.70
CA GLU B 369 -6.67 42.97 -21.45
C GLU B 369 -5.47 42.04 -21.29
N LYS B 370 -5.05 41.45 -22.40
CA LYS B 370 -4.00 40.46 -22.45
C LYS B 370 -2.60 41.03 -22.51
N GLY B 371 -2.50 42.34 -22.72
CA GLY B 371 -1.21 43.03 -22.71
C GLY B 371 -0.71 43.21 -24.12
N ILE B 372 -0.17 44.39 -24.41
CA ILE B 372 0.12 44.76 -25.79
C ILE B 372 1.64 44.79 -26.02
N ALA B 373 2.12 44.13 -27.07
CA ALA B 373 3.55 44.18 -27.41
C ALA B 373 4.03 45.57 -27.87
N THR B 374 4.82 46.29 -27.07
CA THR B 374 5.17 47.68 -27.37
C THR B 374 5.97 47.81 -28.67
N GLU B 375 6.54 46.69 -29.10
CA GLU B 375 7.33 46.60 -30.32
C GLU B 375 6.52 46.92 -31.58
N PHE B 376 5.20 46.72 -31.51
CA PHE B 376 4.36 46.70 -32.69
C PHE B 376 3.38 47.87 -32.84
N VAL B 377 3.35 48.80 -31.90
CA VAL B 377 2.29 49.81 -31.80
C VAL B 377 2.44 50.77 -32.99
N ASP B 378 3.64 51.31 -33.16
CA ASP B 378 3.94 52.24 -34.24
C ASP B 378 3.94 51.59 -35.60
N GLU B 379 4.48 50.38 -35.68
CA GLU B 379 4.46 49.61 -36.93
C GLU B 379 3.04 49.21 -37.32
N ALA B 380 2.20 48.90 -36.35
CA ALA B 380 0.78 48.63 -36.64
C ALA B 380 0.05 49.86 -37.16
N VAL B 381 0.32 51.03 -36.59
CA VAL B 381 -0.27 52.25 -37.11
C VAL B 381 0.21 52.54 -38.53
N ASP B 382 1.52 52.53 -38.74
CA ASP B 382 2.11 52.45 -40.08
C ASP B 382 1.53 51.46 -41.07
N ARG B 383 1.35 50.21 -40.68
CA ARG B 383 0.68 49.28 -41.58
C ARG B 383 -0.69 49.74 -41.99
N ALA B 384 -1.45 50.28 -41.04
CA ALA B 384 -2.82 50.68 -41.32
C ALA B 384 -2.82 51.85 -42.30
N CYS B 385 -1.86 52.75 -42.13
CA CYS B 385 -1.76 53.99 -42.91
C CYS B 385 -1.47 53.57 -44.35
N TYR B 386 -0.56 52.61 -44.50
CA TYR B 386 -0.19 52.04 -45.80
C TYR B 386 -1.38 51.35 -46.48
N LEU B 387 -2.10 50.55 -45.70
CA LEU B 387 -3.30 49.94 -46.26
C LEU B 387 -4.32 50.99 -46.68
N LEU B 388 -4.36 52.09 -45.93
CA LEU B 388 -5.35 53.11 -46.23
C LEU B 388 -4.92 53.77 -47.53
N GLN B 389 -3.62 53.99 -47.68
CA GLN B 389 -3.13 54.41 -48.96
C GLN B 389 -3.53 53.46 -50.09
N GLU B 390 -3.33 52.16 -49.89
CA GLU B 390 -3.44 51.20 -50.99
C GLU B 390 -4.90 50.89 -51.28
N LEU B 391 -5.71 50.89 -50.22
CA LEU B 391 -7.06 50.36 -50.34
C LEU B 391 -8.14 51.39 -50.10
N ALA B 392 -7.77 52.54 -49.52
CA ALA B 392 -8.72 53.62 -49.27
C ALA B 392 -8.41 54.92 -50.04
N SER B 393 -7.50 54.86 -51.00
CA SER B 393 -7.09 56.06 -51.72
C SER B 393 -6.31 57.07 -50.87
N GLY B 394 -5.88 56.68 -49.67
CA GLY B 394 -5.48 57.70 -48.70
C GLY B 394 -4.13 58.35 -48.98
N GLU B 395 -3.92 59.50 -48.33
CA GLU B 395 -2.72 60.29 -48.51
C GLU B 395 -2.11 60.45 -47.13
N VAL B 396 -1.02 59.71 -46.88
CA VAL B 396 -0.59 59.53 -45.52
C VAL B 396 0.35 60.66 -45.12
N LEU B 397 0.03 61.33 -44.02
CA LEU B 397 0.88 62.44 -43.62
C LEU B 397 2.11 61.85 -42.94
N GLN B 398 3.18 62.63 -43.00
CA GLN B 398 4.41 62.37 -42.27
C GLN B 398 4.17 62.40 -40.79
N ASP B 399 4.91 61.60 -40.02
CA ASP B 399 4.97 61.71 -38.57
C ASP B 399 3.78 61.11 -37.83
N ARG B 400 3.92 61.08 -36.50
CA ARG B 400 2.83 60.68 -35.63
C ARG B 400 2.88 61.65 -34.47
N VAL B 401 1.73 61.77 -33.82
CA VAL B 401 1.58 62.54 -32.61
C VAL B 401 1.42 61.45 -31.55
N SER B 402 2.18 61.59 -30.46
CA SER B 402 2.22 60.57 -29.43
C SER B 402 2.58 61.21 -28.11
N SER B 403 2.16 60.56 -27.04
CA SER B 403 2.64 60.84 -25.68
C SER B 403 2.96 59.50 -25.01
N GLY B 404 3.87 59.52 -24.04
CA GLY B 404 4.29 58.29 -23.36
C GLY B 404 5.55 57.69 -23.95
N ASP B 405 6.27 56.92 -23.15
CA ASP B 405 7.57 56.43 -23.58
C ASP B 405 7.54 54.91 -23.49
N LEU B 406 7.74 54.27 -24.64
CA LEU B 406 7.52 52.83 -24.78
C LEU B 406 8.72 52.04 -24.27
N GLY B 407 9.89 52.66 -24.23
CA GLY B 407 11.12 52.06 -23.71
C GLY B 407 11.88 51.30 -24.78
N SER B 408 12.71 50.34 -24.38
CA SER B 408 13.35 49.47 -25.35
C SER B 408 12.49 48.29 -25.85
N PHE B 409 12.80 47.79 -27.04
CA PHE B 409 12.04 46.72 -27.69
C PHE B 409 12.65 45.33 -27.45
N VAL B 410 13.52 45.27 -26.45
CA VAL B 410 14.40 44.13 -26.25
C VAL B 410 14.84 44.23 -24.79
N THR B 411 14.62 43.16 -24.02
CA THR B 411 15.51 42.93 -22.90
C THR B 411 16.53 41.81 -23.07
N PRO B 412 17.82 42.16 -22.91
CA PRO B 412 18.88 41.20 -22.80
C PRO B 412 18.72 40.41 -21.51
N ILE B 413 18.63 39.09 -21.63
CA ILE B 413 18.53 38.23 -20.46
C ILE B 413 19.71 37.27 -20.51
N ASP B 414 20.39 37.13 -19.37
CA ASP B 414 21.56 36.27 -19.23
C ASP B 414 21.16 34.94 -18.59
N ILE B 415 21.54 33.87 -19.30
CA ILE B 415 21.19 32.51 -18.92
C ILE B 415 22.39 31.60 -19.14
N THR B 416 22.43 30.57 -18.29
CA THR B 416 23.48 29.58 -18.22
C THR B 416 22.86 28.27 -18.68
N ALA B 417 23.62 27.45 -19.40
CA ALA B 417 23.13 26.16 -19.86
C ALA B 417 22.97 25.21 -18.69
N GLU B 418 23.66 25.50 -17.58
CA GLU B 418 23.57 24.66 -16.40
C GLU B 418 22.26 24.93 -15.69
N LYS B 419 21.81 26.18 -15.68
CA LYS B 419 20.47 26.53 -15.18
C LYS B 419 19.39 25.77 -15.93
N VAL B 420 19.45 25.85 -17.26
CA VAL B 420 18.52 25.13 -18.10
C VAL B 420 18.66 23.66 -17.77
N ASN B 421 19.89 23.16 -17.78
CA ASN B 421 20.07 21.72 -17.67
C ASN B 421 19.60 21.26 -16.28
N LYS B 422 19.94 22.03 -15.25
CA LYS B 422 19.54 21.79 -13.86
C LYS B 422 18.04 21.65 -13.66
N THR B 423 17.30 22.67 -14.11
CA THR B 423 15.85 22.67 -14.01
C THR B 423 15.17 21.54 -14.79
N ILE B 424 15.65 21.25 -16.00
CA ILE B 424 14.93 20.30 -16.83
C ILE B 424 15.39 18.87 -16.61
N GLY B 425 16.69 18.72 -16.42
CA GLY B 425 17.30 17.41 -16.21
C GLY B 425 17.93 16.82 -17.46
N PHE B 426 17.75 17.42 -18.62
CA PHE B 426 18.50 16.96 -19.78
C PHE B 426 19.91 17.56 -19.82
N ASN B 427 20.66 17.32 -20.90
CA ASN B 427 22.04 17.81 -20.97
C ASN B 427 22.33 18.51 -22.29
N LEU B 428 21.67 19.64 -22.52
CA LEU B 428 21.95 20.47 -23.68
C LEU B 428 23.26 21.28 -23.56
N SER B 429 23.95 21.42 -24.69
CA SER B 429 25.13 22.27 -24.86
C SER B 429 24.80 23.75 -25.17
N ASN B 430 25.83 24.59 -25.16
CA ASN B 430 25.59 26.02 -25.35
C ASN B 430 25.17 26.22 -26.80
N ASP B 431 25.90 25.58 -27.70
CA ASP B 431 25.45 25.47 -29.07
C ASP B 431 23.97 25.07 -29.23
N GLU B 432 23.49 24.03 -28.55
CA GLU B 432 22.06 23.66 -28.64
C GLU B 432 21.12 24.74 -28.13
N ILE B 433 21.49 25.38 -27.02
CA ILE B 433 20.69 26.40 -26.37
C ILE B 433 20.57 27.66 -27.23
N GLN B 434 21.74 28.16 -27.60
CA GLN B 434 21.90 29.33 -28.45
C GLN B 434 21.17 29.13 -29.76
N SER B 435 21.48 28.05 -30.46
CA SER B 435 20.63 27.68 -31.59
C SER B 435 19.12 27.74 -31.36
N ILE B 436 18.59 27.15 -30.28
CA ILE B 436 17.16 27.30 -29.97
C ILE B 436 16.72 28.77 -29.87
N PHE B 437 17.44 29.58 -29.08
CA PHE B 437 17.15 31.00 -28.96
C PHE B 437 17.28 31.81 -30.25
N ARG B 438 18.12 31.34 -31.17
CA ARG B 438 18.28 32.05 -32.43
C ARG B 438 17.16 31.69 -33.37
N GLN B 439 16.75 30.43 -33.33
CA GLN B 439 15.60 30.06 -34.12
C GLN B 439 14.35 30.72 -33.58
N LEU B 440 14.36 31.20 -32.33
CA LEU B 440 13.19 31.87 -31.81
C LEU B 440 13.19 33.34 -32.25
N GLY B 441 14.28 33.72 -32.92
CA GLY B 441 14.47 35.12 -33.30
C GLY B 441 15.02 35.94 -32.15
N PHE B 442 15.54 35.27 -31.12
CA PHE B 442 16.20 35.98 -30.03
C PHE B 442 17.68 36.03 -30.42
N GLU B 443 18.15 37.23 -30.70
CA GLU B 443 19.59 37.49 -30.85
C GLU B 443 20.31 37.17 -29.54
N THR B 444 21.29 36.30 -29.65
CA THR B 444 21.84 35.66 -28.46
C THR B 444 23.33 35.48 -28.70
N THR B 445 24.11 35.95 -27.75
CA THR B 445 25.56 35.85 -27.85
C THR B 445 26.11 35.09 -26.65
N LEU B 446 27.36 34.66 -26.75
CA LEU B 446 27.99 33.82 -25.74
C LEU B 446 29.25 34.52 -25.24
N LYS B 447 29.30 34.87 -23.96
CA LYS B 447 30.57 35.28 -23.37
C LYS B 447 31.01 34.29 -22.29
N GLY B 448 32.00 33.46 -22.60
CA GLY B 448 32.35 32.34 -21.72
C GLY B 448 31.23 31.31 -21.59
N GLU B 449 30.64 31.25 -20.40
CA GLU B 449 29.53 30.32 -20.14
C GLU B 449 28.17 31.02 -20.16
N THR B 450 28.19 32.34 -20.21
CA THR B 450 26.95 33.08 -20.22
C THR B 450 26.47 33.42 -21.62
N LEU B 451 25.28 32.90 -21.89
CA LEU B 451 24.42 33.35 -22.97
C LEU B 451 23.71 34.65 -22.56
N THR B 452 23.71 35.62 -23.46
CA THR B 452 22.79 36.75 -23.38
C THR B 452 21.79 36.61 -24.51
N VAL B 453 20.55 36.44 -24.09
CA VAL B 453 19.39 36.38 -24.96
C VAL B 453 18.70 37.74 -24.91
N ASN B 454 18.64 38.36 -26.08
CA ASN B 454 18.00 39.66 -26.27
C ASN B 454 16.52 39.39 -26.55
N VAL B 455 15.68 39.59 -25.55
CA VAL B 455 14.29 39.14 -25.68
C VAL B 455 13.34 40.26 -26.12
N PRO B 456 12.80 40.12 -27.33
CA PRO B 456 12.09 41.27 -27.90
C PRO B 456 10.74 41.40 -27.25
N SER B 457 10.21 42.62 -27.25
CA SER B 457 9.04 42.98 -26.45
C SER B 457 7.79 42.29 -26.99
N ARG B 458 7.93 41.65 -28.14
CA ARG B 458 6.83 40.96 -28.78
C ARG B 458 6.62 39.54 -28.22
N ARG B 459 7.53 39.11 -27.34
CA ARG B 459 7.29 38.00 -26.42
C ARG B 459 7.40 38.61 -25.04
N LYS B 460 6.37 39.33 -24.67
CA LYS B 460 6.36 40.22 -23.51
C LYS B 460 6.23 39.42 -22.19
N ASP B 461 5.78 38.18 -22.32
CA ASP B 461 5.68 37.16 -21.26
C ASP B 461 7.02 36.80 -20.64
N ILE B 462 8.03 36.69 -21.49
CA ILE B 462 9.36 36.30 -21.07
C ILE B 462 10.08 37.46 -20.41
N THR B 463 10.12 37.45 -19.09
CA THR B 463 10.83 38.48 -18.34
C THR B 463 12.07 38.02 -17.57
N ILE B 464 12.02 36.83 -16.96
CA ILE B 464 13.07 36.35 -16.06
C ILE B 464 13.97 35.45 -16.88
N LYS B 465 14.99 34.85 -16.28
CA LYS B 465 15.66 33.73 -16.95
C LYS B 465 14.86 32.44 -16.88
N GLU B 466 14.03 32.28 -15.87
CA GLU B 466 13.17 31.09 -15.78
C GLU B 466 12.09 30.94 -16.86
N ASP B 467 11.67 32.07 -17.43
CA ASP B 467 10.73 32.07 -18.56
C ASP B 467 11.45 31.50 -19.78
N LEU B 468 12.78 31.59 -19.77
CA LEU B 468 13.60 31.08 -20.88
C LEU B 468 13.70 29.56 -20.96
N ILE B 469 13.65 28.92 -19.80
CA ILE B 469 13.75 27.48 -19.64
C ILE B 469 12.61 26.74 -20.35
N GLU B 470 11.37 27.16 -20.09
CA GLU B 470 10.26 26.60 -20.86
C GLU B 470 10.44 26.81 -22.36
N GLU B 471 11.08 27.91 -22.74
CA GLU B 471 11.34 28.14 -24.17
C GLU B 471 12.35 27.13 -24.72
N VAL B 472 13.47 26.97 -24.03
CA VAL B 472 14.36 25.88 -24.46
C VAL B 472 13.63 24.56 -24.47
N ALA B 473 13.06 24.21 -23.32
CA ALA B 473 12.34 22.96 -23.15
C ALA B 473 11.29 22.70 -24.23
N ARG B 474 10.40 23.67 -24.49
CA ARG B 474 9.28 23.43 -25.41
C ARG B 474 9.76 23.11 -26.83
N ILE B 475 10.81 23.83 -27.25
CA ILE B 475 11.31 23.71 -28.60
C ILE B 475 12.24 22.50 -28.69
N TYR B 476 13.12 22.28 -27.71
CA TYR B 476 13.79 20.99 -27.68
C TYR B 476 12.76 19.89 -27.83
N GLY B 477 11.79 19.84 -26.94
CA GLY B 477 10.69 18.91 -27.12
C GLY B 477 10.44 18.18 -25.82
N TYR B 478 9.26 18.43 -25.22
CA TYR B 478 8.80 17.74 -24.03
C TYR B 478 8.94 16.22 -24.09
N ASP B 479 8.78 15.61 -25.27
CA ASP B 479 9.10 14.19 -25.51
C ASP B 479 10.50 13.78 -25.12
N GLU B 480 11.43 14.74 -25.21
CA GLU B 480 12.85 14.49 -25.14
C GLU B 480 13.42 14.83 -23.76
N ILE B 481 12.59 15.45 -22.92
CA ILE B 481 12.80 15.43 -21.47
C ILE B 481 13.06 14.02 -20.93
N PRO B 482 14.20 13.85 -20.23
CA PRO B 482 14.45 12.53 -19.66
C PRO B 482 13.31 12.20 -18.70
N SER B 483 12.95 10.93 -18.62
CA SER B 483 12.03 10.54 -17.57
C SER B 483 12.76 10.04 -16.34
N SER B 484 12.58 10.73 -15.22
CA SER B 484 13.20 10.28 -13.98
C SER B 484 12.22 10.31 -12.78
N LEU B 485 12.59 9.61 -11.70
CA LEU B 485 11.82 9.71 -10.47
C LEU B 485 12.67 10.23 -9.34
N PRO B 486 12.12 11.16 -8.55
CA PRO B 486 12.93 11.81 -7.53
C PRO B 486 13.23 10.80 -6.43
N VAL B 487 14.44 10.87 -5.88
CA VAL B 487 14.97 9.94 -4.89
C VAL B 487 15.11 10.81 -3.67
N PHE B 488 14.38 10.47 -2.62
CA PHE B 488 14.37 11.24 -1.42
C PHE B 488 15.41 10.67 -0.45
N GLY B 489 16.34 11.53 -0.03
CA GLY B 489 17.49 11.14 0.77
C GLY B 489 16.99 11.03 2.18
N GLU B 490 15.90 11.76 2.46
CA GLU B 490 15.19 11.57 3.71
C GLU B 490 14.04 10.56 3.60
N VAL B 491 14.23 9.41 4.25
CA VAL B 491 13.46 8.23 3.91
C VAL B 491 12.32 8.02 4.89
N THR B 492 11.11 7.81 4.38
CA THR B 492 9.92 7.61 5.20
C THR B 492 9.04 6.57 4.53
N SER B 493 8.33 5.81 5.35
CA SER B 493 7.32 4.92 4.83
C SER B 493 6.07 5.72 4.56
N GLY B 494 5.54 5.61 3.35
CA GLY B 494 4.30 6.33 3.04
C GLY B 494 3.18 5.47 3.59
N GLU B 495 2.46 5.96 4.58
CA GLU B 495 1.35 5.17 5.09
C GLU B 495 0.16 6.04 5.43
N LEU B 496 -1.05 5.45 5.38
CA LEU B 496 -2.26 6.14 5.82
C LEU B 496 -2.11 6.46 7.28
N THR B 497 -2.57 7.63 7.70
CA THR B 497 -2.67 7.82 9.14
C THR B 497 -3.64 6.79 9.73
N ASP B 498 -3.57 6.66 11.06
CA ASP B 498 -4.55 5.96 11.88
C ASP B 498 -6.00 6.29 11.48
N ARG B 499 -6.31 7.58 11.43
CA ARG B 499 -7.62 8.06 11.02
C ARG B 499 -7.94 7.73 9.58
N GLN B 500 -6.99 7.93 8.69
CA GLN B 500 -7.21 7.48 7.31
C GLN B 500 -7.48 6.00 7.19
N HIS B 501 -6.77 5.20 7.96
CA HIS B 501 -7.00 3.77 7.97
C HIS B 501 -8.36 3.36 8.50
N LYS B 502 -8.81 3.97 9.60
CA LYS B 502 -10.10 3.65 10.20
C LYS B 502 -11.17 3.95 9.18
N THR B 503 -10.92 5.00 8.40
CA THR B 503 -11.93 5.47 7.47
C THR B 503 -12.10 4.46 6.34
N ARG B 504 -10.99 4.08 5.72
CA ARG B 504 -11.04 3.10 4.64
C ARG B 504 -11.72 1.85 5.16
N THR B 505 -11.39 1.47 6.39
CA THR B 505 -11.89 0.23 6.98
C THR B 505 -13.40 0.27 7.26
N LEU B 506 -13.82 1.35 7.89
CA LEU B 506 -15.19 1.67 8.16
C LEU B 506 -16.01 1.71 6.90
N LYS B 507 -15.46 2.33 5.86
CA LYS B 507 -16.15 2.28 4.57
C LYS B 507 -16.37 0.84 4.08
N GLU B 508 -15.34 0.00 4.12
CA GLU B 508 -15.52 -1.40 3.68
C GLU B 508 -16.64 -2.09 4.46
N THR B 509 -16.77 -1.73 5.73
CA THR B 509 -17.67 -2.47 6.61
C THR B 509 -19.11 -2.04 6.31
N LEU B 510 -19.28 -0.75 6.07
CA LEU B 510 -20.53 -0.23 5.50
C LEU B 510 -20.95 -0.87 4.18
N GLU B 511 -20.04 -0.87 3.22
CA GLU B 511 -20.23 -1.54 1.92
C GLU B 511 -20.52 -3.05 2.07
N GLY B 512 -19.70 -3.70 2.88
CA GLY B 512 -20.00 -5.04 3.37
C GLY B 512 -21.40 -5.32 3.91
N ALA B 513 -22.01 -4.37 4.60
CA ALA B 513 -23.41 -4.48 5.01
C ALA B 513 -24.47 -4.07 3.97
N GLY B 514 -24.06 -3.66 2.78
CA GLY B 514 -25.01 -3.44 1.69
C GLY B 514 -25.26 -1.97 1.38
N LEU B 515 -24.59 -1.06 2.08
CA LEU B 515 -24.71 0.35 1.84
C LEU B 515 -23.76 0.79 0.76
N ASN B 516 -24.32 1.57 -0.17
CA ASN B 516 -23.56 2.24 -1.24
C ASN B 516 -23.02 3.57 -0.76
N GLN B 517 -21.78 3.87 -1.10
CA GLN B 517 -21.26 5.18 -0.78
C GLN B 517 -21.88 6.29 -1.63
N ALA B 518 -22.56 7.25 -1.00
CA ALA B 518 -23.07 8.40 -1.75
C ALA B 518 -22.07 9.54 -1.64
N ILE B 519 -22.07 10.42 -2.63
CA ILE B 519 -21.41 11.72 -2.49
C ILE B 519 -22.49 12.73 -2.86
N THR B 520 -22.75 13.69 -1.99
CA THR B 520 -23.77 14.71 -2.23
C THR B 520 -23.13 16.11 -2.28
N TYR B 521 -23.91 17.07 -2.77
CA TYR B 521 -23.55 18.47 -2.79
C TYR B 521 -23.59 19.04 -1.39
N SER B 522 -22.51 19.75 -1.06
CA SER B 522 -22.41 20.48 0.19
C SER B 522 -23.41 21.61 0.37
N LEU B 523 -23.78 22.26 -0.74
CA LEU B 523 -24.68 23.43 -0.74
C LEU B 523 -26.15 23.04 -0.88
N VAL B 524 -26.96 23.60 0.02
CA VAL B 524 -28.39 23.33 0.06
C VAL B 524 -29.08 24.70 -0.07
N SER B 525 -30.41 24.73 -0.09
CA SER B 525 -31.15 25.97 0.01
C SER B 525 -30.86 26.55 1.38
N LYS B 526 -30.90 27.86 1.53
CA LYS B 526 -30.81 28.49 2.84
C LYS B 526 -31.84 27.84 3.76
N ASP B 527 -33.00 27.56 3.19
CA ASP B 527 -34.09 26.91 3.89
C ASP B 527 -33.79 25.55 4.51
N HIS B 528 -32.92 24.76 3.89
CA HIS B 528 -32.62 23.44 4.45
C HIS B 528 -31.35 23.37 5.28
N ALA B 529 -30.66 24.50 5.42
CA ALA B 529 -29.27 24.41 5.89
C ALA B 529 -29.21 24.03 7.36
N LYS B 530 -30.28 24.32 8.10
CA LYS B 530 -30.36 24.02 9.53
C LYS B 530 -31.11 22.76 9.92
N ASP B 531 -31.66 22.06 8.94
CA ASP B 531 -32.31 20.78 9.19
C ASP B 531 -31.41 19.81 9.94
N PHE B 532 -32.03 19.03 10.83
CA PHE B 532 -31.37 18.12 11.75
C PHE B 532 -30.13 18.63 12.47
N ALA B 533 -29.83 19.93 12.44
CA ALA B 533 -28.69 20.45 13.20
C ALA B 533 -28.86 20.07 14.67
N LEU B 534 -27.77 19.65 15.32
CA LEU B 534 -27.84 19.24 16.72
C LEU B 534 -28.11 20.41 17.69
N GLN B 535 -27.08 21.18 18.03
CA GLN B 535 -26.54 22.24 17.17
C GLN B 535 -27.33 23.49 16.76
N GLU B 536 -27.64 24.43 17.66
CA GLU B 536 -28.09 25.72 17.12
C GLU B 536 -27.00 26.75 16.79
N ARG B 537 -26.48 26.68 15.57
CA ARG B 537 -25.33 27.47 15.15
C ARG B 537 -25.61 28.20 13.83
N PRO B 538 -24.85 29.27 13.56
CA PRO B 538 -25.10 30.05 12.35
C PRO B 538 -24.69 29.30 11.08
N THR B 539 -25.45 29.49 10.01
CA THR B 539 -25.08 28.85 8.76
C THR B 539 -24.16 29.73 7.94
N ILE B 540 -23.61 29.16 6.87
CA ILE B 540 -22.67 29.87 6.04
C ILE B 540 -23.22 30.01 4.63
N SER B 541 -23.60 31.23 4.26
CA SER B 541 -24.23 31.46 2.96
C SER B 541 -23.31 32.07 1.92
N LEU B 542 -23.45 31.66 0.68
CA LEU B 542 -22.66 32.29 -0.38
C LEU B 542 -23.18 33.70 -0.66
N LEU B 543 -22.23 34.59 -0.93
CA LEU B 543 -22.50 35.92 -1.46
C LEU B 543 -23.30 35.82 -2.73
N MET B 544 -22.89 34.95 -3.64
CA MET B 544 -23.45 34.97 -5.00
C MET B 544 -23.88 33.60 -5.51
N PRO B 545 -24.93 33.00 -4.94
CA PRO B 545 -25.26 31.64 -5.33
C PRO B 545 -25.61 31.59 -6.79
N MET B 546 -25.46 30.42 -7.41
CA MET B 546 -25.86 30.26 -8.79
C MET B 546 -27.29 29.74 -8.83
N SER B 547 -27.66 29.04 -7.77
CA SER B 547 -28.94 28.36 -7.70
C SER B 547 -29.44 28.56 -6.28
N GLU B 548 -30.75 28.73 -6.10
CA GLU B 548 -31.34 28.72 -4.76
C GLU B 548 -31.16 27.38 -4.06
N ALA B 549 -30.99 26.31 -4.82
CA ALA B 549 -30.81 24.96 -4.29
C ALA B 549 -29.44 24.88 -3.63
N HIS B 550 -28.52 25.76 -4.04
CA HIS B 550 -27.12 25.66 -3.67
C HIS B 550 -26.59 26.99 -3.19
N ALA B 551 -27.11 27.44 -2.07
CA ALA B 551 -26.94 28.82 -1.61
C ALA B 551 -26.21 28.86 -0.28
N THR B 552 -26.41 27.80 0.50
CA THR B 552 -25.91 27.79 1.87
C THR B 552 -25.29 26.42 2.19
N LEU B 553 -24.23 26.39 2.99
CA LEU B 553 -23.62 25.14 3.40
C LEU B 553 -24.43 24.39 4.44
N ARG B 554 -24.62 23.12 4.16
CA ARG B 554 -25.37 22.19 4.99
C ARG B 554 -24.77 22.09 6.38
N GLN B 555 -25.67 21.94 7.36
CA GLN B 555 -25.29 21.58 8.69
C GLN B 555 -25.59 20.10 8.98
N SER B 556 -26.15 19.40 8.01
CA SER B 556 -26.54 18.00 8.13
C SER B 556 -26.33 17.36 6.77
N LEU B 557 -25.96 16.09 6.76
CA LEU B 557 -25.88 15.33 5.52
C LEU B 557 -27.24 14.80 5.03
N LEU B 558 -28.23 14.76 5.91
CA LEU B 558 -29.50 14.14 5.53
C LEU B 558 -30.36 14.82 4.46
N PRO B 559 -30.48 16.16 4.48
CA PRO B 559 -31.34 16.73 3.44
C PRO B 559 -31.06 16.19 2.03
N HIS B 560 -29.80 16.17 1.64
CA HIS B 560 -29.45 15.65 0.32
C HIS B 560 -29.42 14.14 0.18
N LEU B 561 -29.26 13.44 1.30
CA LEU B 561 -29.46 11.99 1.31
C LEU B 561 -30.94 11.65 1.21
N ILE B 562 -31.78 12.37 1.93
CA ILE B 562 -33.21 12.14 1.77
C ILE B 562 -33.60 12.48 0.32
N GLU B 563 -33.21 13.64 -0.14
CA GLU B 563 -33.40 13.97 -1.56
C GLU B 563 -33.02 12.87 -2.56
N ALA B 564 -31.89 12.19 -2.33
CA ALA B 564 -31.39 11.17 -3.25
C ALA B 564 -32.29 9.97 -3.19
N THR B 565 -32.89 9.78 -2.02
CA THR B 565 -33.70 8.60 -1.74
C THR B 565 -35.03 8.73 -2.40
N ALA B 566 -35.67 9.86 -2.15
CA ALA B 566 -36.83 10.30 -2.91
C ALA B 566 -36.64 10.16 -4.41
N TYR B 567 -35.54 10.69 -4.94
CA TYR B 567 -35.20 10.51 -6.35
C TYR B 567 -35.24 9.07 -6.79
N ASN B 568 -34.67 8.19 -5.96
CA ASN B 568 -34.51 6.81 -6.36
C ASN B 568 -35.90 6.20 -6.36
N VAL B 569 -36.68 6.60 -5.37
CA VAL B 569 -37.95 5.95 -5.16
C VAL B 569 -38.80 6.40 -6.34
N ALA B 570 -38.78 7.69 -6.69
CA ALA B 570 -39.55 8.21 -7.82
C ALA B 570 -39.13 7.51 -9.11
N ARG B 571 -37.91 6.97 -9.16
CA ARG B 571 -37.43 6.28 -10.35
C ARG B 571 -37.64 4.79 -10.23
N LYS B 572 -38.38 4.40 -9.19
CA LYS B 572 -38.72 3.02 -8.88
C LYS B 572 -37.59 2.10 -8.40
N ASN B 573 -36.48 2.66 -7.94
CA ASN B 573 -35.56 1.93 -7.08
C ASN B 573 -36.11 1.97 -5.66
N LYS B 574 -36.79 0.92 -5.22
CA LYS B 574 -37.47 0.96 -3.92
C LYS B 574 -36.53 0.70 -2.75
N ASP B 575 -35.40 0.07 -3.02
CA ASP B 575 -34.44 -0.33 -2.02
C ASP B 575 -33.18 0.54 -2.15
N VAL B 576 -33.00 1.44 -1.18
CA VAL B 576 -31.94 2.45 -1.24
C VAL B 576 -31.23 2.33 0.09
N ARG B 577 -29.94 2.07 0.01
CA ARG B 577 -29.10 2.09 1.22
C ARG B 577 -27.88 2.93 0.86
N LEU B 578 -27.70 4.05 1.55
CA LEU B 578 -26.65 5.00 1.20
C LEU B 578 -26.03 5.33 2.52
N TYR B 579 -24.71 5.49 2.50
CA TYR B 579 -24.06 6.15 3.62
C TYR B 579 -23.23 7.22 2.94
N GLU B 580 -22.92 8.27 3.68
CA GLU B 580 -21.97 9.24 3.24
C GLU B 580 -21.14 9.62 4.45
N ILE B 581 -19.85 9.88 4.23
CA ILE B 581 -19.01 10.58 5.17
C ILE B 581 -18.60 11.88 4.48
N GLY B 582 -18.85 13.02 5.12
CA GLY B 582 -18.63 14.30 4.49
C GLY B 582 -18.79 15.40 5.51
N ARG B 583 -18.62 16.65 5.10
CA ARG B 583 -18.49 17.68 6.11
C ARG B 583 -19.76 18.48 6.16
N VAL B 584 -19.99 19.09 7.30
CA VAL B 584 -21.04 20.07 7.43
C VAL B 584 -20.31 21.17 8.15
N PHE B 585 -21.00 22.31 8.26
CA PHE B 585 -20.31 23.57 8.36
C PHE B 585 -21.11 24.45 9.32
N PHE B 586 -20.40 25.04 10.28
CA PHE B 586 -21.04 25.80 11.34
C PHE B 586 -20.30 27.14 11.41
N GLY B 587 -21.05 28.25 11.36
CA GLY B 587 -20.50 29.60 11.35
C GLY B 587 -19.72 29.94 12.61
N ASN B 588 -18.53 30.50 12.43
CA ASN B 588 -17.84 31.08 13.58
C ASN B 588 -17.96 32.59 13.50
N GLY B 589 -18.67 33.05 12.48
CA GLY B 589 -19.12 34.42 12.38
C GLY B 589 -17.93 35.35 12.17
N GLU B 590 -18.12 36.39 11.37
CA GLU B 590 -17.36 37.61 11.59
C GLU B 590 -16.05 37.43 10.85
N GLY B 591 -16.17 37.01 9.58
CA GLY B 591 -14.99 36.76 8.76
C GLY B 591 -14.02 35.82 9.46
N GLU B 592 -14.56 34.81 10.13
CA GLU B 592 -13.72 33.69 10.48
C GLU B 592 -14.16 32.46 9.72
N LEU B 593 -13.19 31.59 9.44
CA LEU B 593 -13.42 30.29 8.81
C LEU B 593 -14.37 29.42 9.65
N PRO B 594 -15.28 28.70 8.99
CA PRO B 594 -16.28 28.05 9.84
C PRO B 594 -15.65 26.84 10.52
N ASP B 595 -16.37 26.24 11.47
CA ASP B 595 -16.07 24.88 11.91
C ASP B 595 -16.57 23.85 10.90
N GLU B 596 -15.65 23.15 10.26
CA GLU B 596 -16.03 22.05 9.35
C GLU B 596 -15.96 20.77 10.18
N VAL B 597 -17.07 20.04 10.19
CA VAL B 597 -17.17 18.80 10.94
C VAL B 597 -17.49 17.63 10.03
N GLU B 598 -16.66 16.59 10.11
CA GLU B 598 -16.87 15.35 9.36
C GLU B 598 -17.99 14.59 10.06
N TYR B 599 -18.99 14.17 9.26
CA TYR B 599 -20.12 13.40 9.76
C TYR B 599 -20.13 12.09 9.03
N LEU B 600 -20.71 11.09 9.69
CA LEU B 600 -21.06 9.84 9.03
C LEU B 600 -22.58 9.74 9.04
N SER B 601 -23.21 9.62 7.88
CA SER B 601 -24.67 9.52 7.87
C SER B 601 -25.12 8.47 6.87
N GLY B 602 -26.41 8.13 6.93
CA GLY B 602 -26.88 7.26 5.89
C GLY B 602 -28.37 7.12 6.01
N ILE B 603 -28.92 6.33 5.11
CA ILE B 603 -30.33 6.37 4.92
C ILE B 603 -30.65 5.07 4.22
N LEU B 604 -31.80 4.52 4.62
CA LEU B 604 -32.13 3.14 4.45
C LEU B 604 -33.64 2.98 4.27
N THR B 605 -34.05 2.31 3.19
CA THR B 605 -35.48 2.02 3.04
C THR B 605 -35.62 0.81 2.13
N GLY B 606 -36.70 0.06 2.25
CA GLY B 606 -36.99 -1.01 1.30
C GLY B 606 -36.62 -2.35 1.93
N GLU B 607 -36.28 -3.34 1.13
CA GLU B 607 -35.90 -4.61 1.71
C GLU B 607 -34.42 -4.72 1.94
N TYR B 608 -34.09 -5.40 3.03
CA TYR B 608 -32.72 -5.67 3.37
C TYR B 608 -32.30 -7.00 2.83
N VAL B 609 -33.18 -7.99 3.05
CA VAL B 609 -33.01 -9.35 2.60
C VAL B 609 -34.23 -9.83 1.85
N VAL B 610 -33.96 -10.36 0.67
CA VAL B 610 -35.00 -11.07 -0.06
C VAL B 610 -34.47 -12.40 -0.61
N ASN B 611 -35.35 -13.40 -0.65
CA ASN B 611 -35.24 -14.54 -1.55
C ASN B 611 -36.63 -15.15 -1.71
N ALA B 612 -37.30 -14.85 -2.80
CA ALA B 612 -38.75 -14.91 -2.79
C ALA B 612 -39.22 -16.35 -2.86
N TRP B 613 -38.54 -17.19 -3.64
CA TRP B 613 -38.94 -18.60 -3.75
C TRP B 613 -38.95 -19.26 -2.37
N GLN B 614 -38.14 -18.72 -1.46
CA GLN B 614 -38.02 -19.23 -0.10
C GLN B 614 -38.91 -18.41 0.84
N GLY B 615 -39.55 -17.36 0.33
CA GLY B 615 -40.41 -16.53 1.19
C GLY B 615 -39.65 -15.64 2.16
N LYS B 616 -38.39 -15.33 1.83
CA LYS B 616 -37.64 -14.41 2.66
C LYS B 616 -37.76 -13.01 2.13
N LYS B 617 -38.15 -12.13 3.05
CA LYS B 617 -38.41 -10.75 2.73
C LYS B 617 -38.24 -10.07 4.08
N GLU B 618 -37.10 -9.46 4.32
CA GLU B 618 -36.92 -8.78 5.59
C GLU B 618 -36.76 -7.29 5.37
N GLU B 619 -37.82 -6.57 5.70
CA GLU B 619 -37.96 -5.14 5.49
C GLU B 619 -37.02 -4.35 6.38
N ILE B 620 -36.48 -3.27 5.86
CA ILE B 620 -35.68 -2.45 6.72
C ILE B 620 -36.62 -1.77 7.72
N ASP B 621 -36.31 -1.96 9.01
CA ASP B 621 -36.93 -1.24 10.12
C ASP B 621 -35.91 -0.51 10.97
N PHE B 622 -36.38 0.01 12.10
CA PHE B 622 -35.55 0.86 12.95
C PHE B 622 -34.42 0.02 13.53
N PHE B 623 -34.70 -1.23 13.88
CA PHE B 623 -33.64 -2.10 14.42
C PHE B 623 -32.57 -2.68 13.51
N ILE B 624 -32.84 -2.72 12.21
CA ILE B 624 -31.79 -2.78 11.19
C ILE B 624 -30.95 -1.51 11.02
N ALA B 625 -31.58 -0.34 11.06
CA ALA B 625 -30.81 0.90 11.07
C ALA B 625 -29.94 0.87 12.32
N LYS B 626 -30.53 0.50 13.45
CA LYS B 626 -29.72 0.29 14.66
C LYS B 626 -28.55 -0.69 14.50
N GLY B 627 -28.77 -1.83 13.85
CA GLY B 627 -27.70 -2.79 13.60
C GLY B 627 -26.52 -2.22 12.86
N VAL B 628 -26.75 -1.20 12.04
CA VAL B 628 -25.78 -0.61 11.12
C VAL B 628 -24.89 0.29 11.95
N VAL B 629 -25.53 1.12 12.78
CA VAL B 629 -24.81 1.89 13.78
C VAL B 629 -24.01 1.06 14.77
N ASP B 630 -24.61 0.03 15.33
CA ASP B 630 -23.86 -0.96 16.12
C ASP B 630 -22.70 -1.67 15.40
N ARG B 631 -22.78 -1.83 14.10
CA ARG B 631 -21.72 -2.47 13.34
C ARG B 631 -20.59 -1.46 13.20
N VAL B 632 -20.93 -0.21 12.95
CA VAL B 632 -19.97 0.88 13.00
C VAL B 632 -19.15 0.95 14.28
N ALA B 633 -19.85 0.94 15.40
CA ALA B 633 -19.26 0.98 16.74
C ALA B 633 -18.48 -0.31 17.02
N GLU B 634 -19.11 -1.45 16.81
CA GLU B 634 -18.38 -2.70 16.79
C GLU B 634 -17.04 -2.60 16.06
N LYS B 635 -17.05 -2.24 14.78
CA LYS B 635 -15.81 -2.12 13.97
C LYS B 635 -14.74 -1.16 14.50
N LEU B 636 -15.17 -0.07 15.12
CA LEU B 636 -14.23 0.97 15.48
C LEU B 636 -13.85 0.82 16.94
N ASN B 637 -14.45 -0.20 17.57
CA ASN B 637 -14.18 -0.48 18.96
C ASN B 637 -14.73 0.64 19.83
N LEU B 638 -15.93 1.10 19.49
CA LEU B 638 -16.56 2.18 20.25
C LEU B 638 -17.76 1.59 20.98
N GLU B 639 -18.19 2.28 22.03
CA GLU B 639 -19.28 1.85 22.89
C GLU B 639 -20.29 2.97 22.70
N PHE B 640 -21.39 2.69 22.00
CA PHE B 640 -22.42 3.72 21.81
C PHE B 640 -23.55 3.35 22.77
N SER B 641 -24.25 4.37 23.30
CA SER B 641 -25.53 4.16 23.93
C SER B 641 -26.67 4.89 23.19
N TYR B 642 -27.89 4.43 23.46
CA TYR B 642 -29.08 4.85 22.74
C TYR B 642 -30.19 5.12 23.74
N LYS B 643 -30.77 6.30 23.64
CA LYS B 643 -31.98 6.61 24.41
C LYS B 643 -32.96 7.35 23.51
N ALA B 644 -34.26 7.17 23.78
CA ALA B 644 -35.30 7.79 22.99
C ALA B 644 -35.06 9.28 23.05
N GLY B 645 -35.27 9.96 21.93
CA GLY B 645 -35.13 11.40 21.90
C GLY B 645 -35.99 11.86 20.75
N LYS B 646 -35.81 13.10 20.33
CA LYS B 646 -36.71 13.70 19.36
C LYS B 646 -35.85 14.64 18.55
N ILE B 647 -35.82 14.43 17.23
CA ILE B 647 -35.21 15.38 16.32
C ILE B 647 -36.28 15.86 15.32
N GLU B 648 -36.52 17.17 15.25
CA GLU B 648 -37.13 17.84 14.11
CA GLU B 648 -37.26 17.76 14.14
C GLU B 648 -37.03 17.07 12.79
N GLY B 649 -38.11 16.45 12.31
CA GLY B 649 -38.11 15.83 11.00
C GLY B 649 -38.01 14.33 11.08
N LEU B 650 -37.74 13.83 12.28
CA LEU B 650 -37.68 12.40 12.51
C LEU B 650 -38.93 11.97 13.28
N HIS B 651 -39.28 10.69 13.20
CA HIS B 651 -40.46 10.14 13.86
C HIS B 651 -40.25 10.15 15.38
N PRO B 652 -41.03 10.93 16.13
CA PRO B 652 -40.68 11.24 17.51
C PRO B 652 -40.73 10.01 18.42
N GLY B 653 -41.41 8.96 17.98
CA GLY B 653 -41.44 7.71 18.74
C GLY B 653 -40.49 6.67 18.18
N ARG B 654 -39.64 7.07 17.24
CA ARG B 654 -38.75 6.11 16.62
C ARG B 654 -37.41 6.74 16.33
N THR B 655 -36.97 7.55 17.28
CA THR B 655 -35.75 8.33 17.20
C THR B 655 -34.92 8.03 18.46
N ALA B 656 -33.64 7.71 18.26
CA ALA B 656 -32.71 7.55 19.35
C ALA B 656 -31.56 8.50 19.11
N ILE B 657 -31.25 9.25 20.15
CA ILE B 657 -29.98 9.90 20.32
C ILE B 657 -28.86 8.92 20.63
N VAL B 658 -27.74 9.13 19.94
CA VAL B 658 -26.63 8.23 20.04
C VAL B 658 -25.56 8.95 20.83
N SER B 659 -25.07 8.29 21.87
CA SER B 659 -24.06 8.87 22.72
C SER B 659 -22.79 8.05 22.72
N LEU B 660 -21.68 8.76 22.89
CA LEU B 660 -20.38 8.13 22.98
C LEU B 660 -19.63 8.80 24.13
N GLY B 661 -19.28 8.03 25.14
CA GLY B 661 -18.49 8.63 26.22
C GLY B 661 -19.20 9.77 26.91
N GLY B 662 -20.51 9.66 27.07
CA GLY B 662 -21.23 10.64 27.85
C GLY B 662 -21.73 11.81 27.03
N ALA B 663 -21.39 11.84 25.75
CA ALA B 663 -21.79 12.98 24.93
C ALA B 663 -22.47 12.42 23.69
N GLY B 664 -23.63 12.98 23.37
CA GLY B 664 -24.42 12.62 22.19
C GLY B 664 -23.59 12.94 20.97
N ILE B 665 -23.49 12.02 20.03
CA ILE B 665 -22.70 12.33 18.85
C ILE B 665 -23.57 12.28 17.60
N GLY B 666 -24.86 12.01 17.78
CA GLY B 666 -25.82 11.95 16.69
C GLY B 666 -27.09 11.22 17.08
N PHE B 667 -27.69 10.55 16.13
CA PHE B 667 -29.05 10.09 16.30
C PHE B 667 -29.29 9.05 15.22
N ILE B 668 -30.31 8.22 15.45
CA ILE B 668 -30.81 7.27 14.45
C ILE B 668 -32.33 7.42 14.51
N GLY B 669 -32.98 7.52 13.37
CA GLY B 669 -34.41 7.67 13.47
C GLY B 669 -35.10 7.31 12.20
N GLU B 670 -36.35 6.86 12.35
CA GLU B 670 -37.28 6.92 11.25
C GLU B 670 -37.61 8.34 10.78
N LEU B 671 -37.63 8.57 9.48
CA LEU B 671 -38.20 9.86 9.03
C LEU B 671 -39.60 10.12 9.58
N HIS B 672 -39.89 11.36 9.96
CA HIS B 672 -41.25 11.74 10.30
C HIS B 672 -42.24 11.29 9.22
N PRO B 673 -43.38 10.74 9.63
CA PRO B 673 -44.43 10.37 8.68
C PRO B 673 -44.83 11.50 7.70
N GLN B 674 -44.95 12.73 8.21
CA GLN B 674 -45.03 13.88 7.30
C GLN B 674 -43.90 13.96 6.26
N VAL B 675 -42.66 13.80 6.68
CA VAL B 675 -41.53 13.93 5.75
C VAL B 675 -41.51 12.79 4.74
N ALA B 676 -41.69 11.56 5.19
CA ALA B 676 -41.80 10.46 4.25
C ALA B 676 -42.89 10.77 3.22
N ALA B 677 -44.09 11.13 3.68
CA ALA B 677 -45.19 11.51 2.79
C ALA B 677 -44.80 12.53 1.74
N ASP B 678 -44.30 13.67 2.17
CA ASP B 678 -43.82 14.70 1.24
C ASP B 678 -42.82 14.23 0.18
N ASN B 679 -42.16 13.10 0.43
CA ASN B 679 -41.08 12.66 -0.43
C ASN B 679 -41.50 11.40 -1.16
N ASP B 680 -42.75 11.00 -0.95
CA ASP B 680 -43.36 9.80 -1.48
C ASP B 680 -42.50 8.62 -1.06
N LEU B 681 -42.17 8.56 0.24
CA LEU B 681 -41.32 7.48 0.76
C LEU B 681 -42.06 6.50 1.67
N LYS B 682 -41.55 5.28 1.77
CA LYS B 682 -42.16 4.30 2.64
C LYS B 682 -41.34 4.43 3.90
N ARG B 683 -41.40 3.47 4.82
CA ARG B 683 -40.55 3.55 5.99
C ARG B 683 -39.04 3.70 5.71
N THR B 684 -38.39 4.70 6.32
CA THR B 684 -37.09 5.17 5.83
C THR B 684 -36.39 5.57 7.09
N TYR B 685 -35.13 5.15 7.22
CA TYR B 685 -34.30 5.30 8.41
C TYR B 685 -33.02 6.04 8.05
N VAL B 686 -32.66 7.00 8.91
CA VAL B 686 -31.50 7.85 8.74
C VAL B 686 -30.71 7.73 10.04
N PHE B 687 -29.40 7.86 9.91
CA PHE B 687 -28.52 7.98 11.06
C PHE B 687 -27.54 9.08 10.71
N GLU B 688 -27.09 9.80 11.73
CA GLU B 688 -26.18 10.90 11.53
C GLU B 688 -25.33 10.97 12.76
N LEU B 689 -24.01 11.02 12.57
CA LEU B 689 -23.07 10.84 13.66
C LEU B 689 -21.88 11.73 13.38
N ASN B 690 -21.45 12.45 14.42
CA ASN B 690 -20.24 13.24 14.38
C ASN B 690 -19.07 12.28 14.33
N TYR B 691 -18.46 12.16 13.16
CA TYR B 691 -17.32 11.31 12.92
C TYR B 691 -16.00 11.85 13.53
N ASP B 692 -15.85 13.17 13.52
CA ASP B 692 -14.90 13.83 14.40
C ASP B 692 -14.89 13.37 15.85
N ALA B 693 -16.00 13.51 16.58
CA ALA B 693 -16.05 12.95 17.94
C ALA B 693 -15.70 11.48 17.98
N MET B 694 -16.15 10.70 17.00
CA MET B 694 -15.91 9.26 17.03
C MET B 694 -14.41 8.99 16.90
N MET B 695 -13.76 9.82 16.11
CA MET B 695 -12.38 9.58 15.74
C MET B 695 -11.49 10.21 16.79
N GLN B 696 -12.08 11.03 17.66
CA GLN B 696 -11.40 11.57 18.82
C GLN B 696 -10.95 10.47 19.79
N VAL B 697 -11.73 9.40 19.89
CA VAL B 697 -11.52 8.38 20.92
C VAL B 697 -10.33 7.52 20.49
N ALA B 698 -9.27 7.51 21.31
CA ALA B 698 -8.12 6.68 21.03
C ALA B 698 -8.39 5.32 21.64
N VAL B 699 -8.47 4.27 20.81
CA VAL B 699 -9.03 3.03 21.32
C VAL B 699 -7.95 2.02 21.71
N GLY B 700 -6.71 2.28 21.33
CA GLY B 700 -5.59 1.46 21.80
C GLY B 700 -5.46 0.23 20.94
N TYR B 701 -4.77 -0.78 21.46
CA TYR B 701 -4.77 -2.12 20.88
C TYR B 701 -6.02 -2.84 21.35
N ILE B 702 -6.47 -3.78 20.52
CA ILE B 702 -7.61 -4.65 20.85
C ILE B 702 -7.26 -5.37 22.15
N ASN B 703 -8.22 -5.44 23.07
CA ASN B 703 -7.99 -6.10 24.35
C ASN B 703 -8.41 -7.56 24.30
N TYR B 704 -7.44 -8.45 24.51
CA TYR B 704 -7.73 -9.87 24.54
C TYR B 704 -8.00 -10.32 25.97
N GLU B 705 -8.96 -11.22 26.13
CA GLU B 705 -9.18 -11.90 27.42
C GLU B 705 -9.22 -13.39 27.09
N GLN B 706 -8.51 -14.20 27.86
CA GLN B 706 -8.47 -15.62 27.56
C GLN B 706 -9.87 -16.22 27.68
N ILE B 707 -10.18 -17.21 26.86
CA ILE B 707 -11.48 -17.84 26.94
C ILE B 707 -11.70 -18.43 28.34
N PRO B 708 -12.80 -18.03 28.98
CA PRO B 708 -13.23 -18.52 30.29
C PRO B 708 -13.09 -20.03 30.41
N LYS B 709 -12.48 -20.48 31.51
CA LYS B 709 -12.29 -21.90 31.78
C LYS B 709 -13.57 -22.75 31.88
N PHE B 710 -14.60 -22.26 32.55
CA PHE B 710 -15.83 -23.07 32.61
C PHE B 710 -17.08 -22.30 32.22
N PRO B 711 -18.16 -23.03 31.92
CA PRO B 711 -19.33 -22.43 31.29
C PRO B 711 -20.12 -21.64 32.33
N GLY B 712 -20.90 -20.67 31.85
CA GLY B 712 -21.65 -19.82 32.75
C GLY B 712 -22.93 -20.54 33.04
N VAL B 713 -23.90 -19.82 33.59
CA VAL B 713 -25.19 -20.40 33.96
C VAL B 713 -26.15 -19.39 33.34
N THR B 714 -27.25 -19.82 32.74
CA THR B 714 -28.21 -18.87 32.19
C THR B 714 -29.49 -19.02 33.00
N ARG B 715 -30.22 -17.92 33.21
CA ARG B 715 -31.61 -18.00 33.64
C ARG B 715 -32.47 -16.97 32.95
N ASP B 716 -33.70 -17.34 32.61
CA ASP B 716 -34.67 -16.43 32.00
C ASP B 716 -35.52 -15.83 33.10
N ILE B 717 -35.90 -14.57 32.92
CA ILE B 717 -36.94 -13.96 33.74
C ILE B 717 -37.97 -13.27 32.87
N ALA B 718 -39.23 -13.38 33.26
CA ALA B 718 -40.35 -12.77 32.59
C ALA B 718 -40.92 -11.76 33.59
N LEU B 719 -41.25 -10.58 33.10
CA LEU B 719 -41.39 -9.38 33.94
C LEU B 719 -42.55 -8.66 33.30
N GLU B 720 -43.38 -8.01 34.10
CA GLU B 720 -44.37 -7.12 33.53
C GLU B 720 -44.08 -5.77 34.14
N VAL B 721 -44.19 -4.74 33.31
CA VAL B 721 -43.76 -3.43 33.70
C VAL B 721 -44.64 -2.44 32.92
N ASN B 722 -44.78 -1.21 33.38
CA ASN B 722 -45.41 -0.17 32.58
C ASN B 722 -44.82 -0.01 31.19
N HIS B 723 -45.67 0.27 30.21
CA HIS B 723 -45.18 0.14 28.83
C HIS B 723 -44.06 1.13 28.51
N ASP B 724 -43.80 2.10 29.39
CA ASP B 724 -42.92 3.22 29.06
C ASP B 724 -41.48 2.94 29.45
N VAL B 725 -41.27 1.93 30.27
CA VAL B 725 -39.96 1.64 30.83
C VAL B 725 -39.06 1.14 29.70
N PRO B 726 -37.98 1.88 29.44
CA PRO B 726 -37.02 1.33 28.50
C PRO B 726 -36.33 0.06 28.99
N SER B 727 -36.17 -0.91 28.09
CA SER B 727 -35.40 -2.10 28.41
C SER B 727 -34.06 -1.72 29.07
N SER B 728 -33.42 -0.67 28.58
CA SER B 728 -32.15 -0.22 29.15
C SER B 728 -32.17 -0.13 30.66
N GLU B 729 -33.29 0.33 31.23
CA GLU B 729 -33.44 0.53 32.68
C GLU B 729 -33.59 -0.76 33.46
N LEU B 730 -34.21 -1.76 32.85
CA LEU B 730 -34.33 -3.04 33.51
C LEU B 730 -32.99 -3.75 33.55
N LYS B 731 -32.18 -3.54 32.50
CA LYS B 731 -30.90 -4.21 32.37
C LYS B 731 -29.94 -3.59 33.36
N GLN B 732 -30.00 -2.28 33.43
CA GLN B 732 -29.25 -1.59 34.45
C GLN B 732 -29.51 -2.11 35.87
N ILE B 733 -30.78 -2.19 36.27
CA ILE B 733 -31.18 -2.79 37.54
C ILE B 733 -30.53 -4.16 37.74
N ILE B 734 -30.62 -5.01 36.72
CA ILE B 734 -30.02 -6.34 36.75
C ILE B 734 -28.51 -6.36 36.92
N HIS B 735 -27.80 -5.65 36.03
CA HIS B 735 -26.36 -5.55 36.14
C HIS B 735 -26.00 -4.93 37.48
N ASN B 736 -26.78 -3.94 37.93
CA ASN B 736 -26.46 -3.38 39.24
C ASN B 736 -26.51 -4.33 40.43
N ASN B 737 -27.35 -5.35 40.34
CA ASN B 737 -27.48 -6.36 41.38
C ASN B 737 -26.88 -7.72 41.03
N GLY B 738 -26.13 -7.81 39.92
CA GLY B 738 -25.47 -9.03 39.48
C GLY B 738 -24.08 -9.25 40.06
N GLU B 739 -23.65 -8.33 40.93
CA GLU B 739 -22.37 -8.47 41.61
C GLU B 739 -21.22 -8.83 40.67
N ASP B 740 -20.67 -10.02 40.85
CA ASP B 740 -19.47 -10.52 40.17
C ASP B 740 -19.79 -11.16 38.83
N ILE B 741 -20.97 -11.79 38.74
CA ILE B 741 -21.12 -13.00 37.93
C ILE B 741 -22.17 -12.81 36.85
N LEU B 742 -22.88 -11.70 36.95
CA LEU B 742 -23.72 -11.31 35.83
C LEU B 742 -22.88 -10.77 34.68
N GLN B 743 -22.89 -11.46 33.54
CA GLN B 743 -22.03 -11.11 32.41
C GLN B 743 -22.76 -10.32 31.31
N SER B 744 -24.02 -10.68 31.06
CA SER B 744 -24.84 -10.05 30.04
C SER B 744 -26.31 -10.39 30.29
N THR B 745 -27.17 -9.59 29.70
CA THR B 745 -28.59 -9.81 29.69
C THR B 745 -29.06 -9.67 28.25
N LEU B 746 -30.15 -10.37 27.93
CA LEU B 746 -30.71 -10.31 26.59
C LEU B 746 -32.21 -10.25 26.76
N VAL B 747 -32.82 -9.16 26.29
CA VAL B 747 -34.25 -9.18 26.03
C VAL B 747 -34.56 -10.03 24.80
N PHE B 748 -35.34 -11.09 24.98
CA PHE B 748 -35.67 -12.04 23.92
C PHE B 748 -37.18 -12.12 23.63
N ASP B 749 -37.98 -11.36 24.34
CA ASP B 749 -39.40 -11.27 24.08
C ASP B 749 -39.95 -10.01 24.75
N VAL B 750 -40.72 -9.23 24.00
CA VAL B 750 -41.57 -8.18 24.54
C VAL B 750 -42.95 -8.53 24.01
N TYR B 751 -43.92 -8.43 24.91
CA TYR B 751 -45.31 -8.42 24.55
C TYR B 751 -46.02 -7.25 25.23
N GLU B 752 -46.68 -6.44 24.42
CA GLU B 752 -47.75 -5.55 24.83
C GLU B 752 -49.03 -5.83 24.05
N GLY B 753 -50.10 -6.14 24.76
CA GLY B 753 -51.42 -5.71 24.32
C GLY B 753 -52.53 -6.61 24.83
N GLU B 754 -53.45 -6.94 23.91
CA GLU B 754 -54.70 -7.60 24.22
C GLU B 754 -54.76 -8.49 25.47
N HIS B 755 -53.74 -9.31 25.66
CA HIS B 755 -53.82 -10.39 26.64
C HIS B 755 -53.02 -10.03 27.88
N LEU B 756 -52.59 -8.78 27.93
CA LEU B 756 -52.00 -8.20 29.14
C LEU B 756 -52.79 -6.99 29.63
N GLU B 757 -52.62 -6.66 30.91
CA GLU B 757 -53.25 -5.50 31.51
C GLU B 757 -52.86 -4.21 30.79
N LYS B 758 -53.84 -3.37 30.47
CA LYS B 758 -53.60 -2.22 29.61
C LYS B 758 -52.49 -1.30 30.15
N GLY B 759 -51.49 -1.03 29.31
CA GLY B 759 -50.38 -0.15 29.69
C GLY B 759 -49.21 -0.90 30.34
N LYS B 760 -49.33 -2.22 30.41
CA LYS B 760 -48.24 -3.01 30.93
C LYS B 760 -47.66 -3.72 29.71
N LYS B 761 -46.36 -3.97 29.71
CA LYS B 761 -45.78 -4.89 28.74
C LYS B 761 -45.12 -6.07 29.44
N SER B 762 -45.03 -7.19 28.75
CA SER B 762 -44.26 -8.29 29.30
C SER B 762 -42.86 -8.22 28.68
N VAL B 763 -41.81 -8.42 29.47
CA VAL B 763 -40.44 -8.41 28.95
C VAL B 763 -39.75 -9.68 29.45
N ALA B 764 -39.31 -10.53 28.52
CA ALA B 764 -38.55 -11.72 28.84
C ALA B 764 -37.08 -11.37 28.60
N ILE B 765 -36.24 -11.63 29.60
CA ILE B 765 -34.86 -11.19 29.63
C ILE B 765 -34.09 -12.42 30.04
N ARG B 766 -32.96 -12.66 29.38
CA ARG B 766 -32.13 -13.83 29.65
C ARG B 766 -30.88 -13.31 30.33
N LEU B 767 -30.59 -13.86 31.50
CA LEU B 767 -29.39 -13.47 32.22
C LEU B 767 -28.31 -14.52 32.13
N ASN B 768 -27.14 -14.05 31.75
CA ASN B 768 -26.00 -14.90 31.51
C ASN B 768 -25.01 -14.61 32.61
N TYR B 769 -24.75 -15.62 33.44
CA TYR B 769 -23.88 -15.46 34.59
C TYR B 769 -22.62 -16.23 34.24
N LEU B 770 -21.46 -15.70 34.59
CA LEU B 770 -20.25 -16.46 34.33
C LEU B 770 -19.22 -16.11 35.38
N ASP B 771 -18.47 -17.13 35.82
CA ASP B 771 -17.20 -16.81 36.47
C ASP B 771 -15.93 -17.44 35.88
N LEU B 776 -19.54 -22.47 38.79
CA LEU B 776 -20.46 -21.56 39.47
C LEU B 776 -21.45 -22.38 40.28
N THR B 777 -21.57 -22.07 41.57
CA THR B 777 -22.49 -22.82 42.40
C THR B 777 -23.94 -22.41 42.20
N ASP B 778 -24.83 -23.40 42.20
CA ASP B 778 -26.28 -23.20 42.14
C ASP B 778 -26.82 -22.24 43.20
N GLU B 779 -26.05 -22.07 44.26
CA GLU B 779 -26.52 -21.48 45.50
C GLU B 779 -25.97 -20.07 45.41
N ARG B 780 -24.84 -19.97 44.71
CA ARG B 780 -24.22 -18.70 44.38
C ARG B 780 -25.13 -17.91 43.42
N VAL B 781 -25.41 -18.53 42.27
CA VAL B 781 -26.29 -17.95 41.26
C VAL B 781 -27.67 -17.68 41.84
N SER B 782 -28.19 -18.64 42.61
CA SER B 782 -29.48 -18.41 43.25
C SER B 782 -29.55 -17.21 44.17
N LYS B 783 -28.62 -17.11 45.11
CA LYS B 783 -28.62 -15.96 46.00
C LYS B 783 -28.70 -14.67 45.18
N ILE B 784 -28.00 -14.59 44.04
CA ILE B 784 -27.78 -13.30 43.39
C ILE B 784 -29.01 -13.01 42.55
N HIS B 785 -29.48 -14.06 41.89
CA HIS B 785 -30.66 -14.03 41.07
C HIS B 785 -31.89 -13.66 41.87
N ASP B 786 -32.02 -14.16 43.10
CA ASP B 786 -33.23 -13.81 43.87
C ASP B 786 -33.27 -12.33 44.24
N LYS B 787 -32.09 -11.78 44.49
CA LYS B 787 -31.85 -10.38 44.81
C LYS B 787 -31.98 -9.42 43.61
N ILE B 788 -31.66 -9.89 42.41
CA ILE B 788 -31.90 -9.12 41.19
C ILE B 788 -33.42 -9.04 41.03
N LEU B 789 -34.07 -10.18 41.18
CA LEU B 789 -35.53 -10.25 41.19
C LEU B 789 -36.12 -9.26 42.19
N GLU B 790 -35.70 -9.31 43.44
CA GLU B 790 -36.32 -8.39 44.39
C GLU B 790 -36.13 -6.96 43.93
N ALA B 791 -34.93 -6.68 43.42
CA ALA B 791 -34.47 -5.34 43.07
C ALA B 791 -35.33 -4.80 41.93
N LEU B 792 -35.60 -5.65 40.96
CA LEU B 792 -36.58 -5.36 39.92
C LEU B 792 -37.98 -5.19 40.50
N GLN B 793 -38.35 -5.99 41.49
CA GLN B 793 -39.69 -5.79 42.06
C GLN B 793 -39.74 -4.45 42.77
N ALA B 794 -38.65 -4.07 43.40
CA ALA B 794 -38.51 -2.79 44.09
C ALA B 794 -38.82 -1.64 43.10
N GLN B 795 -38.57 -1.88 41.83
CA GLN B 795 -38.81 -0.83 40.87
C GLN B 795 -40.07 -1.00 40.05
N GLY B 796 -41.03 -1.77 40.55
CA GLY B 796 -42.37 -1.77 39.96
C GLY B 796 -42.60 -2.85 38.92
N ALA B 797 -41.63 -3.76 38.79
CA ALA B 797 -41.77 -4.95 37.96
C ALA B 797 -42.60 -6.06 38.64
N THR B 798 -43.54 -6.66 37.93
CA THR B 798 -44.08 -7.88 38.50
C THR B 798 -43.35 -9.04 37.85
N ILE B 799 -42.84 -9.93 38.69
CA ILE B 799 -42.21 -11.14 38.19
C ILE B 799 -43.16 -11.98 37.35
N ARG B 800 -44.07 -12.76 37.90
CA ARG B 800 -44.56 -13.86 37.04
C ARG B 800 -43.41 -14.40 36.16
N GLU C 24 -58.38 12.69 7.25
CA GLU C 24 -58.26 11.84 6.03
C GLU C 24 -56.80 11.41 5.95
N LEU C 25 -55.93 12.40 6.08
CA LEU C 25 -54.48 12.19 5.96
C LEU C 25 -53.86 12.63 7.27
N MET C 26 -54.24 13.83 7.71
CA MET C 26 -53.81 14.31 9.01
C MET C 26 -54.29 13.37 10.10
N GLU C 27 -55.41 12.70 9.85
CA GLU C 27 -56.00 11.80 10.83
C GLU C 27 -55.24 10.47 10.95
N LYS C 28 -54.71 9.99 9.84
CA LYS C 28 -53.85 8.83 9.86
C LYS C 28 -52.43 9.16 10.33
N LEU C 29 -51.96 10.34 9.97
CA LEU C 29 -50.65 10.82 10.39
C LEU C 29 -50.64 10.83 11.92
N ASN C 30 -51.64 11.50 12.49
CA ASN C 30 -51.76 11.53 13.95
C ASN C 30 -51.92 10.18 14.63
N GLN C 31 -52.60 9.24 13.97
CA GLN C 31 -52.78 7.92 14.56
C GLN C 31 -51.47 7.15 14.52
N GLN C 32 -50.74 7.27 13.43
CA GLN C 32 -49.33 6.91 13.40
C GLN C 32 -48.49 7.46 14.55
N LEU C 33 -48.44 8.78 14.62
CA LEU C 33 -47.80 9.41 15.76
C LEU C 33 -48.22 8.81 17.09
N ALA C 34 -49.51 8.59 17.32
CA ALA C 34 -49.93 8.06 18.61
C ALA C 34 -49.59 6.56 18.76
N GLU C 35 -49.48 5.84 17.66
CA GLU C 35 -49.47 4.38 17.81
C GLU C 35 -48.09 3.73 17.73
N GLU C 36 -47.10 4.45 17.23
CA GLU C 36 -45.93 3.82 16.59
C GLU C 36 -44.64 4.06 17.33
N THR C 37 -44.74 4.49 18.58
CA THR C 37 -43.63 4.61 19.50
C THR C 37 -43.02 3.26 19.90
N ILE C 38 -41.71 3.17 19.74
CA ILE C 38 -40.97 1.96 20.04
C ILE C 38 -39.91 2.18 21.12
N ASP C 39 -39.53 1.13 21.84
CA ASP C 39 -38.43 1.22 22.80
C ASP C 39 -37.15 1.05 22.00
N VAL C 40 -36.42 2.15 21.80
CA VAL C 40 -35.29 2.13 20.87
C VAL C 40 -34.06 1.51 21.53
N THR C 41 -34.19 1.14 22.81
CA THR C 41 -33.11 0.52 23.59
C THR C 41 -33.07 -1.00 23.36
N LEU C 42 -34.10 -1.52 22.71
CA LEU C 42 -34.29 -2.91 22.41
C LEU C 42 -33.12 -3.34 21.52
N PRO C 43 -32.76 -4.62 21.58
CA PRO C 43 -31.70 -5.17 20.74
C PRO C 43 -31.82 -4.86 19.25
N SER C 44 -30.74 -4.34 18.70
CA SER C 44 -30.71 -4.03 17.28
C SER C 44 -30.60 -5.31 16.50
N ARG C 45 -30.91 -5.23 15.21
CA ARG C 45 -30.91 -6.46 14.43
C ARG C 45 -29.47 -6.52 13.95
N GLN C 46 -28.71 -7.49 14.45
CA GLN C 46 -27.27 -7.46 14.25
C GLN C 46 -26.85 -7.86 12.84
N ILE C 47 -25.79 -7.22 12.35
CA ILE C 47 -25.24 -7.47 11.03
C ILE C 47 -23.80 -7.90 11.27
N SER C 48 -23.60 -9.22 11.34
CA SER C 48 -22.38 -9.71 11.95
C SER C 48 -21.10 -9.46 11.12
N ILE C 49 -20.02 -9.10 11.81
CA ILE C 49 -18.72 -8.91 11.21
C ILE C 49 -17.95 -10.19 11.57
N GLY C 50 -17.26 -10.78 10.60
CA GLY C 50 -16.30 -11.80 10.96
C GLY C 50 -14.99 -11.11 11.27
N SER C 51 -14.06 -11.84 11.85
CA SER C 51 -12.76 -11.32 12.22
C SER C 51 -11.70 -11.62 11.16
N LYS C 52 -10.68 -10.77 11.12
CA LYS C 52 -9.37 -11.10 10.57
C LYS C 52 -8.53 -11.84 11.64
N HIS C 53 -7.91 -12.94 11.23
CA HIS C 53 -7.05 -13.67 12.12
C HIS C 53 -5.91 -12.76 12.60
N PRO C 54 -5.62 -12.75 13.91
CA PRO C 54 -4.59 -11.91 14.52
C PRO C 54 -3.19 -12.00 13.89
N LEU C 55 -2.91 -13.15 13.26
CA LEU C 55 -1.66 -13.42 12.61
C LEU C 55 -1.62 -12.73 11.24
N THR C 56 -2.76 -12.75 10.57
CA THR C 56 -2.95 -11.99 9.35
C THR C 56 -2.88 -10.48 9.57
N ARG C 57 -3.59 -9.97 10.55
CA ARG C 57 -3.42 -8.59 10.96
C ARG C 57 -1.98 -8.14 11.13
N THR C 58 -1.14 -8.90 11.82
CA THR C 58 0.23 -8.46 12.06
C THR C 58 1.01 -8.50 10.75
N VAL C 59 0.77 -9.53 9.97
CA VAL C 59 1.39 -9.69 8.65
C VAL C 59 1.01 -8.56 7.72
N GLU C 60 -0.26 -8.17 7.71
CA GLU C 60 -0.65 -6.99 6.93
C GLU C 60 -0.10 -5.64 7.31
N GLU C 61 -0.02 -5.35 8.60
CA GLU C 61 0.61 -4.11 8.98
C GLU C 61 2.10 -4.04 8.65
N ILE C 62 2.78 -5.18 8.61
CA ILE C 62 4.18 -5.19 8.27
C ILE C 62 4.33 -4.97 6.76
N GLU C 63 3.42 -5.57 6.00
CA GLU C 63 3.42 -5.35 4.55
C GLU C 63 3.18 -3.88 4.22
N ASP C 64 2.21 -3.29 4.90
CA ASP C 64 1.88 -1.89 4.68
C ASP C 64 3.11 -1.03 4.87
N LEU C 65 3.84 -1.28 5.98
CA LEU C 65 5.01 -0.52 6.36
C LEU C 65 6.01 -0.57 5.23
N PHE C 66 6.27 -1.77 4.76
CA PHE C 66 7.21 -2.05 3.70
C PHE C 66 6.83 -1.58 2.29
N LEU C 67 5.56 -1.76 1.93
CA LEU C 67 5.02 -1.07 0.77
C LEU C 67 5.30 0.43 0.70
N GLY C 68 5.14 1.16 1.79
CA GLY C 68 5.39 2.59 1.80
C GLY C 68 6.86 2.96 1.67
N LEU C 69 7.72 1.94 1.62
CA LEU C 69 9.17 2.12 1.61
C LEU C 69 9.68 1.63 0.25
N GLY C 70 8.76 1.09 -0.54
CA GLY C 70 9.15 0.70 -1.87
C GLY C 70 9.32 -0.76 -2.14
N TYR C 71 9.18 -1.60 -1.11
CA TYR C 71 9.27 -3.07 -1.24
C TYR C 71 8.16 -3.78 -2.01
N GLU C 72 8.45 -5.01 -2.39
CA GLU C 72 7.47 -5.94 -2.98
C GLU C 72 7.16 -7.04 -1.96
N ILE C 73 5.91 -7.49 -1.86
CA ILE C 73 5.53 -8.67 -1.08
C ILE C 73 5.54 -9.86 -2.02
N VAL C 74 6.23 -10.94 -1.61
CA VAL C 74 6.55 -12.07 -2.49
C VAL C 74 6.14 -13.35 -1.73
N ASP C 75 5.61 -14.32 -2.46
CA ASP C 75 5.16 -15.60 -1.93
C ASP C 75 5.84 -16.65 -2.77
N GLY C 76 6.21 -17.79 -2.17
CA GLY C 76 6.48 -18.97 -3.00
C GLY C 76 6.17 -20.27 -2.26
N TYR C 77 6.98 -21.29 -2.47
CA TYR C 77 6.57 -22.65 -2.20
C TYR C 77 6.69 -22.88 -0.71
N GLU C 78 5.76 -23.64 -0.13
CA GLU C 78 5.93 -24.16 1.24
C GLU C 78 6.65 -25.52 1.33
N VAL C 79 6.46 -26.37 0.32
CA VAL C 79 7.29 -27.57 0.18
C VAL C 79 8.41 -27.14 -0.77
N GLU C 80 9.64 -27.38 -0.32
CA GLU C 80 10.82 -26.77 -0.89
C GLU C 80 11.93 -27.81 -1.03
N GLN C 81 12.96 -27.43 -1.80
CA GLN C 81 14.09 -28.29 -2.05
C GLN C 81 15.18 -27.86 -1.08
N ASP C 82 15.92 -28.85 -0.57
CA ASP C 82 17.12 -28.66 0.27
C ASP C 82 18.06 -27.56 -0.21
N TYR C 83 18.27 -27.53 -1.52
CA TYR C 83 19.07 -26.48 -2.15
C TYR C 83 18.60 -25.10 -1.72
N TYR C 84 17.31 -24.81 -1.88
CA TYR C 84 16.89 -23.45 -1.57
C TYR C 84 16.67 -23.22 -0.09
N ASN C 85 16.39 -24.30 0.63
CA ASN C 85 15.97 -24.12 2.01
C ASN C 85 17.21 -23.94 2.83
N PHE C 86 18.24 -24.60 2.35
CA PHE C 86 19.46 -24.79 3.13
C PHE C 86 20.67 -24.32 2.36
N GLU C 87 21.00 -24.99 1.26
CA GLU C 87 22.30 -24.83 0.61
C GLU C 87 22.40 -23.36 0.19
N ALA C 88 21.38 -22.91 -0.53
CA ALA C 88 21.41 -21.58 -1.14
C ALA C 88 21.52 -20.57 0.00
N LEU C 89 21.21 -21.02 1.21
CA LEU C 89 21.21 -20.14 2.38
C LEU C 89 22.41 -20.41 3.27
N ASN C 90 23.39 -21.09 2.69
CA ASN C 90 24.74 -21.22 3.24
C ASN C 90 24.78 -22.24 4.36
N LEU C 91 23.90 -23.22 4.25
CA LEU C 91 23.99 -24.47 5.03
C LEU C 91 24.38 -25.64 4.15
N PRO C 92 25.69 -25.91 4.10
CA PRO C 92 26.19 -27.00 3.27
C PRO C 92 25.66 -28.31 3.84
N LYS C 93 25.57 -29.31 2.97
CA LYS C 93 25.17 -30.68 3.30
C LYS C 93 25.63 -31.15 4.69
N SER C 94 26.78 -30.64 5.14
CA SER C 94 27.23 -30.87 6.51
C SER C 94 26.18 -30.47 7.53
N HIS C 95 26.28 -29.22 8.00
CA HIS C 95 25.46 -28.60 9.05
C HIS C 95 24.44 -29.34 9.91
N PRO C 96 24.46 -29.05 11.22
CA PRO C 96 23.51 -29.28 12.33
C PRO C 96 22.07 -28.75 12.23
N ALA C 97 21.59 -28.40 11.05
CA ALA C 97 20.25 -27.84 10.95
C ALA C 97 19.51 -28.46 9.77
N ARG C 98 20.29 -28.76 8.73
CA ARG C 98 19.93 -29.79 7.77
C ARG C 98 19.28 -31.04 8.37
N ASP C 99 19.18 -31.07 9.71
CA ASP C 99 18.91 -32.28 10.48
C ASP C 99 17.52 -32.90 10.28
N MET C 100 17.51 -34.15 9.83
CA MET C 100 16.28 -34.81 9.41
C MET C 100 15.28 -34.87 10.56
N GLN C 101 15.76 -34.57 11.76
CA GLN C 101 14.97 -34.69 12.98
C GLN C 101 14.40 -33.35 13.42
N ASP C 102 14.96 -32.27 12.88
CA ASP C 102 14.62 -30.90 13.24
C ASP C 102 13.71 -30.30 12.17
N SER C 103 13.61 -30.99 11.05
CA SER C 103 12.92 -30.48 9.86
C SER C 103 12.07 -31.60 9.30
N PHE C 104 10.98 -31.24 8.66
CA PHE C 104 10.08 -32.20 8.04
C PHE C 104 10.44 -32.57 6.61
N TYR C 105 11.19 -33.65 6.43
CA TYR C 105 11.56 -34.06 5.07
C TYR C 105 10.51 -35.02 4.55
N ILE C 106 10.55 -35.22 3.24
CA ILE C 106 9.48 -35.87 2.51
C ILE C 106 10.26 -36.83 1.63
N THR C 107 11.39 -36.33 1.12
CA THR C 107 12.49 -37.13 0.60
C THR C 107 13.81 -36.63 1.22
N ASP C 108 14.94 -37.13 0.74
CA ASP C 108 16.23 -36.65 1.24
C ASP C 108 16.54 -35.24 0.76
N GLU C 109 15.77 -34.76 -0.22
CA GLU C 109 16.07 -33.54 -0.95
C GLU C 109 14.98 -32.48 -0.76
N ILE C 110 13.78 -32.95 -0.45
CA ILE C 110 12.56 -32.15 -0.44
C ILE C 110 11.99 -32.18 0.96
N LEU C 111 11.70 -31.00 1.51
CA LEU C 111 11.22 -30.85 2.89
C LEU C 111 10.18 -29.74 2.98
N MET C 112 9.39 -29.71 4.05
CA MET C 112 8.59 -28.55 4.38
C MET C 112 9.55 -27.44 4.77
N ARG C 113 9.44 -26.30 4.12
CA ARG C 113 10.34 -25.20 4.39
C ARG C 113 10.35 -24.81 5.85
N THR C 114 11.52 -24.37 6.31
CA THR C 114 11.71 -24.13 7.73
C THR C 114 11.69 -22.64 8.04
N HIS C 115 11.68 -21.86 6.96
CA HIS C 115 11.66 -20.41 7.01
C HIS C 115 11.28 -19.95 5.62
N THR C 116 11.04 -18.64 5.47
CA THR C 116 10.66 -18.08 4.18
C THR C 116 11.82 -17.60 3.30
N SER C 117 13.04 -17.67 3.83
CA SER C 117 14.27 -17.44 3.07
C SER C 117 14.40 -18.03 1.67
N PRO C 118 14.09 -19.32 1.47
CA PRO C 118 14.14 -19.91 0.14
C PRO C 118 13.41 -19.11 -0.94
N VAL C 119 12.33 -18.43 -0.56
CA VAL C 119 11.59 -17.56 -1.47
C VAL C 119 12.41 -16.33 -1.85
N GLN C 120 13.01 -15.68 -0.86
CA GLN C 120 14.00 -14.64 -1.12
C GLN C 120 15.22 -15.10 -1.93
N ALA C 121 15.74 -16.28 -1.64
CA ALA C 121 16.88 -16.86 -2.36
C ALA C 121 16.56 -17.05 -3.84
N ARG C 122 15.39 -17.62 -4.14
CA ARG C 122 14.91 -17.79 -5.50
C ARG C 122 14.63 -16.51 -6.30
N THR C 123 14.01 -15.53 -5.65
CA THR C 123 13.79 -14.20 -6.19
C THR C 123 15.13 -13.51 -6.45
N MET C 124 16.06 -13.66 -5.51
CA MET C 124 17.39 -13.06 -5.66
C MET C 124 18.03 -13.59 -6.94
N GLU C 125 18.04 -14.91 -7.08
CA GLU C 125 18.60 -15.61 -8.21
C GLU C 125 18.07 -15.18 -9.57
N LYS C 126 16.77 -14.95 -9.69
CA LYS C 126 16.12 -14.44 -10.90
C LYS C 126 16.39 -12.96 -11.19
N ARG C 127 17.11 -12.26 -10.32
CA ARG C 127 17.43 -10.87 -10.57
C ARG C 127 18.72 -10.75 -11.36
N ASN C 128 19.29 -11.91 -11.71
CA ASN C 128 20.62 -11.96 -12.31
C ASN C 128 21.59 -10.88 -11.89
N GLY C 129 21.96 -10.88 -10.62
CA GLY C 129 23.00 -9.99 -10.16
C GLY C 129 22.69 -8.52 -10.29
N GLN C 130 21.42 -8.19 -10.46
CA GLN C 130 21.03 -6.78 -10.57
C GLN C 130 20.07 -6.29 -9.49
N GLY C 131 20.45 -5.22 -8.80
CA GLY C 131 19.66 -4.67 -7.72
C GLY C 131 18.96 -3.40 -8.15
N PRO C 132 18.16 -2.81 -7.23
CA PRO C 132 17.98 -3.26 -5.87
C PRO C 132 17.03 -4.47 -5.71
N VAL C 133 17.32 -5.34 -4.74
CA VAL C 133 16.30 -6.26 -4.26
C VAL C 133 15.76 -5.61 -2.99
N LYS C 134 14.44 -5.54 -2.84
CA LYS C 134 13.85 -5.21 -1.54
C LYS C 134 12.50 -5.90 -1.45
N ILE C 135 12.48 -7.03 -0.74
CA ILE C 135 11.32 -7.90 -0.67
C ILE C 135 10.99 -8.27 0.76
N ILE C 136 9.72 -8.61 0.94
CA ILE C 136 9.14 -9.05 2.20
C ILE C 136 8.38 -10.34 1.87
N CYS C 137 8.63 -11.40 2.65
CA CYS C 137 8.06 -12.72 2.43
CA CYS C 137 8.04 -12.71 2.44
C CYS C 137 7.43 -13.26 3.71
N PRO C 138 6.11 -13.06 3.86
CA PRO C 138 5.33 -13.64 4.93
C PRO C 138 4.88 -15.06 4.56
N GLY C 139 4.71 -15.95 5.52
CA GLY C 139 4.05 -17.19 5.18
C GLY C 139 4.25 -18.30 6.20
N LYS C 140 3.65 -19.45 5.95
CA LYS C 140 3.71 -20.59 6.88
C LYS C 140 5.07 -21.24 6.79
N VAL C 141 5.61 -21.56 7.96
CA VAL C 141 6.86 -22.30 8.11
C VAL C 141 6.66 -23.44 9.11
N TYR C 142 7.58 -24.40 9.09
CA TYR C 142 7.37 -25.73 9.66
C TYR C 142 8.59 -26.16 10.45
N ARG C 143 8.37 -26.67 11.66
CA ARG C 143 9.45 -27.26 12.46
C ARG C 143 8.99 -28.61 12.98
N ARG C 144 9.89 -29.59 12.88
CA ARG C 144 9.66 -30.91 13.41
C ARG C 144 9.74 -30.87 14.93
N ASP C 145 8.58 -30.70 15.56
CA ASP C 145 8.47 -30.33 16.95
C ASP C 145 7.10 -30.77 17.45
N SER C 146 7.06 -31.27 18.68
CA SER C 146 5.79 -31.46 19.36
C SER C 146 5.21 -30.12 19.79
N ASP C 147 3.88 -30.00 19.74
CA ASP C 147 3.22 -28.74 20.03
C ASP C 147 3.02 -28.56 21.53
N ASP C 148 2.95 -27.32 21.96
CA ASP C 148 2.53 -26.99 23.31
C ASP C 148 2.40 -25.46 23.37
N ALA C 149 2.13 -24.95 24.56
CA ALA C 149 1.79 -23.55 24.70
C ALA C 149 2.75 -22.66 23.92
N THR C 150 3.93 -23.15 23.61
CA THR C 150 4.90 -22.23 23.03
C THR C 150 5.55 -22.75 21.78
N HIS C 151 5.06 -23.87 21.27
CA HIS C 151 5.67 -24.44 20.05
C HIS C 151 4.53 -24.94 19.20
N SER C 152 4.56 -24.57 17.93
CA SER C 152 3.65 -25.19 16.97
C SER C 152 4.53 -25.67 15.83
N HIS C 153 4.19 -26.79 15.22
CA HIS C 153 5.01 -27.36 14.17
C HIS C 153 4.82 -26.63 12.86
N GLN C 154 3.78 -25.82 12.80
CA GLN C 154 3.47 -24.96 11.66
C GLN C 154 3.22 -23.58 12.24
N PHE C 155 4.08 -22.63 11.88
CA PHE C 155 3.95 -21.28 12.38
C PHE C 155 4.09 -20.24 11.25
N THR C 156 4.01 -18.96 11.55
CA THR C 156 4.13 -17.99 10.47
C THR C 156 5.44 -17.24 10.66
N GLN C 157 6.08 -16.83 9.58
CA GLN C 157 7.27 -16.00 9.63
C GLN C 157 7.12 -14.85 8.66
N ILE C 158 7.71 -13.69 8.94
CA ILE C 158 7.91 -12.73 7.89
C ILE C 158 9.40 -12.52 7.76
N GLU C 159 9.96 -12.85 6.60
CA GLU C 159 11.30 -12.40 6.30
C GLU C 159 11.34 -11.15 5.42
N GLY C 160 12.45 -10.43 5.52
CA GLY C 160 12.83 -9.45 4.52
C GLY C 160 14.20 -9.70 3.91
N LEU C 161 14.39 -9.20 2.71
CA LEU C 161 15.71 -9.16 2.08
C LEU C 161 15.80 -7.84 1.31
N VAL C 162 16.85 -7.09 1.63
CA VAL C 162 17.26 -5.93 0.87
C VAL C 162 18.69 -6.13 0.41
N VAL C 163 18.90 -6.04 -0.91
CA VAL C 163 20.24 -6.14 -1.49
C VAL C 163 20.43 -5.00 -2.48
N ASP C 164 21.42 -4.15 -2.22
CA ASP C 164 21.82 -3.06 -3.15
C ASP C 164 23.28 -2.70 -2.91
N LYS C 165 23.75 -1.53 -3.35
CA LYS C 165 25.18 -1.37 -3.59
C LYS C 165 25.99 -0.95 -2.36
N ASN C 166 25.42 -0.03 -1.60
CA ASN C 166 26.10 0.42 -0.40
C ASN C 166 25.31 0.03 0.84
N ILE C 167 24.59 -1.08 0.80
CA ILE C 167 23.80 -1.39 1.97
C ILE C 167 24.72 -1.56 3.19
N LYS C 168 24.39 -0.86 4.26
CA LYS C 168 25.09 -1.00 5.53
C LYS C 168 24.19 -1.45 6.69
N MET C 169 24.84 -1.76 7.82
CA MET C 169 24.19 -2.37 8.95
C MET C 169 23.44 -1.26 9.66
N SER C 170 23.93 -0.03 9.57
CA SER C 170 23.07 1.07 10.03
C SER C 170 21.74 1.14 9.26
N ASP C 171 21.70 0.67 8.02
CA ASP C 171 20.47 0.70 7.21
C ASP C 171 19.47 -0.35 7.66
N LEU C 172 19.98 -1.56 7.88
CA LEU C 172 19.34 -2.53 8.77
C LEU C 172 18.78 -1.96 10.05
N LYS C 173 19.62 -1.32 10.85
CA LYS C 173 19.10 -0.79 12.11
C LYS C 173 17.90 0.13 11.86
N GLY C 174 18.07 1.14 11.01
CA GLY C 174 16.99 2.10 10.80
C GLY C 174 15.69 1.41 10.41
N THR C 175 15.76 0.40 9.56
CA THR C 175 14.60 -0.36 9.09
C THR C 175 14.00 -1.18 10.22
N LEU C 176 14.85 -1.83 11.03
CA LEU C 176 14.33 -2.67 12.11
C LEU C 176 13.62 -1.76 13.08
N GLU C 177 14.09 -0.52 13.18
CA GLU C 177 13.42 0.43 14.06
C GLU C 177 12.03 0.80 13.59
N LEU C 178 11.84 0.91 12.28
CA LEU C 178 10.49 1.26 11.80
C LEU C 178 9.55 0.10 12.10
N VAL C 179 10.10 -1.12 12.02
CA VAL C 179 9.36 -2.34 12.31
C VAL C 179 8.87 -2.39 13.76
N ALA C 180 9.79 -2.17 14.69
CA ALA C 180 9.40 -2.10 16.10
C ALA C 180 8.39 -0.99 16.43
N LYS C 181 8.55 0.19 15.84
CA LYS C 181 7.53 1.23 15.95
C LYS C 181 6.19 0.79 15.37
N LYS C 182 6.23 0.12 14.22
CA LYS C 182 4.98 -0.22 13.54
C LYS C 182 4.26 -1.15 14.48
N LEU C 183 4.97 -2.17 14.98
CA LEU C 183 4.33 -3.17 15.81
C LEU C 183 4.00 -2.73 17.22
N PHE C 184 4.90 -1.96 17.83
CA PHE C 184 4.78 -1.74 19.26
C PHE C 184 4.70 -0.31 19.72
N GLY C 185 4.71 0.64 18.79
CA GLY C 185 4.42 2.02 19.14
C GLY C 185 5.56 2.96 18.80
N ALA C 186 5.19 4.22 18.50
CA ALA C 186 6.13 5.24 18.08
C ALA C 186 7.29 5.46 19.06
N ASP C 187 7.05 5.22 20.34
CA ASP C 187 8.10 5.38 21.34
C ASP C 187 9.02 4.16 21.52
N ARG C 188 8.84 3.11 20.73
CA ARG C 188 9.70 1.93 20.84
C ARG C 188 11.14 2.25 20.44
N GLU C 189 12.08 1.84 21.28
CA GLU C 189 13.46 1.63 20.87
C GLU C 189 13.77 0.17 20.58
N ILE C 190 14.88 -0.05 19.86
CA ILE C 190 15.39 -1.40 19.67
C ILE C 190 16.74 -1.66 20.32
N ARG C 191 17.08 -2.94 20.45
CA ARG C 191 18.39 -3.29 20.92
C ARG C 191 18.98 -4.43 20.07
N LEU C 192 20.25 -4.32 19.72
CA LEU C 192 20.89 -5.27 18.81
C LEU C 192 21.93 -6.08 19.61
N ARG C 193 21.73 -7.39 19.71
CA ARG C 193 22.67 -8.25 20.46
C ARG C 193 23.39 -9.18 19.50
N PRO C 194 24.73 -9.23 19.58
CA PRO C 194 25.52 -10.15 18.77
C PRO C 194 24.94 -11.56 18.80
N SER C 195 25.07 -12.30 17.70
CA SER C 195 24.49 -13.63 17.58
C SER C 195 25.10 -14.19 16.30
N TYR C 196 24.70 -15.38 15.85
CA TYR C 196 25.26 -16.00 14.64
CA TYR C 196 25.26 -15.95 14.64
C TYR C 196 24.16 -16.73 13.93
N PHE C 197 24.03 -16.50 12.62
CA PHE C 197 23.22 -17.36 11.77
C PHE C 197 24.10 -17.68 10.58
N PRO C 198 23.80 -18.79 9.89
CA PRO C 198 24.76 -19.10 8.83
C PRO C 198 24.67 -18.20 7.59
N PHE C 199 23.49 -17.63 7.33
CA PHE C 199 23.25 -16.88 6.10
C PHE C 199 23.66 -15.41 6.18
N THR C 200 23.99 -14.92 7.37
CA THR C 200 24.21 -13.52 7.64
C THR C 200 25.47 -13.33 8.47
N GLU C 201 25.94 -12.08 8.49
CA GLU C 201 27.24 -11.83 9.05
C GLU C 201 27.75 -10.43 8.78
N PRO C 202 27.80 -9.60 9.83
CA PRO C 202 27.35 -9.75 11.21
C PRO C 202 25.87 -10.12 11.38
N SER C 203 25.53 -10.77 12.50
CA SER C 203 24.16 -11.17 12.81
C SER C 203 23.81 -10.59 14.16
N VAL C 204 22.52 -10.35 14.39
CA VAL C 204 22.08 -9.94 15.71
C VAL C 204 20.70 -10.52 15.97
N GLU C 205 20.30 -10.44 17.23
CA GLU C 205 18.93 -10.67 17.64
C GLU C 205 18.50 -9.30 18.13
N VAL C 206 17.22 -9.01 17.98
CA VAL C 206 16.72 -7.65 18.15
C VAL C 206 15.59 -7.66 19.14
N ASP C 207 15.76 -6.82 20.15
CA ASP C 207 14.73 -6.52 21.13
C ASP C 207 14.04 -5.20 20.87
N VAL C 208 12.75 -5.16 21.18
CA VAL C 208 12.05 -3.90 21.26
C VAL C 208 12.04 -3.56 22.75
N SER C 209 12.19 -2.30 23.10
CA SER C 209 11.82 -1.85 24.44
C SER C 209 10.35 -2.17 24.75
N CYS C 210 10.12 -2.39 26.04
CA CYS C 210 8.83 -2.93 26.49
C CYS C 210 7.79 -1.83 26.37
N PHE C 211 6.65 -2.19 25.80
CA PHE C 211 5.62 -1.23 25.48
C PHE C 211 4.60 -1.19 26.60
N LYS C 212 4.83 -2.01 27.63
CA LYS C 212 3.97 -2.13 28.79
C LYS C 212 4.41 -1.21 29.91
N CYS C 213 5.71 -1.16 30.18
CA CYS C 213 6.12 -0.70 31.50
C CYS C 213 7.11 0.44 31.50
N LYS C 214 7.52 0.90 30.32
CA LYS C 214 8.10 2.23 30.18
C LYS C 214 9.56 2.30 30.65
N GLY C 215 10.09 1.15 31.07
CA GLY C 215 11.28 1.16 31.90
C GLY C 215 11.12 0.48 33.24
N LYS C 216 12.20 -0.17 33.66
CA LYS C 216 12.19 -0.99 34.85
C LYS C 216 10.95 -1.88 34.93
N GLY C 217 10.75 -2.67 33.86
CA GLY C 217 10.52 -4.10 34.01
C GLY C 217 9.10 -4.48 34.39
N CYS C 218 8.65 -5.58 33.82
CA CYS C 218 7.32 -6.11 34.11
C CYS C 218 7.35 -7.54 33.62
N ASN C 219 6.20 -8.21 33.61
CA ASN C 219 6.19 -9.65 33.36
C ASN C 219 6.25 -9.99 31.88
N VAL C 220 5.85 -9.02 31.05
CA VAL C 220 5.93 -9.14 29.60
C VAL C 220 7.38 -9.22 29.12
N CYS C 221 8.19 -8.27 29.58
CA CYS C 221 9.60 -8.22 29.22
C CYS C 221 10.43 -8.94 30.28
N LYS C 222 9.72 -9.52 31.24
CA LYS C 222 10.36 -10.34 32.27
C LYS C 222 11.29 -9.47 33.11
N HIS C 223 10.74 -8.39 33.66
CA HIS C 223 11.54 -7.33 34.29
C HIS C 223 12.93 -7.12 33.69
N THR C 224 12.98 -7.02 32.37
CA THR C 224 14.19 -6.82 31.60
C THR C 224 14.15 -5.48 30.86
N GLY C 225 12.94 -5.02 30.50
CA GLY C 225 12.81 -3.83 29.68
C GLY C 225 12.86 -4.12 28.18
N TRP C 226 13.45 -5.24 27.80
CA TRP C 226 13.70 -5.56 26.39
C TRP C 226 13.01 -6.87 26.02
N ILE C 227 12.30 -6.86 24.90
CA ILE C 227 11.65 -8.07 24.38
C ILE C 227 12.24 -8.49 23.04
N GLU C 228 12.84 -9.68 22.97
CA GLU C 228 13.25 -10.20 21.67
C GLU C 228 12.09 -10.42 20.71
N ILE C 229 12.23 -9.89 19.50
CA ILE C 229 11.21 -10.05 18.49
C ILE C 229 11.74 -10.35 17.09
N LEU C 230 13.01 -10.05 16.79
CA LEU C 230 13.52 -10.20 15.43
C LEU C 230 14.89 -10.81 15.55
N GLY C 231 15.30 -11.61 14.56
CA GLY C 231 16.69 -11.71 14.12
C GLY C 231 17.02 -11.09 12.76
N ALA C 232 18.25 -10.61 12.63
CA ALA C 232 18.63 -9.90 11.43
C ALA C 232 20.13 -10.04 11.19
N GLY C 233 20.62 -9.57 10.05
CA GLY C 233 22.07 -9.56 9.83
C GLY C 233 22.41 -9.09 8.43
N MET C 234 23.68 -8.92 8.14
CA MET C 234 24.06 -8.54 6.78
C MET C 234 24.17 -9.83 6.00
N VAL C 235 23.63 -9.89 4.78
CA VAL C 235 23.67 -11.18 4.11
C VAL C 235 25.11 -11.57 3.88
N HIS C 236 25.37 -12.87 3.96
CA HIS C 236 26.68 -13.42 3.84
C HIS C 236 27.05 -13.50 2.37
N PRO C 237 28.26 -13.08 2.00
CA PRO C 237 28.71 -13.17 0.62
C PRO C 237 28.35 -14.46 -0.11
N ASN C 238 28.38 -15.60 0.57
CA ASN C 238 28.27 -16.88 -0.13
C ASN C 238 26.84 -16.99 -0.68
N VAL C 239 25.92 -16.42 0.08
CA VAL C 239 24.52 -16.36 -0.27
C VAL C 239 24.28 -15.42 -1.47
N LEU C 240 24.96 -14.27 -1.46
CA LEU C 240 24.93 -13.35 -2.58
C LEU C 240 25.51 -14.03 -3.80
N GLU C 241 26.71 -14.59 -3.66
CA GLU C 241 27.42 -15.17 -4.80
C GLU C 241 26.66 -16.36 -5.38
N MET C 242 25.97 -17.11 -4.54
CA MET C 242 25.25 -18.29 -5.03
C MET C 242 24.00 -17.91 -5.83
N ALA C 243 23.49 -16.72 -5.53
CA ALA C 243 22.27 -16.18 -6.11
C ALA C 243 22.55 -15.51 -7.45
N GLY C 244 23.79 -15.11 -7.65
CA GLY C 244 24.25 -14.63 -8.94
C GLY C 244 24.73 -13.22 -8.75
N PHE C 245 24.80 -12.76 -7.51
CA PHE C 245 25.23 -11.39 -7.22
C PHE C 245 26.72 -11.27 -6.86
N ASP C 246 27.29 -10.16 -7.31
CA ASP C 246 28.66 -9.82 -6.97
C ASP C 246 28.80 -9.08 -5.64
N SER C 247 29.33 -9.80 -4.65
CA SER C 247 29.42 -9.31 -3.28
C SER C 247 30.57 -8.33 -3.06
N ASN C 248 31.36 -8.08 -4.10
CA ASN C 248 32.26 -6.95 -4.11
C ASN C 248 31.55 -5.64 -4.50
N GLU C 249 30.45 -5.76 -5.21
CA GLU C 249 29.66 -4.58 -5.53
C GLU C 249 28.35 -4.52 -4.73
N TYR C 250 27.72 -5.67 -4.50
CA TYR C 250 26.49 -5.69 -3.71
C TYR C 250 26.63 -6.09 -2.23
N SER C 251 25.95 -5.36 -1.35
CA SER C 251 25.80 -5.88 0.00
C SER C 251 24.31 -6.09 0.32
N GLY C 252 23.99 -6.71 1.46
CA GLY C 252 22.59 -6.94 1.79
C GLY C 252 22.28 -6.94 3.27
N PHE C 253 21.02 -6.78 3.65
CA PHE C 253 20.56 -7.23 4.96
C PHE C 253 19.27 -8.05 4.89
N ALA C 254 19.08 -8.90 5.89
CA ALA C 254 17.90 -9.74 5.88
C ALA C 254 17.48 -9.76 7.33
N PHE C 255 16.27 -10.22 7.59
CA PHE C 255 15.71 -10.23 8.92
C PHE C 255 14.52 -11.18 8.89
N GLY C 256 14.06 -11.63 10.06
CA GLY C 256 12.88 -12.49 10.16
C GLY C 256 12.10 -12.14 11.42
N MET C 257 10.82 -12.46 11.46
CA MET C 257 10.08 -12.31 12.72
C MET C 257 8.93 -13.28 12.72
N GLY C 258 8.40 -13.49 13.91
CA GLY C 258 7.32 -14.47 14.08
C GLY C 258 6.08 -13.74 14.53
N PRO C 259 5.12 -13.63 13.60
CA PRO C 259 3.80 -13.14 13.93
C PRO C 259 3.13 -13.87 15.12
N ASP C 260 3.35 -15.17 15.25
CA ASP C 260 2.74 -15.88 16.35
C ASP C 260 3.22 -15.30 17.66
N ARG C 261 4.54 -15.26 17.85
CA ARG C 261 5.20 -14.68 19.02
C ARG C 261 4.81 -13.23 19.19
N ILE C 262 4.84 -12.46 18.11
CA ILE C 262 4.48 -11.05 18.19
C ILE C 262 3.08 -10.83 18.72
N ALA C 263 2.12 -11.55 18.15
CA ALA C 263 0.73 -11.43 18.57
C ALA C 263 0.56 -11.91 20.02
N MET C 264 1.20 -13.02 20.37
CA MET C 264 1.25 -13.45 21.76
C MET C 264 1.75 -12.35 22.69
N LEU C 265 2.91 -11.79 22.38
CA LEU C 265 3.42 -10.72 23.19
C LEU C 265 2.49 -9.54 23.17
N LYS C 266 1.99 -9.17 21.99
CA LYS C 266 1.21 -7.94 21.86
C LYS C 266 -0.07 -7.99 22.69
N TYR C 267 -0.75 -9.15 22.64
CA TYR C 267 -2.10 -9.30 23.19
C TYR C 267 -2.13 -10.06 24.51
N GLY C 268 -0.97 -10.60 24.90
CA GLY C 268 -0.91 -11.51 26.05
C GLY C 268 -1.51 -12.88 25.76
N ILE C 269 -1.54 -13.29 24.49
CA ILE C 269 -2.09 -14.61 24.21
C ILE C 269 -1.11 -15.66 24.77
N GLU C 270 -1.64 -16.66 25.46
CA GLU C 270 -0.79 -17.42 26.36
C GLU C 270 -0.37 -18.79 25.82
N ASP C 271 -1.03 -19.21 24.73
CA ASP C 271 -0.81 -20.53 24.15
C ASP C 271 -0.86 -20.34 22.65
N ILE C 272 0.22 -20.76 21.99
CA ILE C 272 0.31 -20.61 20.56
C ILE C 272 -0.82 -21.33 19.84
N ARG C 273 -1.30 -22.41 20.42
CA ARG C 273 -2.16 -23.29 19.63
C ARG C 273 -3.54 -22.65 19.50
N TYR C 274 -3.77 -21.58 20.25
CA TYR C 274 -5.06 -20.89 20.16
C TYR C 274 -5.26 -20.33 18.76
N PHE C 275 -4.14 -20.03 18.09
CA PHE C 275 -4.16 -19.51 16.72
C PHE C 275 -4.65 -20.55 15.74
N TYR C 276 -4.44 -21.82 16.06
CA TYR C 276 -4.70 -22.89 15.09
C TYR C 276 -5.86 -23.79 15.43
N THR C 277 -6.56 -23.46 16.52
CA THR C 277 -7.80 -24.14 16.95
C THR C 277 -9.08 -23.54 16.38
N ASN C 278 -9.04 -22.23 16.12
CA ASN C 278 -10.18 -21.50 15.57
C ASN C 278 -11.45 -21.72 16.37
N ASP C 279 -11.31 -21.67 17.69
CA ASP C 279 -12.35 -21.19 18.59
C ASP C 279 -12.89 -19.80 18.27
N VAL C 280 -14.20 -19.66 18.04
CA VAL C 280 -14.73 -18.40 17.56
C VAL C 280 -14.71 -17.43 18.72
N ARG C 281 -14.47 -17.92 19.94
CA ARG C 281 -14.54 -17.00 21.06
C ARG C 281 -13.13 -16.42 21.23
N PHE C 282 -12.18 -17.03 20.53
CA PHE C 282 -10.86 -16.40 20.41
C PHE C 282 -10.84 -15.51 19.17
N LEU C 283 -11.24 -16.05 18.01
CA LEU C 283 -11.26 -15.30 16.75
C LEU C 283 -12.05 -14.01 16.82
N GLU C 284 -13.27 -14.09 17.31
CA GLU C 284 -14.19 -12.97 17.28
C GLU C 284 -13.83 -11.84 18.24
N GLN C 285 -12.76 -12.05 19.01
CA GLN C 285 -12.09 -10.97 19.77
C GLN C 285 -11.37 -9.96 18.88
N PHE C 286 -11.05 -10.36 17.65
CA PHE C 286 -10.15 -9.53 16.86
C PHE C 286 -10.79 -8.81 15.67
N LYS C 287 -12.01 -8.31 15.85
CA LYS C 287 -12.81 -7.65 14.82
C LYS C 287 -12.43 -6.20 14.51
N ALA C 288 -12.05 -5.47 15.54
CA ALA C 288 -12.08 -4.02 15.53
C ALA C 288 -10.74 -3.44 15.04
N VAL C 289 -10.77 -2.17 14.67
CA VAL C 289 -9.57 -1.40 14.33
C VAL C 289 -8.73 -1.12 15.55
N GLU C 290 -7.49 -0.70 15.33
CA GLU C 290 -6.64 -0.27 16.42
C GLU C 290 -6.07 1.11 16.14
N ASP C 291 -5.62 1.81 17.17
CA ASP C 291 -4.68 2.91 16.99
C ASP C 291 -3.62 2.91 18.08
N ARG C 292 -3.10 4.10 18.38
CA ARG C 292 -1.94 4.25 19.23
C ARG C 292 -2.30 4.88 20.57
N GLY C 293 -3.58 5.03 20.86
CA GLY C 293 -3.99 5.58 22.14
C GLY C 293 -3.27 6.88 22.45
N GLU C 294 -3.15 7.21 23.74
CA GLU C 294 -2.08 8.10 24.21
C GLU C 294 -1.46 7.57 25.51
N MET D 1 28.42 -26.55 26.20
CA MET D 1 29.83 -26.63 26.69
C MET D 1 29.97 -25.97 28.07
N LEU D 2 30.49 -26.75 29.02
CA LEU D 2 30.51 -26.33 30.42
C LEU D 2 31.90 -25.85 30.81
N ILE D 3 31.98 -24.67 31.40
CA ILE D 3 33.25 -23.96 31.57
C ILE D 3 33.38 -23.42 33.00
N SER D 4 34.25 -24.06 33.79
CA SER D 4 34.37 -23.77 35.21
C SER D 4 35.19 -22.51 35.43
N ASN D 5 34.71 -21.62 36.30
CA ASN D 5 35.40 -20.35 36.47
C ASN D 5 36.81 -20.55 37.00
N GLU D 6 36.87 -21.32 38.08
CA GLU D 6 38.08 -21.66 38.81
C GLU D 6 39.08 -22.16 37.78
N TRP D 7 38.62 -23.13 36.99
CA TRP D 7 39.48 -23.84 36.04
C TRP D 7 40.08 -22.92 34.97
N LEU D 8 39.32 -21.91 34.55
CA LEU D 8 39.72 -21.07 33.42
C LEU D 8 40.88 -20.15 33.75
N LYS D 9 41.01 -19.80 35.03
CA LYS D 9 42.01 -18.85 35.51
C LYS D 9 43.42 -19.46 35.61
N ASP D 10 43.48 -20.75 35.33
CA ASP D 10 44.72 -21.41 34.92
C ASP D 10 45.30 -20.79 33.66
N TYR D 11 44.42 -20.31 32.78
CA TYR D 11 44.82 -19.82 31.46
C TYR D 11 44.60 -18.32 31.38
N VAL D 12 43.50 -17.83 31.95
CA VAL D 12 43.25 -16.39 31.98
C VAL D 12 42.51 -15.94 33.23
N ASP D 13 42.89 -14.79 33.78
CA ASP D 13 42.09 -14.24 34.87
C ASP D 13 41.42 -12.91 34.54
N ALA D 14 40.09 -12.96 34.45
CA ALA D 14 39.27 -11.83 34.04
C ALA D 14 39.19 -10.83 35.19
N GLY D 15 39.69 -11.25 36.35
CA GLY D 15 39.79 -10.37 37.51
C GLY D 15 38.42 -9.76 37.75
N VAL D 16 37.42 -10.65 37.83
CA VAL D 16 36.02 -10.26 37.76
C VAL D 16 35.11 -11.42 38.18
N LYS D 17 33.96 -11.09 38.74
CA LYS D 17 33.01 -12.12 39.16
C LYS D 17 32.42 -12.92 38.01
N VAL D 18 32.16 -14.20 38.23
CA VAL D 18 31.70 -15.09 37.18
C VAL D 18 30.41 -14.63 36.46
N GLU D 19 29.56 -13.86 37.15
CA GLU D 19 28.38 -13.25 36.55
C GLU D 19 28.75 -12.20 35.51
N ASP D 20 29.51 -11.20 35.96
CA ASP D 20 30.19 -10.25 35.10
C ASP D 20 30.86 -10.89 33.89
N LEU D 21 31.44 -12.07 34.08
CA LEU D 21 32.15 -12.68 32.97
C LEU D 21 31.16 -13.33 32.03
N ALA D 22 30.15 -14.00 32.58
CA ALA D 22 29.08 -14.53 31.73
C ALA D 22 28.42 -13.40 30.92
N GLU D 23 28.05 -12.32 31.59
CA GLU D 23 27.41 -11.17 30.97
C GLU D 23 28.20 -10.67 29.76
N ARG D 24 29.47 -10.33 29.97
CA ARG D 24 30.34 -9.79 28.92
C ARG D 24 30.51 -10.81 27.79
N ILE D 25 30.56 -12.10 28.13
CA ILE D 25 30.67 -13.11 27.11
C ILE D 25 29.39 -13.16 26.25
N THR D 26 28.26 -13.05 26.92
CA THR D 26 26.98 -13.17 26.25
C THR D 26 26.79 -11.92 25.37
N ARG D 27 27.16 -10.77 25.89
CA ARG D 27 26.98 -9.52 25.17
C ARG D 27 27.89 -9.35 23.97
N THR D 28 28.82 -10.27 23.80
CA THR D 28 29.75 -10.23 22.68
C THR D 28 29.68 -11.44 21.75
N GLY D 29 28.79 -12.38 21.99
CA GLY D 29 28.58 -13.34 20.91
C GLY D 29 28.12 -14.72 21.35
N ILE D 30 28.84 -15.30 22.32
CA ILE D 30 28.54 -16.61 22.87
C ILE D 30 27.58 -16.52 24.06
N GLU D 31 26.43 -17.16 23.95
CA GLU D 31 25.41 -17.10 24.97
C GLU D 31 25.63 -18.06 26.16
N VAL D 32 25.85 -17.48 27.33
CA VAL D 32 25.87 -18.27 28.55
C VAL D 32 24.43 -18.44 29.03
N ASP D 33 23.79 -19.53 28.60
CA ASP D 33 22.40 -19.74 28.96
C ASP D 33 22.11 -20.39 30.31
N ASN D 34 23.14 -20.86 31.01
CA ASN D 34 23.05 -21.01 32.46
C ASN D 34 24.32 -21.16 33.29
N MET D 35 24.16 -20.89 34.59
CA MET D 35 25.24 -20.76 35.53
C MET D 35 25.02 -21.70 36.72
N ILE D 36 25.77 -22.80 36.76
CA ILE D 36 25.65 -23.78 37.84
C ILE D 36 26.57 -23.49 39.03
N ASP D 37 26.01 -23.44 40.24
CA ASP D 37 26.77 -23.02 41.42
C ASP D 37 27.04 -24.22 42.31
N TYR D 38 28.12 -24.93 42.04
CA TYR D 38 28.38 -26.21 42.69
C TYR D 38 28.38 -26.09 44.21
N SER D 39 29.01 -25.02 44.70
CA SER D 39 28.81 -24.54 46.07
C SER D 39 27.35 -24.21 46.38
N LYS D 40 26.44 -25.09 45.95
CA LYS D 40 25.02 -24.77 45.85
C LYS D 40 24.29 -25.01 47.17
N ASP D 41 24.14 -23.95 47.96
CA ASP D 41 23.42 -24.03 49.23
C ASP D 41 24.40 -24.14 50.40
N ILE D 42 25.69 -23.85 50.20
CA ILE D 42 26.70 -24.35 51.13
C ILE D 42 27.42 -23.41 52.11
N LYS D 43 27.18 -23.63 53.40
CA LYS D 43 27.60 -22.77 54.50
C LYS D 43 28.39 -23.60 55.52
N ASN D 44 29.47 -23.05 56.07
CA ASN D 44 30.24 -23.73 57.12
C ASN D 44 30.61 -25.17 56.81
N LEU D 45 31.40 -25.36 55.75
CA LEU D 45 31.87 -26.69 55.41
C LEU D 45 33.40 -26.70 55.34
N VAL D 46 34.01 -27.41 56.29
CA VAL D 46 35.46 -27.37 56.49
C VAL D 46 36.08 -28.77 56.32
N VAL D 47 37.37 -28.82 55.99
CA VAL D 47 38.14 -30.04 56.21
C VAL D 47 38.15 -30.28 57.71
N GLY D 48 38.29 -31.54 58.08
CA GLY D 48 38.44 -31.96 59.46
C GLY D 48 39.14 -33.30 59.39
N TYR D 49 39.50 -33.83 60.56
CA TYR D 49 40.43 -34.95 60.66
C TYR D 49 39.96 -35.80 61.83
N ILE D 50 39.52 -37.03 61.56
CA ILE D 50 38.92 -37.84 62.61
C ILE D 50 40.09 -38.29 63.48
N GLN D 51 40.13 -37.80 64.71
CA GLN D 51 41.19 -38.14 65.65
C GLN D 51 40.96 -39.54 66.20
N SER D 52 39.75 -39.77 66.72
CA SER D 52 39.34 -41.08 67.20
C SER D 52 37.86 -41.35 66.89
N LYS D 53 37.48 -42.63 66.92
CA LYS D 53 36.22 -43.11 66.34
C LYS D 53 35.68 -44.22 67.24
N GLU D 54 34.49 -43.99 67.80
CA GLU D 54 33.85 -45.02 68.62
C GLU D 54 32.65 -45.69 67.95
N LYS D 55 31.71 -46.15 68.77
CA LYS D 55 30.75 -47.16 68.35
C LYS D 55 29.61 -47.31 69.37
N LEU D 62 25.77 -44.19 64.98
CA LEU D 62 26.59 -45.31 64.50
C LEU D 62 28.03 -45.29 65.01
N ASN D 63 28.86 -44.50 64.34
CA ASN D 63 30.18 -44.14 64.84
C ASN D 63 30.26 -42.74 65.48
N ILE D 64 30.65 -42.72 66.75
CA ILE D 64 31.07 -41.53 67.47
C ILE D 64 32.50 -41.11 67.09
N CYS D 65 32.62 -40.04 66.30
CA CYS D 65 33.92 -39.51 65.87
C CYS D 65 34.36 -38.24 66.58
N GLN D 66 35.68 -38.12 66.79
CA GLN D 66 36.28 -36.89 67.28
C GLN D 66 36.99 -36.23 66.12
N VAL D 67 36.30 -35.37 65.37
CA VAL D 67 36.96 -34.52 64.38
C VAL D 67 37.51 -33.21 64.95
N ASP D 68 38.84 -33.09 64.92
CA ASP D 68 39.47 -31.79 64.75
C ASP D 68 39.00 -31.13 63.46
N ILE D 69 38.19 -30.09 63.64
CA ILE D 69 37.85 -29.18 62.54
C ILE D 69 38.61 -27.86 62.59
N GLY D 70 39.86 -27.91 63.04
CA GLY D 70 40.74 -26.75 62.98
C GLY D 70 40.49 -25.78 64.12
N GLU D 71 39.60 -26.17 65.03
CA GLU D 71 39.32 -25.37 66.21
C GLU D 71 40.17 -25.81 67.40
N GLU D 72 40.13 -24.97 68.44
CA GLU D 72 40.79 -25.22 69.71
C GLU D 72 40.50 -26.61 70.30
N GLU D 73 39.24 -27.05 70.18
CA GLU D 73 38.85 -28.40 70.60
C GLU D 73 38.23 -29.21 69.45
N PRO D 74 38.42 -30.55 69.49
CA PRO D 74 37.62 -31.46 68.66
C PRO D 74 36.12 -31.31 68.90
N VAL D 75 35.35 -31.56 67.84
CA VAL D 75 33.90 -31.75 67.98
C VAL D 75 33.58 -33.25 67.94
N GLN D 76 32.51 -33.65 68.61
CA GLN D 76 32.00 -35.01 68.49
C GLN D 76 30.87 -35.12 67.48
N ILE D 77 31.06 -35.97 66.48
CA ILE D 77 30.07 -36.20 65.43
C ILE D 77 29.70 -37.68 65.40
N VAL D 78 28.41 -37.97 65.53
CA VAL D 78 27.88 -39.32 65.28
C VAL D 78 27.64 -39.55 63.80
N CYS D 79 28.10 -40.70 63.30
CA CYS D 79 28.02 -41.04 61.88
C CYS D 79 28.06 -42.55 61.59
N GLY D 80 27.04 -43.05 60.90
CA GLY D 80 26.93 -44.50 60.66
C GLY D 80 27.14 -44.81 59.19
N ALA D 81 27.87 -43.93 58.53
CA ALA D 81 28.23 -44.09 57.12
C ALA D 81 29.20 -45.25 56.89
N PRO D 82 29.15 -45.85 55.68
CA PRO D 82 29.68 -47.21 55.46
C PRO D 82 31.18 -47.36 55.71
N ASN D 83 32.03 -46.62 54.99
CA ASN D 83 33.47 -46.72 55.19
C ASN D 83 34.14 -45.49 55.83
N VAL D 84 34.18 -45.47 57.17
CA VAL D 84 34.64 -44.34 58.00
C VAL D 84 35.49 -44.75 59.22
N ASP D 85 36.69 -44.18 59.38
CA ASP D 85 37.53 -44.42 60.56
C ASP D 85 38.40 -43.22 60.93
N ALA D 86 39.23 -43.34 61.96
CA ALA D 86 40.14 -42.26 62.32
C ALA D 86 41.35 -42.26 61.39
N GLY D 87 42.07 -41.14 61.38
CA GLY D 87 43.15 -40.95 60.42
C GLY D 87 42.67 -40.35 59.10
N GLN D 88 41.36 -40.39 58.89
CA GLN D 88 40.71 -39.80 57.72
C GLN D 88 40.56 -38.29 57.86
N HIS D 89 41.07 -37.54 56.89
CA HIS D 89 40.61 -36.17 56.62
C HIS D 89 39.30 -36.14 55.82
N VAL D 90 38.31 -35.44 56.37
CA VAL D 90 36.95 -35.52 55.84
C VAL D 90 36.31 -34.15 55.63
N ILE D 91 35.07 -34.14 55.16
CA ILE D 91 34.38 -32.90 54.88
C ILE D 91 33.30 -32.74 55.93
N VAL D 92 33.31 -31.63 56.66
CA VAL D 92 32.37 -31.52 57.78
C VAL D 92 31.54 -30.26 57.61
N ALA D 93 30.22 -30.40 57.58
CA ALA D 93 29.33 -29.23 57.68
C ALA D 93 28.95 -28.91 59.13
N LYS D 94 29.63 -27.94 59.74
CA LYS D 94 29.46 -27.63 61.16
C LYS D 94 28.00 -27.42 61.55
N VAL D 95 27.74 -27.51 62.86
CA VAL D 95 26.54 -26.92 63.44
C VAL D 95 26.41 -25.47 62.97
N GLY D 96 25.21 -25.10 62.53
CA GLY D 96 24.99 -23.81 61.88
C GLY D 96 25.31 -23.76 60.40
N GLY D 97 25.65 -24.90 59.81
CA GLY D 97 25.89 -25.00 58.37
C GLY D 97 24.69 -25.34 57.50
N ARG D 98 24.95 -25.57 56.21
CA ARG D 98 23.91 -25.80 55.21
C ARG D 98 24.36 -26.74 54.09
N LEU D 99 23.38 -27.29 53.35
CA LEU D 99 23.59 -28.30 52.32
C LEU D 99 22.48 -28.30 51.24
N PRO D 100 22.80 -28.79 50.02
CA PRO D 100 21.84 -29.35 49.06
C PRO D 100 20.99 -30.56 49.48
N GLY D 101 19.91 -30.81 48.72
CA GLY D 101 18.89 -31.78 49.08
C GLY D 101 17.69 -31.18 49.79
N GLY D 102 17.93 -30.07 50.50
CA GLY D 102 17.07 -29.63 51.59
C GLY D 102 17.88 -29.10 52.76
N ILE D 103 17.49 -29.50 53.97
CA ILE D 103 18.39 -29.80 55.08
C ILE D 103 19.37 -28.71 55.58
N LYS D 104 19.39 -28.49 56.89
CA LYS D 104 20.40 -27.69 57.55
C LYS D 104 20.61 -28.17 58.99
N ILE D 105 21.86 -28.22 59.44
CA ILE D 105 22.26 -29.12 60.53
C ILE D 105 22.78 -28.43 61.79
N LYS D 106 22.30 -28.87 62.95
CA LYS D 106 22.64 -28.24 64.23
C LYS D 106 23.16 -29.24 65.26
N ARG D 107 23.29 -28.79 66.52
CA ARG D 107 23.58 -29.69 67.64
C ARG D 107 22.42 -30.66 67.82
N ALA D 108 22.63 -31.91 67.45
CA ALA D 108 21.66 -32.98 67.72
C ALA D 108 22.09 -33.76 68.98
N LYS D 109 21.39 -34.85 69.28
CA LYS D 109 21.73 -35.67 70.44
C LYS D 109 21.33 -37.12 70.23
N GLY D 112 20.68 -41.96 71.55
CA GLY D 112 21.30 -40.64 71.44
C GLY D 112 22.56 -40.53 72.28
N GLU D 113 23.37 -39.53 71.98
CA GLU D 113 24.74 -39.43 72.49
C GLU D 113 25.25 -37.99 72.58
N ARG D 114 25.57 -37.42 71.41
CA ARG D 114 25.88 -35.99 71.25
C ARG D 114 26.60 -35.76 69.92
N SER D 115 25.90 -35.12 68.98
CA SER D 115 26.41 -34.94 67.61
C SER D 115 26.44 -33.48 67.15
N GLU D 116 27.63 -32.99 66.83
CA GLU D 116 27.82 -31.59 66.49
C GLU D 116 28.40 -31.41 65.08
N GLY D 117 27.53 -31.27 64.09
CA GLY D 117 27.98 -31.07 62.72
C GLY D 117 28.08 -32.38 61.98
N MET D 118 28.36 -32.32 60.68
CA MET D 118 28.02 -33.43 59.79
C MET D 118 29.12 -33.76 58.79
N ILE D 119 29.60 -35.00 58.84
CA ILE D 119 30.65 -35.49 57.94
C ILE D 119 30.06 -36.09 56.69
N CYS D 120 30.76 -35.90 55.57
CA CYS D 120 30.05 -35.97 54.30
C CYS D 120 30.61 -36.83 53.18
N SER D 121 29.71 -37.66 52.65
CA SER D 121 29.60 -38.01 51.23
C SER D 121 29.75 -36.83 50.28
N LEU D 122 29.29 -37.02 49.04
CA LEU D 122 29.72 -36.17 47.93
C LEU D 122 28.59 -35.35 47.27
N GLN D 123 27.38 -35.51 47.79
CA GLN D 123 26.20 -35.82 46.99
C GLN D 123 25.10 -35.33 47.90
N GLU D 124 25.17 -35.80 49.14
CA GLU D 124 25.32 -34.97 50.33
C GLU D 124 25.73 -33.51 50.17
N ILE D 125 26.86 -33.25 49.51
CA ILE D 125 27.30 -31.88 49.21
C ILE D 125 26.82 -31.44 47.83
N GLY D 126 26.60 -32.42 46.95
CA GLY D 126 25.80 -32.25 45.75
C GLY D 126 26.64 -32.50 44.51
N ILE D 127 26.92 -33.77 44.22
CA ILE D 127 27.29 -34.16 42.85
C ILE D 127 26.07 -34.75 42.20
N SER D 128 26.29 -35.60 41.19
CA SER D 128 25.19 -35.93 40.30
C SER D 128 25.01 -37.42 40.10
N SER D 129 24.30 -37.77 39.03
CA SER D 129 24.20 -39.15 38.61
C SER D 129 25.50 -39.52 37.89
N ASN D 130 25.48 -40.65 37.19
CA ASN D 130 26.35 -40.93 36.05
C ASN D 130 27.62 -40.09 35.86
N VAL D 131 28.09 -39.43 36.92
CA VAL D 131 29.27 -38.58 36.84
C VAL D 131 30.19 -38.70 38.06
N VAL D 132 29.68 -39.33 39.11
CA VAL D 132 30.46 -39.56 40.32
C VAL D 132 31.27 -40.87 40.23
N PRO D 133 32.53 -40.83 40.71
CA PRO D 133 33.52 -41.88 40.50
C PRO D 133 33.59 -42.92 41.61
N ILE D 140 30.86 -41.75 53.13
CA ILE D 140 31.47 -40.43 53.30
C ILE D 140 32.82 -40.24 52.60
N PHE D 141 33.14 -38.98 52.30
CA PHE D 141 34.32 -38.63 51.52
C PHE D 141 35.60 -38.47 52.35
N VAL D 142 36.64 -39.20 51.93
CA VAL D 142 38.03 -39.11 52.42
C VAL D 142 39.02 -38.43 51.44
N PHE D 143 39.84 -37.51 51.96
CA PHE D 143 40.83 -36.75 51.16
C PHE D 143 42.07 -37.59 50.88
N PRO D 144 42.51 -37.64 49.61
CA PRO D 144 43.60 -38.57 49.32
C PRO D 144 44.84 -37.98 49.96
N THR D 145 44.76 -36.69 50.26
CA THR D 145 45.90 -35.90 50.73
C THR D 145 45.56 -35.34 52.10
N GLU D 146 46.61 -35.00 52.87
CA GLU D 146 46.45 -34.78 54.30
C GLU D 146 46.11 -33.34 54.67
N VAL D 147 44.96 -32.87 54.18
CA VAL D 147 44.69 -31.44 54.13
C VAL D 147 44.33 -30.90 55.50
N GLU D 148 44.86 -29.72 55.80
CA GLU D 148 44.72 -29.04 57.09
C GLU D 148 43.28 -28.93 57.61
N PRO D 149 42.97 -29.63 58.71
CA PRO D 149 41.70 -29.42 59.42
C PRO D 149 41.28 -27.95 59.56
N GLY D 150 40.04 -27.65 59.19
CA GLY D 150 39.52 -26.30 59.31
C GLY D 150 39.57 -25.48 58.03
N THR D 151 40.47 -25.83 57.11
CA THR D 151 40.38 -25.46 55.70
C THR D 151 38.93 -25.51 55.22
N ASP D 152 38.51 -24.44 54.54
CA ASP D 152 37.32 -24.47 53.72
C ASP D 152 37.35 -25.68 52.77
N ALA D 153 36.26 -26.43 52.74
CA ALA D 153 36.27 -27.83 52.27
C ALA D 153 36.07 -27.88 50.77
N LEU D 154 35.17 -27.03 50.27
CA LEU D 154 34.94 -26.94 48.84
C LEU D 154 36.20 -26.44 48.15
N THR D 155 36.83 -25.43 48.76
CA THR D 155 38.14 -24.95 48.33
C THR D 155 39.05 -26.13 48.05
N ALA D 156 39.37 -26.88 49.11
CA ALA D 156 40.17 -28.09 48.98
C ALA D 156 39.61 -29.11 47.97
N LEU D 157 38.30 -29.15 47.79
CA LEU D 157 37.64 -30.11 46.90
C LEU D 157 37.53 -29.59 45.46
N TYR D 158 38.06 -28.40 45.20
CA TYR D 158 37.94 -27.78 43.87
C TYR D 158 36.49 -27.83 43.36
N LEU D 159 35.63 -27.09 44.04
CA LEU D 159 34.18 -27.09 43.83
C LEU D 159 33.67 -25.86 44.55
N ASN D 160 34.60 -25.05 45.03
CA ASN D 160 34.32 -23.68 45.41
C ASN D 160 34.09 -22.82 44.16
N ASP D 161 33.10 -23.21 43.36
CA ASP D 161 33.11 -22.87 41.95
C ASP D 161 31.71 -22.73 41.33
N GLN D 162 31.61 -21.88 40.32
CA GLN D 162 30.50 -21.93 39.37
C GLN D 162 30.97 -22.20 37.94
N VAL D 163 30.21 -23.06 37.27
CA VAL D 163 30.40 -23.40 35.86
C VAL D 163 29.41 -22.68 34.91
N MET D 164 29.92 -22.09 33.84
CA MET D 164 29.09 -21.46 32.81
C MET D 164 28.68 -22.44 31.72
N GLU D 165 27.38 -22.62 31.48
CA GLU D 165 26.98 -23.47 30.35
C GLU D 165 26.71 -22.65 29.09
N PHE D 166 27.42 -22.96 27.99
CA PHE D 166 27.33 -22.25 26.72
C PHE D 166 26.43 -23.02 25.76
N ASP D 167 25.56 -22.30 25.06
CA ASP D 167 24.92 -22.89 23.88
C ASP D 167 25.63 -22.34 22.65
N LEU D 168 26.61 -23.10 22.15
CA LEU D 168 27.55 -22.59 21.15
C LEU D 168 27.00 -22.90 19.78
N THR D 169 27.38 -22.08 18.79
CA THR D 169 26.90 -22.28 17.43
C THR D 169 28.05 -22.90 16.63
N PRO D 170 27.74 -23.55 15.50
CA PRO D 170 28.75 -24.19 14.66
C PRO D 170 30.04 -23.39 14.38
N ASN D 171 29.96 -22.06 14.38
CA ASN D 171 31.10 -21.23 14.01
C ASN D 171 31.99 -20.98 15.21
N ARG D 172 31.53 -21.35 16.40
CA ARG D 172 32.34 -21.14 17.58
C ARG D 172 32.86 -22.47 18.18
N ALA D 173 33.44 -23.32 17.33
CA ALA D 173 34.04 -24.56 17.80
C ALA D 173 35.24 -24.23 18.69
N ASP D 174 36.00 -23.22 18.32
CA ASP D 174 37.12 -22.76 19.14
C ASP D 174 36.78 -22.78 20.63
N ALA D 175 35.51 -22.49 20.93
CA ALA D 175 35.12 -22.27 22.30
C ALA D 175 34.72 -23.60 22.94
N LEU D 176 34.92 -24.69 22.19
CA LEU D 176 34.70 -26.04 22.73
C LEU D 176 35.91 -26.53 23.52
N SER D 177 36.70 -25.59 24.04
CA SER D 177 37.98 -25.92 24.64
C SER D 177 38.16 -24.89 25.75
N MET D 178 38.94 -25.23 26.78
CA MET D 178 39.32 -24.27 27.82
C MET D 178 40.30 -23.22 27.32
N VAL D 179 41.19 -23.62 26.41
CA VAL D 179 42.18 -22.68 25.90
C VAL D 179 41.55 -21.75 24.85
N GLY D 180 40.62 -22.29 24.06
CA GLY D 180 39.95 -21.49 23.04
C GLY D 180 39.03 -20.49 23.71
N THR D 181 38.25 -20.98 24.65
CA THR D 181 37.53 -20.08 25.53
C THR D 181 38.39 -19.08 26.29
N ALA D 182 39.59 -19.50 26.68
CA ALA D 182 40.57 -18.57 27.25
C ALA D 182 41.10 -17.48 26.30
N TYR D 183 41.29 -17.85 25.04
CA TYR D 183 41.58 -16.85 24.03
C TYR D 183 40.42 -15.87 23.86
N GLU D 184 39.19 -16.40 23.87
CA GLU D 184 38.03 -15.53 23.74
C GLU D 184 37.98 -14.48 24.86
N VAL D 185 38.22 -14.93 26.09
CA VAL D 185 38.02 -14.07 27.25
C VAL D 185 39.15 -13.08 27.47
N ALA D 186 40.35 -13.50 27.07
CA ALA D 186 41.53 -12.64 27.04
C ALA D 186 41.24 -11.46 26.12
N ALA D 187 40.56 -11.71 25.00
CA ALA D 187 40.16 -10.66 24.08
C ALA D 187 39.22 -9.73 24.84
N LEU D 188 38.18 -10.31 25.47
CA LEU D 188 37.12 -9.50 26.06
C LEU D 188 37.59 -8.57 27.17
N TYR D 189 38.67 -8.93 27.85
CA TYR D 189 39.19 -8.13 28.96
C TYR D 189 40.57 -7.63 28.57
N GLN D 190 40.91 -7.86 27.31
CA GLN D 190 42.22 -7.52 26.73
C GLN D 190 43.35 -7.56 27.75
N THR D 191 43.32 -8.65 28.53
CA THR D 191 44.41 -9.11 29.38
C THR D 191 44.96 -10.34 28.68
N GLU D 192 45.76 -11.12 29.41
CA GLU D 192 46.59 -12.14 28.76
C GLU D 192 46.10 -13.52 29.16
N MET D 193 46.24 -14.47 28.24
CA MET D 193 46.03 -15.87 28.57
C MET D 193 47.32 -16.67 28.44
N THR D 194 47.38 -17.80 29.14
CA THR D 194 48.59 -18.61 29.17
C THR D 194 48.22 -20.06 28.95
N LYS D 195 48.89 -20.73 28.01
CA LYS D 195 48.65 -22.16 27.78
C LYS D 195 49.44 -23.03 28.78
N PRO D 196 49.02 -24.29 29.00
CA PRO D 196 49.57 -25.02 30.14
C PRO D 196 50.78 -25.87 29.78
N GLU D 197 51.45 -26.46 30.77
CA GLU D 197 52.73 -27.10 30.49
C GLU D 197 52.63 -28.27 29.52
N THR D 198 53.50 -28.27 28.51
CA THR D 198 53.57 -29.36 27.52
C THR D 198 54.93 -30.04 27.44
N GLN D 199 55.97 -29.42 27.98
CA GLN D 199 57.29 -30.00 27.90
C GLN D 199 57.61 -31.06 28.97
N SER D 200 57.71 -32.31 28.51
CA SER D 200 58.18 -33.42 29.33
C SER D 200 59.70 -33.58 29.30
N ASN D 201 60.20 -34.49 30.14
CA ASN D 201 61.61 -34.89 30.08
C ASN D 201 61.77 -36.26 29.44
N GLU D 202 62.54 -36.33 28.36
CA GLU D 202 62.44 -37.45 27.43
C GLU D 202 63.56 -38.50 27.58
N THR D 203 63.15 -39.75 27.72
CA THR D 203 64.04 -40.90 27.58
C THR D 203 64.89 -40.82 26.31
N SER D 204 66.10 -41.36 26.38
CA SER D 204 67.02 -41.44 25.24
C SER D 204 66.37 -41.86 23.93
N GLU D 205 65.30 -42.63 24.01
CA GLU D 205 64.76 -43.31 22.84
C GLU D 205 63.64 -42.50 22.17
N SER D 206 63.30 -42.88 20.94
CA SER D 206 62.26 -42.20 20.18
C SER D 206 61.18 -43.16 19.70
N ALA D 207 59.95 -42.67 19.63
CA ALA D 207 58.84 -43.51 19.15
C ALA D 207 58.90 -43.81 17.65
N THR D 208 59.79 -43.14 16.92
CA THR D 208 60.12 -43.56 15.56
C THR D 208 60.59 -45.01 15.52
N ASN D 209 61.35 -45.41 16.54
CA ASN D 209 61.90 -46.77 16.65
C ASN D 209 60.89 -47.77 17.20
N GLU D 210 59.65 -47.32 17.42
CA GLU D 210 58.69 -48.07 18.22
C GLU D 210 57.50 -48.35 17.33
N LEU D 211 57.30 -47.45 16.37
CA LEU D 211 55.98 -47.15 15.84
C LEU D 211 55.98 -46.81 14.34
N SER D 212 54.95 -47.32 13.66
CA SER D 212 54.76 -47.04 12.24
C SER D 212 53.31 -46.58 12.04
N VAL D 213 53.15 -45.62 11.14
CA VAL D 213 51.87 -44.98 10.84
C VAL D 213 51.76 -44.81 9.32
N THR D 214 50.74 -45.40 8.71
CA THR D 214 50.38 -44.99 7.36
C THR D 214 48.87 -44.83 7.20
N ILE D 215 48.47 -43.87 6.37
CA ILE D 215 47.10 -43.68 5.96
C ILE D 215 46.93 -44.19 4.52
N ASP D 216 46.12 -45.22 4.35
CA ASP D 216 45.76 -45.67 3.01
C ASP D 216 44.60 -44.84 2.46
N ASN D 217 44.05 -43.95 3.29
CA ASN D 217 42.92 -43.13 2.89
C ASN D 217 43.10 -41.64 3.19
N PRO D 218 44.15 -41.01 2.65
CA PRO D 218 44.56 -39.66 3.08
C PRO D 218 43.56 -38.57 2.70
N GLU D 219 42.63 -38.90 1.81
CA GLU D 219 41.55 -38.00 1.42
CA GLU D 219 41.56 -37.99 1.43
C GLU D 219 40.63 -37.79 2.61
N LYS D 220 40.65 -38.73 3.54
CA LYS D 220 39.69 -38.75 4.64
C LYS D 220 40.40 -38.55 5.98
N VAL D 221 41.73 -38.64 5.94
CA VAL D 221 42.59 -38.47 7.10
C VAL D 221 43.76 -37.58 6.73
N PRO D 222 43.66 -36.28 7.03
CA PRO D 222 44.77 -35.36 6.82
C PRO D 222 45.89 -35.65 7.80
N TYR D 223 45.50 -35.83 9.06
CA TYR D 223 46.47 -36.06 10.12
C TYR D 223 46.14 -37.31 10.94
N TYR D 224 47.20 -38.09 11.18
CA TYR D 224 47.24 -39.03 12.30
C TYR D 224 48.64 -38.95 12.90
N SER D 225 48.71 -39.04 14.22
CA SER D 225 50.00 -39.05 14.89
C SER D 225 49.89 -39.68 16.26
N ALA D 226 51.06 -39.87 16.87
CA ALA D 226 51.20 -40.74 18.02
C ALA D 226 52.51 -40.41 18.72
N ARG D 227 52.44 -40.34 20.04
CA ARG D 227 53.65 -40.38 20.86
C ARG D 227 53.62 -41.59 21.80
N VAL D 228 54.74 -41.85 22.45
CA VAL D 228 54.83 -43.04 23.29
C VAL D 228 55.33 -42.66 24.68
N VAL D 229 54.58 -43.09 25.69
CA VAL D 229 55.04 -42.82 27.03
C VAL D 229 55.12 -44.13 27.82
N LYS D 230 56.32 -44.45 28.27
CA LYS D 230 56.59 -45.78 28.83
C LYS D 230 56.44 -45.78 30.35
N ASN D 231 55.91 -46.86 30.89
CA ASN D 231 55.99 -47.14 32.32
C ASN D 231 55.10 -46.25 33.17
N VAL D 232 53.83 -46.62 33.19
CA VAL D 232 52.80 -45.77 33.73
C VAL D 232 52.00 -46.45 34.85
N SER D 233 51.62 -45.63 35.82
CA SER D 233 50.98 -46.10 37.05
C SER D 233 49.47 -45.88 37.05
N ILE D 234 48.71 -46.70 36.33
CA ILE D 234 47.26 -46.59 36.48
C ILE D 234 46.94 -46.35 37.95
N GLU D 235 45.83 -45.65 38.22
CA GLU D 235 45.39 -45.29 39.57
C GLU D 235 44.27 -44.24 39.52
N PRO D 236 44.11 -43.42 40.57
CA PRO D 236 43.29 -42.22 40.45
C PRO D 236 44.06 -40.91 40.18
N SER D 237 43.37 -39.90 39.67
CA SER D 237 43.97 -38.59 39.37
C SER D 237 43.81 -37.64 40.56
N PRO D 238 44.56 -36.53 40.60
CA PRO D 238 44.36 -35.71 41.79
C PRO D 238 42.92 -35.20 41.83
N ILE D 239 42.54 -34.56 42.93
CA ILE D 239 41.14 -34.15 43.02
C ILE D 239 40.80 -33.07 41.99
N TRP D 240 41.75 -32.18 41.68
CA TRP D 240 41.51 -31.20 40.64
C TRP D 240 41.18 -31.82 39.29
N VAL D 241 42.06 -32.65 38.75
CA VAL D 241 41.71 -33.37 37.53
C VAL D 241 40.30 -33.95 37.69
N GLN D 242 39.99 -34.43 38.89
CA GLN D 242 38.74 -35.18 39.07
C GLN D 242 37.48 -34.28 39.04
N ALA D 243 37.56 -33.17 39.76
CA ALA D 243 36.43 -32.26 39.91
C ALA D 243 36.08 -31.67 38.54
N ARG D 244 37.00 -30.87 38.02
CA ARG D 244 36.98 -30.44 36.62
C ARG D 244 36.31 -31.39 35.65
N LEU D 245 36.58 -32.68 35.77
CA LEU D 245 35.96 -33.60 34.81
C LEU D 245 34.48 -33.74 35.14
N ILE D 246 34.17 -33.69 36.44
CA ILE D 246 32.80 -33.81 36.92
C ILE D 246 32.06 -32.54 36.52
N LYS D 247 32.59 -31.39 36.92
CA LYS D 247 32.13 -30.09 36.44
C LYS D 247 31.82 -30.13 34.95
N ALA D 248 32.86 -30.30 34.13
CA ALA D 248 32.72 -30.43 32.69
C ALA D 248 31.81 -31.56 32.20
N GLY D 249 31.13 -32.23 33.12
CA GLY D 249 30.10 -33.20 32.76
C GLY D 249 30.52 -34.66 32.61
N ILE D 250 31.72 -35.02 33.07
CA ILE D 250 32.28 -36.34 32.78
C ILE D 250 32.88 -37.04 34.00
N ARG D 251 32.35 -38.22 34.35
CA ARG D 251 32.83 -39.03 35.47
C ARG D 251 34.30 -39.43 35.33
N PRO D 252 35.14 -39.00 36.28
CA PRO D 252 36.59 -39.20 36.31
C PRO D 252 36.94 -40.65 36.60
N ILE D 253 37.49 -41.36 35.61
CA ILE D 253 37.55 -42.82 35.66
C ILE D 253 38.85 -43.43 36.19
N ASN D 254 39.97 -43.09 35.56
CA ASN D 254 41.28 -43.35 36.15
C ASN D 254 42.31 -42.41 35.52
N ASN D 255 43.47 -42.27 36.16
CA ASN D 255 44.39 -41.21 35.75
C ASN D 255 44.62 -41.10 34.25
N VAL D 256 44.41 -42.19 33.51
CA VAL D 256 44.74 -42.18 32.08
C VAL D 256 43.53 -42.07 31.17
N VAL D 257 42.35 -42.47 31.66
CA VAL D 257 41.13 -42.18 30.94
C VAL D 257 40.87 -40.69 31.12
N ASP D 258 41.18 -40.21 32.31
CA ASP D 258 41.03 -38.80 32.65
C ASP D 258 41.96 -37.94 31.80
N ILE D 259 43.25 -38.25 31.81
CA ILE D 259 44.22 -37.38 31.17
C ILE D 259 43.88 -37.23 29.69
N SER D 260 43.14 -38.16 29.13
CA SER D 260 42.65 -37.95 27.77
C SER D 260 41.45 -37.00 27.67
N ASN D 261 40.32 -37.41 28.24
CA ASN D 261 39.13 -36.58 28.37
C ASN D 261 39.36 -35.16 28.88
N TYR D 262 40.40 -34.97 29.67
CA TYR D 262 40.70 -33.67 30.27
C TYR D 262 41.37 -32.70 29.29
N VAL D 263 42.21 -33.27 28.43
CA VAL D 263 42.95 -32.49 27.45
C VAL D 263 42.11 -32.23 26.21
N LEU D 264 41.16 -33.13 25.95
CA LEU D 264 39.97 -32.85 25.15
C LEU D 264 39.29 -31.55 25.54
N LEU D 265 38.79 -31.50 26.78
CA LEU D 265 38.29 -30.28 27.40
C LEU D 265 39.22 -29.08 27.36
N GLU D 266 40.53 -29.34 27.39
CA GLU D 266 41.53 -28.28 27.50
C GLU D 266 41.92 -27.68 26.14
N TYR D 267 42.04 -28.53 25.12
CA TYR D 267 42.57 -28.09 23.83
C TYR D 267 41.52 -28.32 22.75
N GLY D 268 40.51 -29.12 23.09
CA GLY D 268 39.51 -29.53 22.11
C GLY D 268 40.00 -30.56 21.13
N GLN D 269 41.25 -30.98 21.31
CA GLN D 269 41.82 -32.03 20.47
C GLN D 269 41.54 -33.37 21.12
N PRO D 270 40.74 -34.22 20.44
CA PRO D 270 40.46 -35.53 21.01
C PRO D 270 41.74 -36.40 20.99
N LEU D 271 41.92 -37.25 22.00
CA LEU D 271 43.08 -38.13 22.03
C LEU D 271 42.61 -39.55 22.26
N HIS D 272 43.25 -40.50 21.61
CA HIS D 272 43.05 -41.91 21.93
C HIS D 272 44.24 -42.50 22.69
N MET D 273 43.91 -43.35 23.65
CA MET D 273 44.89 -44.11 24.45
C MET D 273 44.91 -45.58 24.06
N PHE D 274 45.98 -46.00 23.39
CA PHE D 274 46.27 -47.42 23.25
C PHE D 274 47.34 -47.86 24.25
N ASP D 275 47.13 -49.02 24.89
CA ASP D 275 48.23 -49.84 25.38
C ASP D 275 49.12 -50.33 24.23
N GLN D 276 50.35 -49.81 24.21
CA GLN D 276 51.38 -50.27 23.29
C GLN D 276 51.35 -51.79 23.15
N ASP D 277 51.50 -52.49 24.27
CA ASP D 277 51.73 -53.94 24.27
C ASP D 277 50.52 -54.75 23.82
N HIS D 278 49.33 -54.13 23.82
CA HIS D 278 48.15 -54.82 23.33
C HIS D 278 47.55 -54.16 22.08
N ILE D 279 48.35 -53.37 21.37
CA ILE D 279 48.03 -52.93 20.02
C ILE D 279 48.08 -54.09 19.04
N GLY D 280 49.18 -54.84 19.10
CA GLY D 280 49.35 -56.04 18.29
C GLY D 280 50.31 -55.84 17.12
N SER D 281 51.18 -54.84 17.23
CA SER D 281 52.31 -54.68 16.32
C SER D 281 53.13 -53.45 16.69
N LYS D 282 54.13 -53.15 15.88
CA LYS D 282 54.79 -51.85 15.94
C LYS D 282 54.48 -51.05 14.69
N GLU D 283 53.24 -51.19 14.21
CA GLU D 283 52.81 -50.53 12.98
C GLU D 283 51.33 -50.16 13.06
N ILE D 284 51.03 -48.90 12.70
CA ILE D 284 49.63 -48.46 12.62
C ILE D 284 49.23 -48.06 11.20
N VAL D 285 48.01 -48.43 10.85
CA VAL D 285 47.48 -48.20 9.52
C VAL D 285 46.08 -47.60 9.59
N VAL D 286 45.92 -46.41 9.03
CA VAL D 286 44.61 -45.78 8.92
C VAL D 286 44.13 -45.96 7.49
N ARG D 287 42.95 -46.54 7.35
CA ARG D 287 42.39 -46.80 6.03
C ARG D 287 40.88 -46.92 6.17
N GLN D 288 40.17 -47.02 5.05
CA GLN D 288 38.72 -47.18 5.10
C GLN D 288 38.39 -48.59 5.57
N ALA D 289 37.31 -48.74 6.34
CA ALA D 289 36.66 -50.04 6.46
C ALA D 289 36.22 -50.51 5.07
N LYS D 290 36.09 -51.83 4.89
CA LYS D 290 35.68 -52.38 3.62
C LYS D 290 34.25 -52.94 3.63
N ASP D 291 33.84 -53.54 2.51
CA ASP D 291 32.61 -54.31 2.43
C ASP D 291 32.35 -55.12 3.70
N GLU D 292 31.32 -54.71 4.45
CA GLU D 292 30.68 -55.55 5.46
C GLU D 292 31.58 -55.84 6.67
N GLU D 293 32.69 -55.12 6.76
CA GLU D 293 33.88 -55.50 7.52
C GLU D 293 33.66 -55.58 9.02
N THR D 294 34.18 -56.63 9.64
CA THR D 294 33.80 -56.99 10.99
C THR D 294 34.76 -56.37 11.98
N MET D 295 34.23 -55.91 13.11
CA MET D 295 35.05 -55.65 14.29
C MET D 295 34.20 -55.42 15.54
N THR D 296 34.82 -55.64 16.70
CA THR D 296 34.11 -55.56 17.97
C THR D 296 34.85 -54.53 18.79
N THR D 297 34.13 -53.56 19.34
CA THR D 297 34.76 -52.39 19.90
C THR D 297 34.67 -52.42 21.41
N LEU D 298 35.58 -51.75 22.09
CA LEU D 298 35.66 -51.80 23.56
C LEU D 298 34.29 -51.77 24.23
N ASP D 299 33.26 -51.60 23.41
CA ASP D 299 31.88 -51.91 23.77
C ASP D 299 31.70 -53.36 24.17
N ASN D 300 32.48 -54.25 23.54
CA ASN D 300 32.18 -55.68 23.41
C ASN D 300 30.92 -55.96 22.58
N ASN D 301 30.28 -54.90 22.08
CA ASN D 301 29.26 -55.04 21.06
C ASN D 301 29.95 -55.08 19.70
N GLU D 302 29.68 -56.14 18.93
CA GLU D 302 30.38 -56.34 17.67
C GLU D 302 29.74 -55.53 16.55
N ARG D 303 30.57 -54.96 15.69
CA ARG D 303 30.09 -54.03 14.64
C ARG D 303 30.57 -54.40 13.24
N LYS D 304 29.64 -54.76 12.39
CA LYS D 304 29.91 -54.87 10.95
C LYS D 304 29.65 -53.56 10.20
N LEU D 305 30.55 -53.26 9.27
CA LEU D 305 30.84 -51.88 8.88
C LEU D 305 30.35 -51.57 7.48
N VAL D 306 30.83 -50.45 6.93
CA VAL D 306 30.54 -50.09 5.55
C VAL D 306 31.73 -49.43 4.88
N ASP D 307 31.70 -49.40 3.56
CA ASP D 307 32.72 -48.73 2.74
C ASP D 307 33.22 -47.43 3.37
N THR D 308 32.39 -46.85 4.25
CA THR D 308 32.42 -45.42 4.51
C THR D 308 32.65 -45.16 6.00
N ASP D 309 33.28 -46.13 6.65
CA ASP D 309 33.78 -45.96 8.01
C ASP D 309 35.30 -45.90 8.00
N ILE D 310 35.83 -44.98 8.81
CA ILE D 310 37.27 -44.99 9.10
C ILE D 310 37.58 -45.94 10.25
N VAL D 311 38.57 -46.81 10.04
CA VAL D 311 39.12 -47.64 11.11
C VAL D 311 40.58 -47.30 11.40
N ILE D 312 41.02 -47.72 12.58
CA ILE D 312 42.44 -47.97 12.82
C ILE D 312 42.74 -49.47 12.76
N SER D 313 43.89 -49.80 12.19
CA SER D 313 44.40 -51.17 12.18
C SER D 313 45.87 -51.24 12.60
N ASN D 314 46.27 -52.40 13.11
CA ASN D 314 47.67 -52.66 13.44
C ASN D 314 48.54 -53.13 12.26
N GLY D 315 47.90 -53.66 11.22
CA GLY D 315 48.64 -54.32 10.14
C GLY D 315 47.91 -55.58 9.70
N GLN D 316 46.63 -55.64 10.11
CA GLN D 316 45.63 -56.59 9.60
C GLN D 316 44.59 -56.79 10.70
N GLU D 317 44.51 -55.82 11.61
CA GLU D 317 43.57 -55.87 12.72
C GLU D 317 42.80 -54.56 12.88
N PRO D 318 41.47 -54.60 12.68
CA PRO D 318 40.66 -53.42 12.99
C PRO D 318 40.60 -53.22 14.49
N ILE D 319 41.35 -52.25 15.00
CA ILE D 319 41.66 -52.22 16.43
C ILE D 319 41.01 -51.02 17.10
N ALA D 320 40.24 -50.26 16.31
CA ALA D 320 39.60 -49.03 16.77
C ALA D 320 38.85 -48.37 15.61
N LEU D 321 37.55 -48.20 15.83
CA LEU D 321 36.73 -47.27 15.05
C LEU D 321 37.13 -45.80 15.27
N ALA D 322 38.03 -45.32 14.41
CA ALA D 322 38.53 -43.95 14.48
C ALA D 322 37.42 -42.94 14.69
N GLY D 323 37.70 -41.95 15.53
CA GLY D 323 36.69 -40.97 15.87
C GLY D 323 35.81 -41.51 16.97
N VAL D 324 35.18 -42.66 16.72
CA VAL D 324 33.93 -43.01 17.41
C VAL D 324 34.12 -43.77 18.72
N MET D 325 35.01 -44.75 18.72
CA MET D 325 35.13 -45.72 19.82
C MET D 325 36.57 -46.23 19.89
N GLY D 326 36.78 -47.31 20.64
CA GLY D 326 38.03 -48.05 20.56
C GLY D 326 37.85 -49.50 20.14
N GLY D 327 38.89 -50.31 20.34
CA GLY D 327 38.75 -51.75 20.19
C GLY D 327 38.61 -52.40 21.55
N ASP D 328 38.01 -53.59 21.60
CA ASP D 328 38.34 -54.55 22.65
C ASP D 328 39.70 -55.19 22.37
N PHE D 329 40.64 -54.91 23.27
CA PHE D 329 41.92 -55.60 23.33
C PHE D 329 43.13 -54.67 23.33
N SER D 330 43.03 -53.58 22.56
CA SER D 330 44.16 -52.67 22.34
C SER D 330 44.04 -51.46 23.25
N GLU D 331 42.91 -51.35 23.95
CA GLU D 331 42.69 -50.20 24.81
C GLU D 331 43.60 -50.22 26.04
N VAL D 332 43.39 -49.25 26.92
CA VAL D 332 44.01 -49.22 28.23
C VAL D 332 43.15 -49.92 29.28
N THR D 333 43.60 -51.10 29.72
CA THR D 333 43.24 -51.66 31.02
C THR D 333 44.20 -51.12 32.08
N GLU D 334 43.88 -51.35 33.34
CA GLU D 334 44.68 -50.87 34.47
C GLU D 334 46.03 -51.58 34.64
N GLN D 335 46.18 -52.73 33.99
CA GLN D 335 47.47 -53.39 33.91
C GLN D 335 48.20 -53.00 32.64
N THR D 336 47.99 -51.77 32.17
CA THR D 336 48.87 -51.24 31.13
C THR D 336 49.98 -50.37 31.72
N THR D 337 51.14 -50.40 31.07
CA THR D 337 52.31 -49.77 31.65
C THR D 337 53.13 -49.05 30.58
N ASN D 338 52.82 -49.32 29.32
CA ASN D 338 53.19 -48.42 28.23
C ASN D 338 52.04 -48.01 27.31
N VAL D 339 52.08 -46.76 26.84
CA VAL D 339 50.97 -46.21 26.06
C VAL D 339 51.41 -45.44 24.83
N VAL D 340 50.81 -45.82 23.70
CA VAL D 340 50.68 -44.94 22.55
C VAL D 340 49.44 -44.05 22.69
N ILE D 341 49.68 -42.74 22.55
CA ILE D 341 48.63 -41.74 22.54
C ILE D 341 48.37 -41.21 21.12
N GLU D 342 47.17 -41.46 20.61
CA GLU D 342 46.74 -40.93 19.31
C GLU D 342 46.30 -39.45 19.38
N GLY D 343 46.73 -38.64 18.43
CA GLY D 343 46.04 -37.39 18.14
C GLY D 343 45.88 -37.13 16.65
N ALA D 344 44.65 -37.23 16.15
CA ALA D 344 44.41 -37.32 14.71
C ALA D 344 43.44 -36.25 14.22
N ILE D 345 43.40 -36.07 12.90
CA ILE D 345 42.27 -35.41 12.24
C ILE D 345 41.53 -36.38 11.34
N PHE D 346 40.27 -36.64 11.66
CA PHE D 346 39.40 -37.47 10.83
C PHE D 346 38.32 -36.64 10.17
N ASP D 347 38.28 -36.72 8.84
CA ASP D 347 37.26 -36.04 8.07
C ASP D 347 35.93 -35.88 8.79
N PRO D 348 35.56 -34.63 9.11
CA PRO D 348 34.40 -34.26 9.92
C PRO D 348 33.09 -35.02 9.65
N VAL D 349 32.89 -35.45 8.41
CA VAL D 349 31.64 -36.08 8.02
C VAL D 349 31.68 -37.61 8.06
N SER D 350 32.85 -38.19 7.84
CA SER D 350 33.00 -39.64 8.01
C SER D 350 32.63 -39.97 9.44
N ILE D 351 33.34 -39.34 10.37
CA ILE D 351 33.05 -39.34 11.79
C ILE D 351 31.59 -39.08 12.12
N ARG D 352 31.00 -38.05 11.50
CA ARG D 352 29.60 -37.72 11.72
C ARG D 352 28.62 -38.85 11.42
N HIS D 353 28.89 -39.61 10.36
CA HIS D 353 27.91 -40.59 9.89
C HIS D 353 28.02 -41.94 10.60
N THR D 354 29.26 -42.34 10.91
CA THR D 354 29.51 -43.46 11.82
C THR D 354 28.90 -43.30 13.21
N SER D 355 29.46 -42.37 13.99
CA SER D 355 28.83 -41.98 15.25
C SER D 355 27.32 -42.04 15.14
N ARG D 356 26.77 -41.32 14.16
CA ARG D 356 25.33 -41.08 14.01
C ARG D 356 24.57 -42.40 14.05
N ARG D 357 24.97 -43.32 13.17
CA ARG D 357 24.19 -44.50 12.80
C ARG D 357 24.21 -45.54 13.93
N LEU D 358 25.37 -45.63 14.58
CA LEU D 358 25.60 -46.58 15.65
C LEU D 358 25.32 -45.88 16.98
N ASN D 359 24.58 -44.79 16.89
CA ASN D 359 24.02 -44.15 18.08
C ASN D 359 25.11 -43.89 19.11
N LEU D 360 26.30 -43.55 18.59
CA LEU D 360 27.56 -43.60 19.33
C LEU D 360 28.24 -42.24 19.45
N ARG D 361 27.46 -41.20 19.74
CA ARG D 361 28.02 -39.86 19.89
C ARG D 361 28.88 -39.78 21.13
N SER D 362 30.16 -39.44 20.97
CA SER D 362 31.01 -39.08 22.10
C SER D 362 31.29 -37.58 22.16
N GLU D 363 31.80 -37.11 23.28
CA GLU D 363 32.30 -35.74 23.30
C GLU D 363 33.51 -35.52 22.42
N ALA D 364 34.03 -36.58 21.82
CA ALA D 364 35.27 -36.51 21.05
C ALA D 364 34.98 -36.70 19.57
N SER D 365 33.87 -37.37 19.25
CA SER D 365 33.40 -37.39 17.87
C SER D 365 32.80 -36.02 17.59
N SER D 366 31.83 -35.62 18.41
CA SER D 366 31.30 -34.26 18.37
C SER D 366 32.35 -33.20 18.09
N ARG D 367 33.54 -33.32 18.68
CA ARG D 367 34.59 -32.39 18.32
C ARG D 367 35.17 -32.55 16.92
N PHE D 368 35.47 -33.78 16.49
CA PHE D 368 35.75 -34.04 15.07
C PHE D 368 34.66 -33.60 14.08
N GLU D 369 33.42 -33.49 14.55
CA GLU D 369 32.29 -33.02 13.74
C GLU D 369 32.46 -31.52 13.47
N LYS D 370 32.90 -30.77 14.47
CA LYS D 370 32.98 -29.32 14.35
C LYS D 370 34.23 -28.85 13.64
N GLY D 371 35.21 -29.74 13.57
CA GLY D 371 36.49 -29.41 12.94
C GLY D 371 37.51 -29.13 14.01
N ILE D 372 38.77 -29.42 13.67
CA ILE D 372 39.85 -29.33 14.64
C ILE D 372 40.80 -28.20 14.30
N ALA D 373 41.02 -27.30 15.25
CA ALA D 373 42.32 -26.63 15.42
C ALA D 373 43.53 -27.50 15.09
N THR D 374 43.96 -27.40 13.85
CA THR D 374 45.32 -27.66 13.39
C THR D 374 46.44 -27.13 14.31
N GLU D 375 46.44 -25.84 14.63
CA GLU D 375 47.36 -25.32 15.63
C GLU D 375 47.65 -26.24 16.81
N PHE D 376 46.70 -27.09 17.19
CA PHE D 376 46.65 -27.64 18.55
C PHE D 376 46.92 -29.13 18.66
N VAL D 377 47.02 -29.82 17.53
CA VAL D 377 47.10 -31.28 17.56
C VAL D 377 48.33 -31.75 18.33
N ASP D 378 49.51 -31.38 17.83
CA ASP D 378 50.78 -31.74 18.44
C ASP D 378 50.86 -31.27 19.89
N GLU D 379 50.48 -30.02 20.13
CA GLU D 379 50.48 -29.46 21.46
C GLU D 379 49.58 -30.21 22.44
N ALA D 380 48.40 -30.62 21.98
CA ALA D 380 47.46 -31.43 22.78
C ALA D 380 48.01 -32.81 23.16
N VAL D 381 48.45 -33.57 22.17
CA VAL D 381 49.35 -34.70 22.37
C VAL D 381 50.43 -34.47 23.43
N ASP D 382 51.37 -33.55 23.18
CA ASP D 382 52.33 -33.11 24.19
C ASP D 382 51.75 -32.70 25.54
N ARG D 383 50.47 -32.40 25.61
CA ARG D 383 49.91 -32.06 26.91
C ARG D 383 49.62 -33.33 27.68
N ALA D 384 49.15 -34.35 26.97
CA ALA D 384 48.72 -35.60 27.59
C ALA D 384 49.92 -36.49 27.88
N CYS D 385 51.09 -36.11 27.37
CA CYS D 385 52.27 -36.92 27.58
C CYS D 385 52.94 -36.35 28.83
N TYR D 386 53.08 -35.04 28.86
CA TYR D 386 53.47 -34.35 30.08
C TYR D 386 52.57 -34.73 31.26
N LEU D 387 51.26 -34.70 31.04
CA LEU D 387 50.33 -35.17 32.06
C LEU D 387 50.60 -36.60 32.52
N LEU D 388 50.81 -37.50 31.56
CA LEU D 388 51.03 -38.91 31.87
C LEU D 388 52.31 -39.09 32.69
N GLN D 389 53.40 -38.51 32.20
CA GLN D 389 54.50 -38.13 33.08
C GLN D 389 53.92 -37.80 34.45
N GLU D 390 53.37 -36.59 34.59
CA GLU D 390 53.12 -35.98 35.89
C GLU D 390 52.23 -36.77 36.86
N LEU D 391 51.41 -37.68 36.34
CA LEU D 391 50.26 -38.24 37.06
C LEU D 391 50.02 -39.72 36.74
N ALA D 392 50.81 -40.29 35.85
CA ALA D 392 50.91 -41.74 35.77
C ALA D 392 52.39 -42.07 35.79
N SER D 393 53.13 -41.33 36.61
CA SER D 393 54.60 -41.41 36.69
C SER D 393 55.33 -41.81 35.40
N GLY D 394 54.65 -41.65 34.26
CA GLY D 394 55.09 -42.24 33.00
C GLY D 394 56.36 -41.59 32.50
N GLU D 395 57.00 -42.22 31.53
CA GLU D 395 58.26 -41.69 31.04
C GLU D 395 58.22 -41.54 29.52
N VAL D 396 58.69 -40.39 29.05
CA VAL D 396 58.24 -39.81 27.80
C VAL D 396 59.26 -40.05 26.69
N LEU D 397 58.85 -40.75 25.64
CA LEU D 397 59.72 -40.88 24.48
C LEU D 397 59.90 -39.57 23.72
N GLN D 398 61.01 -39.48 22.99
CA GLN D 398 61.24 -38.40 22.04
C GLN D 398 60.34 -38.53 20.80
N ASP D 399 59.94 -37.38 20.25
CA ASP D 399 59.32 -37.29 18.93
C ASP D 399 57.88 -37.77 18.83
N ARG D 400 57.30 -37.64 17.63
CA ARG D 400 56.07 -38.33 17.32
C ARG D 400 56.26 -39.08 16.02
N VAL D 401 55.45 -40.10 15.78
CA VAL D 401 55.24 -40.62 14.43
C VAL D 401 53.96 -40.00 13.86
N SER D 402 54.14 -38.99 13.01
CA SER D 402 53.03 -38.28 12.40
C SER D 402 52.96 -38.68 10.94
N SER D 403 51.74 -38.89 10.43
CA SER D 403 51.53 -38.86 8.99
C SER D 403 50.80 -37.59 8.55
N GLY D 404 51.09 -37.16 7.32
CA GLY D 404 50.16 -36.34 6.54
C GLY D 404 50.10 -34.92 7.03
N ASP D 405 50.24 -33.98 6.11
CA ASP D 405 50.70 -32.64 6.48
C ASP D 405 49.57 -31.74 7.01
N LEU D 406 49.84 -31.08 8.13
CA LEU D 406 48.89 -30.14 8.75
C LEU D 406 48.86 -28.77 8.06
N GLY D 407 50.00 -28.34 7.52
CA GLY D 407 50.06 -27.10 6.76
C GLY D 407 50.21 -25.90 7.68
N SER D 408 49.89 -24.73 7.14
CA SER D 408 50.12 -23.45 7.82
C SER D 408 49.18 -23.24 9.00
N PHE D 409 49.63 -22.52 10.02
CA PHE D 409 48.84 -22.27 11.21
C PHE D 409 48.33 -20.84 11.23
N VAL D 410 48.64 -20.09 10.17
CA VAL D 410 48.17 -18.73 9.99
C VAL D 410 47.63 -18.60 8.57
N THR D 411 46.37 -18.22 8.44
CA THR D 411 45.88 -17.77 7.16
C THR D 411 45.69 -16.24 7.16
N PRO D 412 46.36 -15.53 6.24
CA PRO D 412 46.26 -14.08 6.26
C PRO D 412 45.02 -13.62 5.49
N ILE D 413 44.29 -12.65 6.05
CA ILE D 413 43.19 -12.00 5.36
C ILE D 413 43.42 -10.50 5.34
N ASP D 414 43.35 -9.89 4.17
CA ASP D 414 43.36 -8.43 4.12
C ASP D 414 41.98 -7.84 4.26
N ILE D 415 41.96 -6.63 4.80
CA ILE D 415 40.75 -5.86 4.96
C ILE D 415 41.21 -4.41 5.20
N THR D 416 40.29 -3.45 5.09
CA THR D 416 40.61 -2.03 5.18
C THR D 416 39.62 -1.45 6.18
N ALA D 417 39.90 -0.27 6.72
CA ALA D 417 38.96 0.33 7.66
C ALA D 417 37.70 0.73 6.90
N GLU D 418 37.90 1.40 5.77
CA GLU D 418 36.81 1.78 4.90
C GLU D 418 35.83 0.62 4.79
N LYS D 419 36.32 -0.54 4.35
CA LYS D 419 35.44 -1.68 4.21
C LYS D 419 34.65 -2.00 5.48
N VAL D 420 35.28 -1.85 6.64
CA VAL D 420 34.62 -2.16 7.88
C VAL D 420 33.57 -1.08 8.12
N ASN D 421 33.93 0.18 7.98
CA ASN D 421 32.94 1.23 8.20
C ASN D 421 31.81 1.18 7.16
N LYS D 422 32.09 0.64 5.98
CA LYS D 422 31.16 0.61 4.85
C LYS D 422 30.13 -0.49 4.98
N THR D 423 30.47 -1.50 5.77
CA THR D 423 29.59 -2.62 5.99
C THR D 423 28.72 -2.34 7.21
N ILE D 424 29.33 -1.75 8.24
CA ILE D 424 28.61 -1.63 9.48
C ILE D 424 27.98 -0.26 9.45
N GLY D 425 28.78 0.73 9.04
CA GLY D 425 28.38 2.12 9.12
C GLY D 425 28.83 2.79 10.40
N PHE D 426 29.82 2.25 11.09
CA PHE D 426 30.45 3.17 12.02
C PHE D 426 31.74 3.81 11.46
N ASN D 427 32.60 4.29 12.35
CA ASN D 427 33.61 5.22 11.87
C ASN D 427 34.94 4.97 12.59
N LEU D 428 35.42 3.73 12.47
CA LEU D 428 36.61 3.33 13.21
C LEU D 428 37.90 3.59 12.41
N SER D 429 38.97 3.95 13.11
CA SER D 429 40.28 4.13 12.49
C SER D 429 40.97 2.78 12.26
N ASN D 430 42.11 2.77 11.58
CA ASN D 430 42.91 1.55 11.45
C ASN D 430 43.37 1.02 12.80
N ASP D 431 43.56 1.93 13.75
CA ASP D 431 44.27 1.63 14.98
C ASP D 431 43.27 1.04 15.98
N GLU D 432 42.02 1.49 15.88
CA GLU D 432 40.91 0.84 16.56
C GLU D 432 40.72 -0.59 16.05
N ILE D 433 40.54 -0.73 14.74
CA ILE D 433 40.41 -2.02 14.05
C ILE D 433 41.59 -2.95 14.35
N GLN D 434 42.80 -2.45 14.14
CA GLN D 434 44.02 -3.18 14.46
C GLN D 434 44.05 -3.66 15.91
N SER D 435 43.70 -2.80 16.84
CA SER D 435 43.70 -3.22 18.24
C SER D 435 42.79 -4.42 18.49
N ILE D 436 41.62 -4.44 17.85
CA ILE D 436 40.70 -5.56 18.02
C ILE D 436 41.32 -6.89 17.57
N PHE D 437 41.98 -6.90 16.42
CA PHE D 437 42.56 -8.15 15.98
C PHE D 437 43.72 -8.57 16.87
N ARG D 438 44.53 -7.60 17.26
CA ARG D 438 45.67 -7.91 18.10
C ARG D 438 45.22 -8.42 19.48
N GLN D 439 44.13 -7.87 19.99
CA GLN D 439 43.58 -8.41 21.23
C GLN D 439 42.80 -9.69 21.06
N LEU D 440 42.47 -10.05 19.82
CA LEU D 440 41.95 -11.39 19.58
C LEU D 440 43.14 -12.32 19.42
N GLY D 441 44.33 -11.73 19.37
CA GLY D 441 45.57 -12.49 19.30
C GLY D 441 46.00 -12.73 17.88
N PHE D 442 45.39 -11.99 16.95
CA PHE D 442 45.75 -12.07 15.55
C PHE D 442 46.86 -11.04 15.27
N GLU D 443 47.99 -11.52 14.78
CA GLU D 443 49.02 -10.68 14.18
C GLU D 443 48.57 -9.92 12.93
N THR D 444 48.68 -8.59 13.00
CA THR D 444 48.18 -7.68 11.98
C THR D 444 49.36 -6.83 11.49
N THR D 445 49.33 -6.45 10.22
CA THR D 445 50.33 -5.52 9.68
C THR D 445 49.61 -4.51 8.78
N LEU D 446 49.95 -3.24 8.93
CA LEU D 446 49.36 -2.20 8.10
C LEU D 446 50.28 -1.98 6.91
N LYS D 447 49.69 -1.71 5.76
CA LYS D 447 50.43 -1.46 4.53
C LYS D 447 49.59 -0.46 3.75
N GLY D 448 49.81 0.82 4.00
CA GLY D 448 48.95 1.83 3.44
C GLY D 448 47.61 1.71 4.13
N GLU D 449 46.56 1.37 3.38
CA GLU D 449 45.23 1.40 3.99
C GLU D 449 44.77 -0.02 4.34
N THR D 450 45.59 -0.99 3.91
CA THR D 450 45.27 -2.40 4.12
C THR D 450 45.95 -3.12 5.28
N LEU D 451 45.12 -3.66 6.18
CA LEU D 451 45.59 -4.54 7.25
C LEU D 451 45.63 -5.98 6.77
N THR D 452 46.77 -6.63 6.97
CA THR D 452 46.81 -8.07 6.76
C THR D 452 46.70 -8.80 8.08
N VAL D 453 45.64 -9.60 8.21
CA VAL D 453 45.29 -10.20 9.48
C VAL D 453 45.63 -11.66 9.34
N ASN D 454 46.64 -12.04 10.11
CA ASN D 454 47.06 -13.40 10.24
C ASN D 454 46.11 -14.12 11.21
N VAL D 455 45.12 -14.81 10.63
CA VAL D 455 44.18 -15.57 11.43
C VAL D 455 44.82 -16.91 11.76
N PRO D 456 44.82 -17.28 13.05
CA PRO D 456 45.32 -18.58 13.47
C PRO D 456 44.35 -19.73 13.19
N SER D 457 44.89 -20.92 12.94
CA SER D 457 44.08 -22.10 12.64
C SER D 457 43.11 -22.43 13.79
N ARG D 458 43.42 -21.93 14.99
CA ARG D 458 42.54 -22.06 16.14
C ARG D 458 41.19 -21.33 16.03
N ARG D 459 41.13 -20.33 15.15
CA ARG D 459 39.85 -19.77 14.71
C ARG D 459 39.51 -20.19 13.27
N LYS D 460 39.06 -21.43 13.10
CA LYS D 460 38.75 -21.93 11.76
C LYS D 460 37.45 -21.39 11.16
N ASP D 461 36.74 -20.54 11.91
CA ASP D 461 35.50 -19.96 11.41
C ASP D 461 35.73 -18.61 10.77
N ILE D 462 36.96 -18.10 10.91
CA ILE D 462 37.41 -16.90 10.22
C ILE D 462 38.23 -17.22 8.98
N THR D 463 37.61 -16.97 7.83
CA THR D 463 38.11 -17.36 6.52
C THR D 463 38.10 -16.17 5.54
N ILE D 464 37.15 -15.24 5.75
CA ILE D 464 36.97 -14.15 4.82
C ILE D 464 36.96 -12.81 5.55
N LYS D 465 37.08 -11.72 4.81
CA LYS D 465 37.05 -10.39 5.43
C LYS D 465 35.75 -10.15 6.17
N GLU D 466 34.66 -10.74 5.69
CA GLU D 466 33.40 -10.47 6.38
C GLU D 466 33.40 -11.02 7.80
N ASP D 467 34.04 -12.17 7.97
CA ASP D 467 34.21 -12.81 9.28
C ASP D 467 34.94 -11.87 10.23
N LEU D 468 35.91 -11.15 9.67
CA LEU D 468 36.74 -10.23 10.46
C LEU D 468 35.90 -9.00 10.79
N ILE D 469 35.10 -8.59 9.83
CA ILE D 469 34.08 -7.58 10.13
C ILE D 469 33.25 -8.01 11.34
N GLU D 470 32.70 -9.23 11.32
CA GLU D 470 31.93 -9.67 12.48
C GLU D 470 32.64 -9.57 13.84
N GLU D 471 33.91 -10.00 13.87
CA GLU D 471 34.74 -9.88 15.08
C GLU D 471 34.81 -8.43 15.57
N VAL D 472 35.10 -7.50 14.67
CA VAL D 472 35.08 -6.10 15.06
C VAL D 472 33.71 -5.66 15.57
N ALA D 473 32.68 -5.95 14.77
CA ALA D 473 31.31 -5.58 15.12
C ALA D 473 31.00 -6.05 16.52
N ARG D 474 31.21 -7.35 16.75
CA ARG D 474 30.75 -7.93 18.01
C ARG D 474 31.46 -7.35 19.23
N ILE D 475 32.73 -7.04 19.06
CA ILE D 475 33.57 -6.65 20.18
C ILE D 475 33.38 -5.17 20.43
N TYR D 476 33.52 -4.37 19.38
CA TYR D 476 33.44 -2.93 19.56
C TYR D 476 32.01 -2.59 19.97
N GLY D 477 31.05 -3.35 19.43
CA GLY D 477 29.76 -3.45 20.11
C GLY D 477 28.69 -2.93 19.18
N TYR D 478 27.55 -3.62 19.16
CA TYR D 478 26.49 -3.30 18.19
C TYR D 478 25.66 -2.13 18.70
N ASP D 479 25.86 -1.75 19.95
CA ASP D 479 25.17 -0.63 20.58
C ASP D 479 25.51 0.63 19.80
N GLU D 480 26.60 0.54 19.06
CA GLU D 480 27.34 1.73 18.62
C GLU D 480 26.96 2.16 17.20
N ILE D 481 26.81 1.16 16.33
CA ILE D 481 26.17 1.29 15.03
C ILE D 481 25.04 2.32 15.08
N PRO D 482 25.25 3.47 14.43
CA PRO D 482 24.21 4.49 14.24
C PRO D 482 23.07 3.97 13.37
N SER D 483 22.03 4.76 13.22
CA SER D 483 20.81 4.25 12.61
C SER D 483 20.46 5.04 11.36
N SER D 484 20.27 4.33 10.26
CA SER D 484 20.05 4.99 8.98
C SER D 484 19.03 4.19 8.18
N LEU D 485 18.55 4.73 7.06
CA LEU D 485 17.62 4.00 6.22
C LEU D 485 18.13 3.93 4.79
N PRO D 486 17.98 2.78 4.14
CA PRO D 486 18.50 2.67 2.80
C PRO D 486 17.76 3.52 1.75
N VAL D 487 18.56 4.19 0.94
CA VAL D 487 18.04 5.08 -0.11
C VAL D 487 18.24 4.46 -1.49
N PHE D 488 17.14 4.12 -2.13
CA PHE D 488 17.10 3.26 -3.30
C PHE D 488 17.05 4.12 -4.56
N GLY D 489 18.00 3.87 -5.45
CA GLY D 489 18.24 4.77 -6.56
C GLY D 489 17.40 4.31 -7.74
N GLU D 490 17.09 3.03 -7.83
CA GLU D 490 15.97 2.60 -8.67
C GLU D 490 14.70 2.87 -7.88
N VAL D 491 13.93 3.85 -8.34
CA VAL D 491 12.75 4.23 -7.59
C VAL D 491 11.55 3.49 -8.17
N THR D 492 10.73 2.97 -7.26
CA THR D 492 9.68 2.05 -7.59
C THR D 492 8.67 2.26 -6.46
N SER D 493 7.41 2.27 -6.83
CA SER D 493 6.33 2.45 -5.88
C SER D 493 5.99 1.08 -5.33
N GLY D 494 5.99 0.93 -4.02
CA GLY D 494 5.62 -0.35 -3.44
C GLY D 494 4.11 -0.53 -3.48
N GLU D 495 3.62 -1.59 -4.10
CA GLU D 495 2.17 -1.79 -4.23
C GLU D 495 1.84 -3.27 -4.13
N LEU D 496 0.66 -3.59 -3.58
CA LEU D 496 0.19 -4.96 -3.67
C LEU D 496 0.09 -5.24 -5.15
N THR D 497 0.42 -6.46 -5.56
CA THR D 497 0.03 -6.90 -6.88
C THR D 497 -1.49 -6.92 -6.97
N ASP D 498 -1.98 -7.32 -8.13
CA ASP D 498 -3.41 -7.30 -8.40
C ASP D 498 -4.05 -8.45 -7.64
N ARG D 499 -3.41 -9.62 -7.70
CA ARG D 499 -3.84 -10.78 -6.95
C ARG D 499 -3.85 -10.48 -5.46
N GLN D 500 -2.84 -9.76 -5.00
CA GLN D 500 -2.66 -9.52 -3.58
C GLN D 500 -3.76 -8.60 -3.09
N HIS D 501 -4.06 -7.62 -3.93
CA HIS D 501 -5.02 -6.61 -3.62
C HIS D 501 -6.45 -7.21 -3.63
N LYS D 502 -6.74 -8.00 -4.65
CA LYS D 502 -7.98 -8.76 -4.75
C LYS D 502 -8.22 -9.70 -3.55
N THR D 503 -7.13 -10.27 -3.04
CA THR D 503 -7.22 -11.18 -1.91
C THR D 503 -7.58 -10.40 -0.64
N ARG D 504 -6.94 -9.26 -0.44
CA ARG D 504 -7.31 -8.43 0.69
C ARG D 504 -8.76 -7.97 0.64
N THR D 505 -9.25 -7.67 -0.56
CA THR D 505 -10.58 -7.08 -0.74
C THR D 505 -11.61 -8.18 -0.52
N LEU D 506 -11.34 -9.33 -1.13
CA LEU D 506 -12.11 -10.53 -0.89
C LEU D 506 -12.26 -10.95 0.57
N LYS D 507 -11.16 -10.88 1.32
CA LYS D 507 -11.17 -11.16 2.76
C LYS D 507 -11.97 -10.11 3.52
N GLU D 508 -11.89 -8.85 3.12
CA GLU D 508 -12.85 -7.85 3.61
C GLU D 508 -14.32 -8.18 3.32
N THR D 509 -14.60 -8.72 2.14
CA THR D 509 -15.95 -9.11 1.75
C THR D 509 -16.50 -10.28 2.52
N LEU D 510 -15.74 -11.37 2.61
CA LEU D 510 -16.10 -12.50 3.45
C LEU D 510 -16.36 -12.02 4.87
N GLU D 511 -15.41 -11.27 5.42
CA GLU D 511 -15.53 -10.83 6.79
C GLU D 511 -16.77 -9.95 7.00
N GLY D 512 -17.00 -9.10 6.00
CA GLY D 512 -18.16 -8.24 6.00
C GLY D 512 -19.47 -8.98 5.98
N ALA D 513 -19.43 -10.24 5.54
CA ALA D 513 -20.59 -11.12 5.55
C ALA D 513 -20.69 -12.00 6.79
N GLY D 514 -19.80 -11.80 7.76
CA GLY D 514 -19.85 -12.50 9.03
C GLY D 514 -18.90 -13.68 9.17
N LEU D 515 -18.03 -13.91 8.20
CA LEU D 515 -17.20 -15.10 8.29
C LEU D 515 -15.88 -14.72 8.94
N ASN D 516 -15.49 -15.51 9.95
CA ASN D 516 -14.19 -15.37 10.58
C ASN D 516 -13.10 -16.06 9.77
N GLN D 517 -11.93 -15.40 9.67
CA GLN D 517 -10.77 -15.99 9.03
C GLN D 517 -10.23 -17.14 9.88
N ALA D 518 -10.26 -18.37 9.37
CA ALA D 518 -9.57 -19.48 10.03
C ALA D 518 -8.13 -19.63 9.56
N ILE D 519 -7.29 -20.27 10.37
CA ILE D 519 -5.98 -20.70 9.91
C ILE D 519 -5.80 -22.10 10.45
N THR D 520 -5.62 -23.04 9.54
CA THR D 520 -5.60 -24.44 9.92
C THR D 520 -4.22 -25.01 9.61
N TYR D 521 -3.86 -26.12 10.27
CA TYR D 521 -2.75 -26.98 9.87
C TYR D 521 -2.87 -27.53 8.45
N SER D 522 -1.81 -27.40 7.67
CA SER D 522 -1.68 -28.06 6.38
C SER D 522 -1.59 -29.58 6.40
N LEU D 523 -0.98 -30.11 7.46
CA LEU D 523 -0.77 -31.54 7.61
C LEU D 523 -2.00 -32.15 8.29
N VAL D 524 -2.59 -33.14 7.63
CA VAL D 524 -3.62 -33.94 8.27
C VAL D 524 -3.16 -35.41 8.42
N SER D 525 -4.10 -36.26 8.83
CA SER D 525 -3.83 -37.68 8.88
C SER D 525 -3.85 -38.20 7.44
N LYS D 526 -3.18 -39.33 7.23
CA LYS D 526 -3.00 -39.91 5.91
C LYS D 526 -4.32 -40.37 5.28
N ASP D 527 -5.29 -40.79 6.09
CA ASP D 527 -6.59 -41.23 5.60
C ASP D 527 -7.52 -40.04 5.41
N HIS D 528 -7.16 -38.89 5.98
CA HIS D 528 -7.87 -37.66 5.67
C HIS D 528 -7.36 -36.85 4.48
N ALA D 529 -6.16 -37.18 3.99
CA ALA D 529 -5.46 -36.29 3.07
C ALA D 529 -6.18 -36.14 1.73
N LYS D 530 -6.97 -37.14 1.35
CA LYS D 530 -7.67 -37.13 0.07
C LYS D 530 -9.14 -36.74 0.17
N ASP D 531 -9.62 -36.41 1.37
CA ASP D 531 -11.03 -36.04 1.55
C ASP D 531 -11.34 -34.84 0.68
N PHE D 532 -12.45 -34.95 -0.06
CA PHE D 532 -13.04 -33.83 -0.78
C PHE D 532 -12.21 -33.44 -1.99
N ALA D 533 -11.07 -34.12 -2.16
CA ALA D 533 -10.27 -34.00 -3.39
C ALA D 533 -11.10 -34.18 -4.65
N LEU D 534 -10.70 -33.47 -5.70
CA LEU D 534 -11.38 -33.52 -6.99
C LEU D 534 -10.83 -34.63 -7.89
N GLN D 535 -9.61 -34.44 -8.37
CA GLN D 535 -8.81 -35.51 -8.97
C GLN D 535 -8.26 -36.49 -7.92
N GLU D 536 -8.23 -37.77 -8.28
CA GLU D 536 -7.16 -38.64 -7.82
C GLU D 536 -5.82 -38.02 -8.24
N ARG D 537 -5.02 -37.64 -7.25
CA ARG D 537 -3.73 -36.97 -7.39
C ARG D 537 -2.98 -37.59 -6.21
N PRO D 538 -1.67 -37.85 -6.35
CA PRO D 538 -1.03 -38.45 -5.17
C PRO D 538 -0.83 -37.46 -4.02
N THR D 539 -0.78 -38.00 -2.80
CA THR D 539 -0.69 -37.21 -1.57
C THR D 539 0.77 -37.18 -1.18
N ILE D 540 1.12 -36.19 -0.37
CA ILE D 540 2.48 -35.99 0.10
C ILE D 540 2.55 -36.31 1.58
N SER D 541 3.27 -37.37 1.96
CA SER D 541 3.47 -37.69 3.38
C SER D 541 4.88 -37.32 3.83
N LEU D 542 4.99 -36.93 5.10
CA LEU D 542 6.28 -36.70 5.73
C LEU D 542 6.98 -38.04 5.93
N LEU D 543 8.31 -38.03 5.95
CA LEU D 543 9.11 -39.20 6.26
C LEU D 543 9.00 -39.60 7.73
N MET D 544 8.96 -38.59 8.59
CA MET D 544 8.85 -38.81 10.01
C MET D 544 7.90 -37.86 10.72
N PRO D 545 6.60 -38.17 10.66
CA PRO D 545 5.65 -37.31 11.35
C PRO D 545 5.99 -37.24 12.84
N MET D 546 5.71 -36.09 13.43
CA MET D 546 5.71 -35.98 14.88
C MET D 546 4.40 -36.59 15.34
N SER D 547 3.47 -36.82 14.41
CA SER D 547 2.12 -37.10 14.86
C SER D 547 1.17 -37.61 13.78
N GLU D 548 0.66 -38.82 13.97
CA GLU D 548 -0.27 -39.43 13.03
C GLU D 548 -1.34 -38.48 12.45
N ALA D 549 -1.75 -37.50 13.25
CA ALA D 549 -2.74 -36.51 12.81
C ALA D 549 -2.18 -35.41 11.92
N HIS D 550 -0.85 -35.34 11.82
CA HIS D 550 -0.16 -34.38 10.97
C HIS D 550 0.94 -35.05 10.18
N ALA D 551 0.57 -35.90 9.24
CA ALA D 551 1.51 -36.85 8.65
C ALA D 551 1.59 -36.65 7.13
N THR D 552 0.47 -36.22 6.54
CA THR D 552 0.31 -35.98 5.11
C THR D 552 -0.29 -34.60 4.84
N LEU D 553 0.18 -33.93 3.79
CA LEU D 553 -0.43 -32.68 3.30
C LEU D 553 -1.80 -32.88 2.69
N ARG D 554 -2.74 -32.17 3.30
CA ARG D 554 -4.11 -32.04 2.86
C ARG D 554 -4.25 -31.77 1.37
N GLN D 555 -5.29 -32.35 0.76
CA GLN D 555 -5.63 -32.03 -0.62
C GLN D 555 -6.88 -31.21 -0.62
N SER D 556 -7.25 -30.73 0.57
CA SER D 556 -8.48 -29.99 0.83
C SER D 556 -8.39 -29.29 2.18
N LEU D 557 -9.00 -28.12 2.26
CA LEU D 557 -9.04 -27.26 3.45
C LEU D 557 -10.09 -27.73 4.45
N LEU D 558 -11.05 -28.52 3.96
CA LEU D 558 -12.29 -28.83 4.70
C LEU D 558 -12.10 -29.74 5.92
N PRO D 559 -11.32 -30.81 5.79
CA PRO D 559 -11.15 -31.62 6.98
C PRO D 559 -10.82 -30.88 8.27
N HIS D 560 -9.82 -30.00 8.26
CA HIS D 560 -9.55 -29.24 9.46
C HIS D 560 -10.58 -28.14 9.73
N LEU D 561 -11.33 -27.68 8.73
CA LEU D 561 -12.36 -26.70 9.01
C LEU D 561 -13.58 -27.38 9.65
N ILE D 562 -13.88 -28.59 9.18
CA ILE D 562 -14.89 -29.41 9.84
C ILE D 562 -14.52 -29.75 11.28
N GLU D 563 -13.26 -30.10 11.50
CA GLU D 563 -12.81 -30.38 12.86
C GLU D 563 -13.00 -29.15 13.77
N ALA D 564 -12.68 -27.97 13.23
CA ALA D 564 -12.70 -26.71 13.99
C ALA D 564 -14.15 -26.40 14.33
N THR D 565 -15.03 -26.79 13.43
CA THR D 565 -16.48 -26.65 13.65
C THR D 565 -17.01 -27.59 14.72
N ALA D 566 -16.70 -28.88 14.57
CA ALA D 566 -16.97 -29.83 15.64
C ALA D 566 -16.45 -29.36 17.00
N TYR D 567 -15.24 -28.81 17.02
CA TYR D 567 -14.58 -28.37 18.24
C TYR D 567 -15.36 -27.25 18.92
N ASN D 568 -15.75 -26.29 18.09
CA ASN D 568 -16.50 -25.13 18.49
C ASN D 568 -17.88 -25.56 18.98
N VAL D 569 -18.50 -26.45 18.24
CA VAL D 569 -19.85 -26.84 18.59
C VAL D 569 -19.85 -27.60 19.91
N ALA D 570 -18.91 -28.52 20.10
CA ALA D 570 -18.78 -29.16 21.40
C ALA D 570 -18.50 -28.19 22.55
N ARG D 571 -17.99 -27.00 22.25
CA ARG D 571 -17.84 -25.97 23.27
C ARG D 571 -19.10 -25.13 23.40
N LYS D 572 -20.16 -25.52 22.72
CA LYS D 572 -21.45 -24.81 22.76
C LYS D 572 -21.43 -23.48 22.00
N ASN D 573 -20.45 -23.36 21.10
CA ASN D 573 -20.46 -22.31 20.09
C ASN D 573 -21.23 -22.88 18.91
N LYS D 574 -22.54 -22.66 18.91
CA LYS D 574 -23.41 -23.26 17.92
C LYS D 574 -23.38 -22.54 16.58
N ASP D 575 -23.08 -21.23 16.60
CA ASP D 575 -22.99 -20.44 15.36
C ASP D 575 -21.54 -20.30 14.94
N VAL D 576 -21.16 -21.02 13.88
CA VAL D 576 -19.78 -21.02 13.40
C VAL D 576 -19.78 -20.60 11.93
N ARG D 577 -19.08 -19.52 11.64
CA ARG D 577 -18.79 -19.16 10.28
C ARG D 577 -17.30 -18.89 10.10
N LEU D 578 -16.69 -19.74 9.29
CA LEU D 578 -15.25 -19.63 9.06
C LEU D 578 -14.96 -19.70 7.57
N TYR D 579 -13.92 -18.99 7.14
CA TYR D 579 -13.40 -19.13 5.79
C TYR D 579 -11.90 -19.32 5.94
N GLU D 580 -11.31 -19.91 4.89
CA GLU D 580 -9.87 -19.95 4.81
C GLU D 580 -9.40 -19.83 3.37
N ILE D 581 -8.34 -19.06 3.19
CA ILE D 581 -7.58 -19.14 1.96
C ILE D 581 -6.27 -19.78 2.37
N GLY D 582 -5.85 -20.82 1.66
CA GLY D 582 -4.81 -21.72 2.16
C GLY D 582 -4.48 -22.67 1.04
N ARG D 583 -3.37 -23.38 1.17
CA ARG D 583 -2.91 -24.17 0.07
C ARG D 583 -3.22 -25.63 0.28
N VAL D 584 -3.41 -26.34 -0.82
CA VAL D 584 -3.50 -27.78 -0.80
C VAL D 584 -2.46 -28.35 -1.75
N PHE D 585 -2.19 -29.64 -1.60
CA PHE D 585 -0.98 -30.22 -2.09
C PHE D 585 -1.23 -31.53 -2.81
N PHE D 586 -0.90 -31.55 -4.09
CA PHE D 586 -0.99 -32.75 -4.90
C PHE D 586 0.39 -33.16 -5.37
N GLY D 587 0.67 -34.46 -5.29
CA GLY D 587 2.02 -34.95 -5.49
C GLY D 587 2.35 -35.03 -6.96
N ASN D 588 3.58 -34.67 -7.29
CA ASN D 588 4.04 -34.70 -8.68
C ASN D 588 4.92 -35.89 -9.02
N GLY D 589 4.48 -37.06 -8.59
CA GLY D 589 5.32 -38.24 -8.63
C GLY D 589 6.53 -37.99 -7.75
N GLU D 590 7.64 -38.67 -8.05
CA GLU D 590 8.68 -38.90 -7.06
C GLU D 590 9.90 -38.02 -7.29
N GLY D 591 10.31 -37.35 -6.21
CA GLY D 591 11.39 -36.36 -6.25
C GLY D 591 11.14 -35.09 -7.03
N GLU D 592 9.87 -34.76 -7.30
CA GLU D 592 9.53 -33.41 -7.78
C GLU D 592 8.72 -32.63 -6.73
N LEU D 593 8.74 -31.30 -6.82
CA LEU D 593 7.92 -30.50 -5.91
C LEU D 593 6.46 -30.71 -6.27
N PRO D 594 5.57 -30.72 -5.26
CA PRO D 594 4.17 -31.06 -5.58
C PRO D 594 3.55 -29.86 -6.27
N ASP D 595 2.30 -30.00 -6.71
CA ASP D 595 1.54 -28.82 -7.10
C ASP D 595 0.90 -28.22 -5.86
N GLU D 596 1.29 -27.00 -5.50
CA GLU D 596 0.65 -26.32 -4.38
C GLU D 596 -0.43 -25.43 -4.98
N VAL D 597 -1.67 -25.65 -4.56
CA VAL D 597 -2.76 -24.85 -5.10
C VAL D 597 -3.49 -24.09 -4.01
N GLU D 598 -3.67 -22.80 -4.24
CA GLU D 598 -4.44 -22.00 -3.31
C GLU D 598 -5.96 -22.17 -3.43
N TYR D 599 -6.56 -22.46 -2.28
CA TYR D 599 -8.01 -22.58 -2.16
C TYR D 599 -8.65 -21.51 -1.27
N LEU D 600 -9.86 -21.11 -1.65
CA LEU D 600 -10.76 -20.45 -0.74
C LEU D 600 -11.83 -21.46 -0.31
N SER D 601 -11.99 -21.63 0.99
CA SER D 601 -13.00 -22.52 1.48
C SER D 601 -13.61 -21.87 2.70
N GLY D 602 -14.70 -22.45 3.16
CA GLY D 602 -15.30 -21.99 4.39
C GLY D 602 -16.34 -22.99 4.78
N ILE D 603 -16.89 -22.78 5.97
CA ILE D 603 -17.89 -23.66 6.52
C ILE D 603 -18.83 -22.84 7.39
N LEU D 604 -20.09 -23.27 7.43
CA LEU D 604 -21.16 -22.45 7.99
C LEU D 604 -22.20 -23.34 8.64
N THR D 605 -22.60 -22.96 9.85
CA THR D 605 -23.64 -23.67 10.55
C THR D 605 -24.29 -22.73 11.56
N GLY D 606 -25.57 -22.91 11.85
CA GLY D 606 -26.21 -22.19 12.97
C GLY D 606 -27.04 -21.07 12.38
N GLU D 607 -27.21 -19.97 13.11
CA GLU D 607 -28.08 -18.92 12.62
C GLU D 607 -27.21 -17.93 11.89
N TYR D 608 -27.78 -17.45 10.80
CA TYR D 608 -27.19 -16.36 10.07
C TYR D 608 -27.70 -15.04 10.60
N VAL D 609 -29.01 -14.90 10.78
CA VAL D 609 -29.54 -13.71 11.41
C VAL D 609 -30.42 -14.13 12.58
N VAL D 610 -30.20 -13.52 13.76
CA VAL D 610 -31.05 -13.61 14.95
C VAL D 610 -31.42 -12.23 15.49
N ASN D 611 -32.70 -12.03 15.81
CA ASN D 611 -33.20 -11.04 16.79
C ASN D 611 -34.48 -11.57 17.43
N ALA D 612 -34.29 -12.34 18.49
CA ALA D 612 -35.34 -13.13 19.14
C ALA D 612 -36.60 -12.33 19.41
N TRP D 613 -36.44 -11.14 19.99
CA TRP D 613 -37.58 -10.36 20.44
C TRP D 613 -38.48 -9.89 19.30
N GLN D 614 -37.98 -10.00 18.08
CA GLN D 614 -38.70 -9.67 16.86
C GLN D 614 -39.02 -10.94 16.05
N GLY D 615 -38.68 -12.10 16.57
CA GLY D 615 -39.03 -13.33 15.90
C GLY D 615 -38.14 -13.63 14.71
N LYS D 616 -36.97 -12.99 14.63
CA LYS D 616 -36.09 -13.21 13.49
C LYS D 616 -35.11 -14.28 13.88
N LYS D 617 -35.02 -15.27 13.01
CA LYS D 617 -34.11 -16.38 13.21
C LYS D 617 -33.94 -16.95 11.84
N GLU D 618 -32.84 -16.59 11.18
CA GLU D 618 -32.59 -17.19 9.89
C GLU D 618 -31.49 -18.23 9.96
N GLU D 619 -31.88 -19.49 10.00
CA GLU D 619 -30.96 -20.63 9.90
C GLU D 619 -30.14 -20.66 8.63
N ILE D 620 -28.85 -20.92 8.77
CA ILE D 620 -28.00 -21.17 7.61
C ILE D 620 -28.46 -22.41 6.85
N ASP D 621 -28.71 -22.24 5.55
CA ASP D 621 -29.12 -23.33 4.68
C ASP D 621 -28.22 -23.35 3.45
N PHE D 622 -28.49 -24.24 2.52
CA PHE D 622 -27.64 -24.33 1.35
C PHE D 622 -27.64 -22.97 0.65
N PHE D 623 -28.81 -22.36 0.58
CA PHE D 623 -28.92 -21.17 -0.24
C PHE D 623 -28.24 -19.94 0.34
N ILE D 624 -27.87 -19.98 1.61
CA ILE D 624 -27.20 -18.84 2.18
C ILE D 624 -25.72 -19.13 1.93
N ALA D 625 -25.34 -20.39 2.07
CA ALA D 625 -24.01 -20.80 1.64
C ALA D 625 -23.72 -20.46 0.17
N LYS D 626 -24.73 -20.64 -0.66
CA LYS D 626 -24.64 -20.24 -2.05
C LYS D 626 -24.47 -18.74 -2.19
N GLY D 627 -25.08 -18.02 -1.26
CA GLY D 627 -25.17 -16.58 -1.28
C GLY D 627 -23.83 -16.02 -0.95
N VAL D 628 -23.06 -16.77 -0.16
CA VAL D 628 -21.68 -16.38 0.19
C VAL D 628 -20.74 -16.60 -1.00
N VAL D 629 -20.92 -17.71 -1.71
CA VAL D 629 -20.09 -18.06 -2.87
C VAL D 629 -20.41 -17.09 -4.03
N ASP D 630 -21.68 -16.71 -4.13
CA ASP D 630 -22.07 -15.65 -5.05
C ASP D 630 -21.56 -14.26 -4.68
N ARG D 631 -21.38 -13.98 -3.40
CA ARG D 631 -20.94 -12.66 -3.02
C ARG D 631 -19.47 -12.61 -3.38
N VAL D 632 -18.76 -13.71 -3.18
CA VAL D 632 -17.42 -13.83 -3.71
C VAL D 632 -17.31 -13.52 -5.21
N ALA D 633 -18.17 -14.13 -6.02
CA ALA D 633 -18.04 -14.05 -7.45
C ALA D 633 -18.34 -12.61 -7.79
N GLU D 634 -19.38 -12.07 -7.15
CA GLU D 634 -19.83 -10.73 -7.46
C GLU D 634 -18.72 -9.70 -7.23
N LYS D 635 -18.10 -9.78 -6.07
CA LYS D 635 -17.02 -8.90 -5.69
C LYS D 635 -15.80 -9.00 -6.62
N LEU D 636 -15.55 -10.17 -7.19
CA LEU D 636 -14.35 -10.38 -7.98
C LEU D 636 -14.67 -10.13 -9.45
N ASN D 637 -15.92 -9.77 -9.65
CA ASN D 637 -16.46 -9.61 -10.98
C ASN D 637 -16.44 -10.86 -11.84
N LEU D 638 -16.71 -12.01 -11.24
CA LEU D 638 -16.80 -13.29 -11.94
C LEU D 638 -18.25 -13.78 -12.07
N GLU D 639 -18.48 -14.79 -12.89
CA GLU D 639 -19.75 -15.49 -12.81
C GLU D 639 -19.47 -16.98 -12.64
N PHE D 640 -20.15 -17.55 -11.67
CA PHE D 640 -20.07 -18.99 -11.40
C PHE D 640 -21.38 -19.57 -11.90
N SER D 641 -21.41 -20.86 -12.20
CA SER D 641 -22.61 -21.62 -12.43
C SER D 641 -22.57 -22.84 -11.50
N TYR D 642 -23.71 -23.49 -11.40
CA TYR D 642 -23.97 -24.48 -10.36
C TYR D 642 -24.75 -25.58 -11.00
N LYS D 643 -24.33 -26.81 -10.73
CA LYS D 643 -24.91 -28.01 -11.25
C LYS D 643 -24.74 -29.05 -10.15
N ALA D 644 -25.79 -29.83 -9.91
CA ALA D 644 -25.75 -30.91 -8.93
C ALA D 644 -24.53 -31.77 -9.19
N GLY D 645 -23.88 -32.19 -8.10
CA GLY D 645 -22.67 -32.99 -8.14
C GLY D 645 -22.78 -33.99 -7.00
N LYS D 646 -21.94 -35.02 -7.04
CA LYS D 646 -21.89 -36.06 -6.02
C LYS D 646 -20.48 -35.89 -5.51
N ILE D 647 -20.30 -35.49 -4.26
CA ILE D 647 -18.98 -35.45 -3.64
C ILE D 647 -19.02 -36.31 -2.37
N GLU D 648 -18.18 -37.33 -2.29
CA GLU D 648 -18.15 -38.10 -1.06
C GLU D 648 -17.99 -37.22 0.16
N GLY D 649 -18.89 -37.34 1.13
CA GLY D 649 -18.74 -36.61 2.37
C GLY D 649 -19.71 -35.45 2.41
N LEU D 650 -20.31 -35.19 1.26
CA LEU D 650 -21.38 -34.20 1.21
C LEU D 650 -22.71 -34.89 0.99
N HIS D 651 -23.77 -34.20 1.39
CA HIS D 651 -25.13 -34.59 1.14
C HIS D 651 -25.40 -34.72 -0.36
N PRO D 652 -25.74 -35.95 -0.81
CA PRO D 652 -25.92 -36.26 -2.22
C PRO D 652 -26.98 -35.36 -2.86
N GLY D 653 -27.84 -34.77 -2.02
CA GLY D 653 -29.03 -34.08 -2.52
C GLY D 653 -28.87 -32.58 -2.46
N ARG D 654 -27.82 -32.15 -1.77
CA ARG D 654 -27.54 -30.76 -1.50
C ARG D 654 -26.08 -30.42 -1.76
N THR D 655 -25.57 -30.90 -2.88
CA THR D 655 -24.23 -30.61 -3.30
C THR D 655 -24.29 -30.05 -4.71
N ALA D 656 -23.68 -28.89 -4.91
CA ALA D 656 -23.50 -28.34 -6.22
C ALA D 656 -22.02 -28.21 -6.54
N ILE D 657 -21.69 -28.47 -7.81
CA ILE D 657 -20.42 -28.14 -8.44
C ILE D 657 -20.48 -26.70 -8.96
N VAL D 658 -19.48 -25.93 -8.58
CA VAL D 658 -19.35 -24.54 -9.00
C VAL D 658 -18.35 -24.49 -10.15
N SER D 659 -18.68 -23.76 -11.21
CA SER D 659 -17.92 -23.75 -12.46
C SER D 659 -17.71 -22.29 -12.81
N LEU D 660 -16.59 -22.02 -13.47
CA LEU D 660 -16.22 -20.70 -13.96
C LEU D 660 -15.67 -20.88 -15.36
N GLY D 661 -16.24 -20.17 -16.33
CA GLY D 661 -15.87 -20.38 -17.73
C GLY D 661 -16.04 -21.83 -18.15
N GLY D 662 -17.13 -22.44 -17.71
CA GLY D 662 -17.40 -23.85 -18.00
C GLY D 662 -16.49 -24.87 -17.31
N ALA D 663 -15.53 -24.44 -16.50
CA ALA D 663 -14.70 -25.38 -15.75
C ALA D 663 -15.06 -25.49 -14.27
N GLY D 664 -14.94 -26.70 -13.73
CA GLY D 664 -15.29 -26.96 -12.35
C GLY D 664 -14.19 -26.27 -11.58
N ILE D 665 -14.54 -25.48 -10.57
CA ILE D 665 -13.51 -24.87 -9.73
C ILE D 665 -13.69 -25.23 -8.26
N GLY D 666 -14.70 -26.03 -7.95
CA GLY D 666 -15.08 -26.20 -6.56
C GLY D 666 -16.47 -26.80 -6.40
N PHE D 667 -17.05 -26.58 -5.22
CA PHE D 667 -18.36 -27.15 -4.90
C PHE D 667 -18.84 -26.43 -3.64
N ILE D 668 -20.10 -26.64 -3.30
CA ILE D 668 -20.74 -26.03 -2.13
C ILE D 668 -21.62 -27.19 -1.77
N GLY D 669 -21.77 -27.50 -0.49
CA GLY D 669 -22.69 -28.57 -0.18
C GLY D 669 -22.92 -28.65 1.30
N GLU D 670 -24.07 -29.22 1.64
CA GLU D 670 -24.30 -29.57 3.01
C GLU D 670 -23.41 -30.77 3.24
N LEU D 671 -22.89 -30.90 4.46
CA LEU D 671 -22.14 -32.09 4.83
C LEU D 671 -23.03 -33.31 4.77
N HIS D 672 -22.49 -34.48 4.50
CA HIS D 672 -23.29 -35.69 4.60
C HIS D 672 -23.86 -35.81 6.01
N PRO D 673 -25.15 -36.20 6.13
CA PRO D 673 -25.76 -36.40 7.45
C PRO D 673 -24.94 -37.31 8.36
N GLN D 674 -24.31 -38.31 7.75
CA GLN D 674 -23.42 -39.17 8.50
C GLN D 674 -22.12 -38.48 8.94
N VAL D 675 -21.60 -37.53 8.17
CA VAL D 675 -20.36 -36.88 8.61
C VAL D 675 -20.71 -35.91 9.73
N ALA D 676 -21.78 -35.17 9.56
CA ALA D 676 -22.27 -34.23 10.56
C ALA D 676 -22.57 -34.92 11.89
N ALA D 677 -23.25 -36.07 11.82
CA ALA D 677 -23.56 -36.92 13.00
C ALA D 677 -22.35 -37.43 13.76
N ASP D 678 -21.34 -37.90 13.03
CA ASP D 678 -19.99 -38.17 13.55
C ASP D 678 -19.31 -37.06 14.31
N ASN D 679 -19.57 -35.84 13.89
CA ASN D 679 -18.93 -34.65 14.43
C ASN D 679 -19.88 -33.90 15.38
N ASP D 680 -21.04 -34.54 15.63
CA ASP D 680 -22.14 -33.98 16.42
C ASP D 680 -22.50 -32.58 15.96
N LEU D 681 -22.74 -32.43 14.66
CA LEU D 681 -23.07 -31.11 14.13
C LEU D 681 -24.51 -31.16 13.67
N LYS D 682 -25.13 -30.01 13.49
CA LYS D 682 -26.40 -29.89 12.80
C LYS D 682 -26.18 -29.69 11.31
N ARG D 683 -27.10 -29.00 10.64
CA ARG D 683 -26.96 -28.67 9.23
C ARG D 683 -25.81 -27.71 9.05
N THR D 684 -24.85 -28.10 8.22
CA THR D 684 -23.55 -27.42 8.16
C THR D 684 -23.25 -27.42 6.68
N TYR D 685 -22.65 -26.33 6.21
CA TYR D 685 -22.40 -26.09 4.81
C TYR D 685 -20.95 -25.63 4.72
N VAL D 686 -20.30 -26.22 3.73
CA VAL D 686 -18.93 -25.95 3.32
C VAL D 686 -18.94 -25.54 1.86
N PHE D 687 -17.87 -24.86 1.46
CA PHE D 687 -17.65 -24.61 0.04
C PHE D 687 -16.13 -24.62 -0.07
N GLU D 688 -15.66 -25.04 -1.23
CA GLU D 688 -14.24 -25.04 -1.52
C GLU D 688 -14.13 -24.58 -2.97
N LEU D 689 -13.19 -23.68 -3.25
CA LEU D 689 -13.06 -23.07 -4.56
C LEU D 689 -11.58 -23.02 -4.86
N ASN D 690 -11.21 -23.42 -6.08
CA ASN D 690 -9.86 -23.23 -6.59
C ASN D 690 -9.63 -21.73 -6.82
N TYR D 691 -8.96 -21.11 -5.86
CA TYR D 691 -8.76 -19.66 -5.90
C TYR D 691 -7.71 -19.30 -6.94
N ASP D 692 -6.76 -20.19 -7.18
CA ASP D 692 -5.88 -20.02 -8.33
C ASP D 692 -6.63 -19.90 -9.64
N ALA D 693 -7.64 -20.72 -9.90
CA ALA D 693 -8.40 -20.64 -11.14
C ALA D 693 -9.05 -19.29 -11.19
N MET D 694 -9.53 -18.86 -10.03
CA MET D 694 -10.33 -17.65 -9.94
C MET D 694 -9.47 -16.44 -10.26
N MET D 695 -8.25 -16.47 -9.75
CA MET D 695 -7.33 -15.36 -9.83
C MET D 695 -6.73 -15.29 -11.23
N GLN D 696 -6.66 -16.40 -11.96
CA GLN D 696 -6.22 -16.35 -13.35
C GLN D 696 -7.15 -15.58 -14.29
N VAL D 697 -8.41 -15.42 -13.91
CA VAL D 697 -9.32 -14.70 -14.80
C VAL D 697 -9.00 -13.20 -14.79
N ALA D 698 -8.70 -12.64 -15.96
CA ALA D 698 -8.44 -11.20 -16.06
C ALA D 698 -9.79 -10.58 -16.24
N VAL D 699 -10.16 -9.62 -15.39
CA VAL D 699 -11.51 -9.13 -15.43
C VAL D 699 -11.47 -7.75 -16.08
N GLY D 700 -10.30 -7.12 -16.12
CA GLY D 700 -10.18 -5.74 -16.56
C GLY D 700 -10.76 -4.68 -15.65
N TYR D 701 -11.27 -3.62 -16.28
CA TYR D 701 -11.97 -2.55 -15.62
C TYR D 701 -13.44 -2.96 -15.71
N ILE D 702 -14.20 -2.52 -14.72
CA ILE D 702 -15.64 -2.46 -14.76
C ILE D 702 -16.28 -1.88 -16.02
N ASN D 703 -17.31 -2.56 -16.48
CA ASN D 703 -18.04 -2.14 -17.65
C ASN D 703 -19.21 -1.31 -17.14
N TYR D 704 -19.14 -0.01 -17.39
CA TYR D 704 -20.21 0.90 -17.08
C TYR D 704 -21.14 0.93 -18.28
N GLU D 705 -22.43 0.74 -18.02
CA GLU D 705 -23.49 0.93 -19.00
C GLU D 705 -24.49 1.97 -18.48
N GLN D 706 -24.84 2.93 -19.32
CA GLN D 706 -25.76 3.97 -18.91
C GLN D 706 -27.09 3.32 -18.47
N ILE D 707 -27.81 3.90 -17.52
CA ILE D 707 -29.13 3.38 -17.14
C ILE D 707 -30.05 3.42 -18.35
N PRO D 708 -30.65 2.28 -18.71
CA PRO D 708 -31.69 2.20 -19.74
C PRO D 708 -32.63 3.42 -19.74
N LYS D 709 -32.92 3.99 -20.91
CA LYS D 709 -33.83 5.14 -20.95
C LYS D 709 -35.29 4.72 -20.83
N PHE D 710 -35.60 3.50 -21.26
CA PHE D 710 -36.99 3.05 -21.35
C PHE D 710 -37.32 1.93 -20.37
N PRO D 711 -38.57 1.92 -19.90
CA PRO D 711 -39.04 0.86 -19.03
C PRO D 711 -39.15 -0.49 -19.73
N GLY D 712 -38.88 -1.54 -18.95
CA GLY D 712 -39.04 -2.90 -19.41
C GLY D 712 -40.44 -3.42 -19.09
N VAL D 713 -40.68 -4.67 -19.48
CA VAL D 713 -41.94 -5.37 -19.27
C VAL D 713 -41.62 -6.70 -18.60
N THR D 714 -42.41 -7.01 -17.59
CA THR D 714 -42.33 -8.26 -16.83
C THR D 714 -43.55 -9.12 -17.16
N ARG D 715 -43.30 -10.38 -17.47
CA ARG D 715 -44.36 -11.38 -17.49
C ARG D 715 -43.97 -12.51 -16.55
N ASP D 716 -44.93 -13.02 -15.78
CA ASP D 716 -44.73 -14.23 -14.98
C ASP D 716 -45.33 -15.44 -15.67
N ILE D 717 -44.68 -16.57 -15.46
CA ILE D 717 -45.15 -17.86 -15.95
C ILE D 717 -44.99 -18.93 -14.87
N ALA D 718 -45.83 -19.95 -14.94
CA ALA D 718 -45.92 -21.01 -13.95
C ALA D 718 -45.82 -22.26 -14.82
N LEU D 719 -44.77 -23.06 -14.62
CA LEU D 719 -44.39 -24.10 -15.58
C LEU D 719 -44.44 -25.40 -14.79
N GLU D 720 -45.31 -26.32 -15.19
CA GLU D 720 -45.42 -27.64 -14.58
C GLU D 720 -44.46 -28.56 -15.31
N VAL D 721 -43.64 -29.26 -14.54
CA VAL D 721 -42.45 -29.86 -15.10
C VAL D 721 -42.21 -31.01 -14.12
N ASN D 722 -41.57 -32.09 -14.58
CA ASN D 722 -41.15 -33.18 -13.71
C ASN D 722 -40.25 -32.68 -12.61
N HIS D 723 -40.39 -33.29 -11.43
CA HIS D 723 -39.88 -32.72 -10.21
C HIS D 723 -38.36 -32.57 -10.25
N ASP D 724 -37.68 -33.34 -11.09
CA ASP D 724 -36.22 -33.29 -11.08
C ASP D 724 -35.56 -32.38 -12.12
N VAL D 725 -36.34 -31.58 -12.84
CA VAL D 725 -35.78 -30.70 -13.87
C VAL D 725 -35.16 -29.55 -13.08
N PRO D 726 -33.85 -29.29 -13.27
CA PRO D 726 -33.38 -28.10 -12.60
C PRO D 726 -33.83 -26.80 -13.24
N SER D 727 -34.09 -25.84 -12.37
CA SER D 727 -34.55 -24.53 -12.80
C SER D 727 -33.62 -23.86 -13.82
N SER D 728 -32.32 -24.18 -13.76
CA SER D 728 -31.34 -23.74 -14.76
C SER D 728 -31.71 -24.14 -16.17
N GLU D 729 -32.36 -25.30 -16.27
CA GLU D 729 -32.71 -25.85 -17.57
C GLU D 729 -33.79 -25.01 -18.25
N LEU D 730 -34.78 -24.62 -17.45
CA LEU D 730 -35.90 -23.79 -17.91
C LEU D 730 -35.46 -22.38 -18.23
N LYS D 731 -34.69 -21.76 -17.33
CA LYS D 731 -34.02 -20.49 -17.60
C LYS D 731 -33.19 -20.51 -18.90
N GLN D 732 -32.51 -21.62 -19.22
CA GLN D 732 -31.73 -21.65 -20.45
C GLN D 732 -32.61 -21.67 -21.68
N ILE D 733 -33.66 -22.48 -21.61
CA ILE D 733 -34.62 -22.53 -22.69
C ILE D 733 -35.16 -21.12 -22.94
N ILE D 734 -35.46 -20.40 -21.86
CA ILE D 734 -36.01 -19.07 -22.01
C ILE D 734 -35.01 -18.12 -22.63
N HIS D 735 -33.78 -18.13 -22.15
CA HIS D 735 -32.76 -17.30 -22.79
C HIS D 735 -32.55 -17.68 -24.25
N ASN D 736 -32.58 -18.97 -24.54
CA ASN D 736 -32.35 -19.44 -25.90
C ASN D 736 -33.38 -18.88 -26.86
N ASN D 737 -34.54 -18.53 -26.32
CA ASN D 737 -35.64 -18.10 -27.20
C ASN D 737 -36.04 -16.64 -27.06
N GLY D 738 -35.22 -15.89 -26.30
CA GLY D 738 -35.59 -14.61 -25.73
C GLY D 738 -35.13 -13.51 -26.67
N GLU D 739 -34.49 -13.96 -27.74
CA GLU D 739 -33.93 -13.07 -28.75
C GLU D 739 -33.32 -11.84 -28.12
N ASP D 740 -33.68 -10.66 -28.62
CA ASP D 740 -32.92 -9.46 -28.26
C ASP D 740 -33.39 -8.78 -26.97
N ILE D 741 -34.60 -9.10 -26.53
CA ILE D 741 -35.23 -8.30 -25.49
C ILE D 741 -35.29 -9.01 -24.13
N LEU D 742 -35.04 -10.31 -24.11
CA LEU D 742 -35.20 -11.01 -22.84
C LEU D 742 -33.97 -10.65 -22.02
N GLN D 743 -34.17 -10.00 -20.89
CA GLN D 743 -33.06 -9.41 -20.13
C GLN D 743 -32.61 -10.38 -19.03
N SER D 744 -33.58 -10.92 -18.30
CA SER D 744 -33.31 -11.81 -17.19
C SER D 744 -34.60 -12.52 -16.83
N THR D 745 -34.44 -13.47 -15.94
CA THR D 745 -35.42 -14.47 -15.58
C THR D 745 -35.10 -14.77 -14.11
N LEU D 746 -36.14 -14.98 -13.31
CA LEU D 746 -36.02 -15.11 -11.87
C LEU D 746 -37.08 -16.13 -11.49
N VAL D 747 -36.71 -17.28 -10.93
CA VAL D 747 -37.70 -18.07 -10.22
C VAL D 747 -38.09 -17.44 -8.89
N PHE D 748 -39.39 -17.27 -8.69
CA PHE D 748 -39.90 -16.63 -7.50
C PHE D 748 -40.79 -17.57 -6.70
N ASP D 749 -41.08 -18.76 -7.23
CA ASP D 749 -41.82 -19.76 -6.44
C ASP D 749 -41.65 -21.14 -7.03
N VAL D 750 -41.46 -22.13 -6.16
CA VAL D 750 -41.62 -23.52 -6.55
C VAL D 750 -42.65 -24.25 -5.70
N TYR D 751 -43.62 -24.88 -6.38
CA TYR D 751 -44.67 -25.61 -5.68
C TYR D 751 -44.64 -27.11 -5.95
N GLU D 752 -44.40 -27.89 -4.91
CA GLU D 752 -44.73 -29.32 -4.95
C GLU D 752 -45.72 -29.70 -3.84
N GLY D 753 -46.92 -30.13 -4.23
CA GLY D 753 -47.88 -30.62 -3.25
C GLY D 753 -49.10 -31.26 -3.91
N GLU D 754 -50.19 -31.37 -3.15
CA GLU D 754 -51.25 -32.30 -3.53
C GLU D 754 -52.07 -31.69 -4.66
N HIS D 755 -51.93 -30.39 -4.82
CA HIS D 755 -52.70 -29.64 -5.81
C HIS D 755 -52.13 -29.79 -7.22
N LEU D 756 -51.33 -30.85 -7.42
CA LEU D 756 -50.50 -31.03 -8.60
C LEU D 756 -50.00 -32.47 -8.76
N GLU D 757 -50.24 -33.02 -9.96
CA GLU D 757 -49.84 -34.38 -10.36
C GLU D 757 -48.64 -34.76 -9.52
N LYS D 758 -48.63 -35.92 -8.88
CA LYS D 758 -47.41 -36.33 -8.17
C LYS D 758 -46.25 -36.48 -9.16
N GLY D 759 -45.03 -36.20 -8.69
CA GLY D 759 -43.86 -36.16 -9.56
C GLY D 759 -43.72 -34.96 -10.48
N LYS D 760 -44.71 -34.06 -10.46
CA LYS D 760 -44.57 -32.75 -11.09
C LYS D 760 -44.28 -31.70 -10.03
N LYS D 761 -43.53 -30.66 -10.41
CA LYS D 761 -43.50 -29.42 -9.64
C LYS D 761 -43.97 -28.26 -10.53
N SER D 762 -44.42 -27.18 -9.92
CA SER D 762 -44.72 -25.96 -10.67
C SER D 762 -43.68 -24.91 -10.24
N VAL D 763 -42.99 -24.36 -11.24
CA VAL D 763 -41.92 -23.41 -11.03
C VAL D 763 -42.45 -22.11 -11.63
N ALA D 764 -42.53 -21.07 -10.82
CA ALA D 764 -42.94 -19.77 -11.32
C ALA D 764 -41.70 -18.91 -11.63
N ILE D 765 -41.67 -18.29 -12.80
CA ILE D 765 -40.51 -17.59 -13.31
C ILE D 765 -41.04 -16.23 -13.75
N ARG D 766 -40.24 -15.22 -13.43
CA ARG D 766 -40.55 -13.88 -13.81
C ARG D 766 -39.62 -13.60 -14.95
N LEU D 767 -40.17 -13.26 -16.11
CA LEU D 767 -39.40 -12.88 -17.28
C LEU D 767 -39.36 -11.35 -17.43
N ASN D 768 -38.15 -10.82 -17.51
CA ASN D 768 -37.95 -9.39 -17.67
C ASN D 768 -37.38 -9.12 -19.04
N TYR D 769 -38.09 -8.24 -19.75
CA TYR D 769 -37.82 -7.82 -21.11
C TYR D 769 -37.36 -6.37 -21.10
N LEU D 770 -36.48 -6.05 -22.03
CA LEU D 770 -35.89 -4.73 -22.07
C LEU D 770 -35.20 -4.54 -23.41
N ASP D 771 -35.53 -3.42 -24.07
CA ASP D 771 -34.77 -2.86 -25.20
C ASP D 771 -34.09 -1.58 -24.74
N THR D 772 -32.76 -1.51 -24.81
CA THR D 772 -32.12 -0.24 -24.47
C THR D 772 -32.37 0.88 -25.49
N GLU D 773 -32.85 0.53 -26.68
CA GLU D 773 -32.96 1.50 -27.78
C GLU D 773 -34.40 1.91 -28.09
N ASP D 774 -35.36 1.36 -27.36
CA ASP D 774 -36.74 1.59 -27.72
C ASP D 774 -37.61 1.10 -26.58
N THR D 775 -38.85 1.52 -26.70
CA THR D 775 -39.88 1.30 -25.72
C THR D 775 -40.48 -0.01 -26.25
N LEU D 776 -41.03 -0.82 -25.35
CA LEU D 776 -41.54 -2.14 -25.71
C LEU D 776 -43.04 -2.12 -25.97
N THR D 777 -43.44 -2.48 -27.18
CA THR D 777 -44.85 -2.66 -27.49
C THR D 777 -45.29 -4.05 -27.00
N ASP D 778 -46.54 -4.13 -26.54
CA ASP D 778 -47.04 -5.33 -25.89
C ASP D 778 -46.86 -6.45 -26.90
N GLU D 779 -46.90 -6.05 -28.17
CA GLU D 779 -47.02 -6.97 -29.29
C GLU D 779 -45.65 -7.52 -29.65
N ARG D 780 -44.61 -6.73 -29.42
CA ARG D 780 -43.27 -7.17 -29.73
C ARG D 780 -42.91 -8.16 -28.63
N VAL D 781 -43.31 -7.85 -27.41
CA VAL D 781 -43.07 -8.71 -26.28
C VAL D 781 -43.82 -10.02 -26.46
N SER D 782 -45.09 -9.93 -26.84
CA SER D 782 -45.91 -11.14 -26.99
C SER D 782 -45.33 -12.07 -28.03
N LYS D 783 -44.74 -11.50 -29.09
CA LYS D 783 -44.23 -12.30 -30.18
C LYS D 783 -43.13 -13.27 -29.71
N ILE D 784 -42.15 -12.74 -28.99
CA ILE D 784 -41.10 -13.54 -28.38
C ILE D 784 -41.58 -14.40 -27.21
N HIS D 785 -42.37 -13.80 -26.34
CA HIS D 785 -42.94 -14.52 -25.24
C HIS D 785 -43.67 -15.80 -25.66
N ASP D 786 -44.40 -15.71 -26.76
CA ASP D 786 -45.10 -16.85 -27.37
C ASP D 786 -44.14 -17.89 -27.91
N LYS D 787 -43.05 -17.42 -28.52
CA LYS D 787 -41.99 -18.30 -28.99
C LYS D 787 -41.36 -19.04 -27.81
N ILE D 788 -41.16 -18.35 -26.70
CA ILE D 788 -40.58 -18.94 -25.50
C ILE D 788 -41.50 -19.96 -24.87
N LEU D 789 -42.75 -19.56 -24.62
CA LEU D 789 -43.76 -20.55 -24.26
C LEU D 789 -43.75 -21.84 -25.11
N GLU D 790 -43.68 -21.72 -26.42
CA GLU D 790 -43.77 -22.91 -27.28
C GLU D 790 -42.59 -23.86 -27.12
N ALA D 791 -41.37 -23.30 -27.13
CA ALA D 791 -40.13 -23.99 -26.83
C ALA D 791 -40.18 -24.71 -25.51
N LEU D 792 -40.65 -24.02 -24.49
CA LEU D 792 -40.88 -24.66 -23.20
C LEU D 792 -41.92 -25.77 -23.31
N GLN D 793 -43.01 -25.54 -24.01
CA GLN D 793 -44.12 -26.48 -23.98
C GLN D 793 -43.65 -27.78 -24.64
N ALA D 794 -42.93 -27.60 -25.75
CA ALA D 794 -42.39 -28.70 -26.53
C ALA D 794 -41.27 -29.46 -25.80
N GLN D 795 -40.59 -28.84 -24.85
CA GLN D 795 -39.64 -29.54 -23.97
C GLN D 795 -40.26 -30.13 -22.68
N GLY D 796 -41.58 -30.29 -22.68
CA GLY D 796 -42.34 -30.87 -21.54
C GLY D 796 -42.77 -29.98 -20.37
N ALA D 797 -42.79 -28.67 -20.57
CA ALA D 797 -43.11 -27.71 -19.53
C ALA D 797 -44.46 -27.07 -19.81
N THR D 798 -45.55 -27.72 -19.41
CA THR D 798 -46.91 -27.16 -19.35
C THR D 798 -47.06 -25.84 -18.58
N ILE D 799 -47.64 -24.83 -19.22
CA ILE D 799 -48.41 -23.82 -18.50
C ILE D 799 -49.78 -24.39 -18.13
N6 GAX E . -5.11 27.83 -13.77
N1 GAX E . -0.80 22.48 -8.79
C2 GAX E . -1.05 22.46 -10.10
N2 GAX E . -0.53 23.51 -6.84
N3 GAX E . -0.10 23.90 -4.55
C4 GAX E . -2.68 22.06 -11.85
N4 GAX E . -4.89 23.13 -12.52
C5 GAX E . -1.68 22.38 -12.76
C6 GAX E . -0.40 22.72 -12.35
O1 GAX E . -4.15 20.97 -13.63
O2 GAX E . -4.85 20.89 -11.37
O3 GAX E . 0.85 23.97 -8.56
C7 GAX E . -0.11 23.36 -8.10
C8 GAX E . 0.27 23.96 -5.84
C10 GAX E . 0.85 24.41 -3.74
C9 GAX E . 2.00 24.89 -4.35
S2 GAX E . 1.85 24.66 -6.06
C3 GAX E . -2.35 22.11 -10.50
C1 GAX E . -0.06 22.77 -11.00
S1 GAX E . -4.16 21.68 -12.36
C14 GAX E . -5.77 23.64 -11.44
C13 GAX E . -5.78 25.17 -11.45
N5 GAX E . -5.98 25.80 -12.77
C12 GAX E . -5.23 25.15 -13.86
C11 GAX E . -5.32 23.62 -13.84
C15 GAX E . -5.71 27.19 -12.73
C19 GAX E . -6.05 27.96 -11.61
C18 GAX E . -5.76 29.32 -11.60
C17 GAX E . -5.14 29.93 -12.68
C16 GAX E . -4.82 29.13 -13.77
S SO4 F . -25.64 -6.26 28.23
O1 SO4 F . -26.48 -5.57 27.25
O2 SO4 F . -24.70 -5.29 28.79
O3 SO4 F . -26.43 -6.84 29.32
O4 SO4 F . -24.94 -7.36 27.57
ZN ZN G . 7.93 -4.59 30.64
N6 GAX H . 18.99 -20.49 12.51
N1 GAX H . 16.81 -14.29 7.02
C2 GAX H . 17.16 -14.11 8.32
N2 GAX H . 16.94 -14.48 4.75
N3 GAX H . 16.98 -14.83 2.38
C4 GAX H . 16.58 -14.47 10.64
N4 GAX H . 16.14 -16.61 11.85
C5 GAX H . 17.73 -13.81 11.06
C6 GAX H . 18.59 -13.32 10.09
O1 GAX H . 15.50 -14.34 12.92
O2 GAX H . 14.25 -15.13 11.09
O3 GAX H . 18.74 -14.07 5.91
C7 GAX H . 17.54 -14.27 5.91
C8 GAX H . 17.59 -14.53 3.55
C10 GAX H . 17.84 -14.82 1.34
C9 GAX H . 19.16 -14.50 1.65
S2 GAX H . 19.27 -14.20 3.35
C3 GAX H . 16.31 -14.62 9.28
C1 GAX H . 18.31 -13.46 8.73
S1 GAX H . 15.55 -15.09 11.70
C14 GAX H . 15.38 -17.64 11.12
C13 GAX H . 16.14 -18.96 10.98
N5 GAX H . 16.84 -19.45 12.18
C12 GAX H . 17.38 -18.34 13.01
C11 GAX H . 16.44 -17.16 13.19
C15 GAX H . 17.87 -20.32 11.76
C19 GAX H . 17.77 -21.02 10.56
C18 GAX H . 18.78 -21.88 10.13
C17 GAX H . 19.91 -22.03 10.93
C16 GAX H . 19.99 -21.31 12.12
S SO4 I . -30.71 -14.93 -15.39
O1 SO4 I . -31.89 -15.41 -16.09
O2 SO4 I . -30.95 -13.65 -14.72
O3 SO4 I . -30.31 -15.93 -14.39
O4 SO4 I . -29.63 -14.75 -16.36
#